data_2KOQ
#
_entry.id   2KOQ
#
loop_
_entity.id
_entity.type
_entity.pdbx_description
1 polymer 'Acyl carrier protein'
2 non-polymer 'S-[2-[3-[[(2S)-2-hydroxy-3,3-dimethyl-4-phosphonooxy-butanoyl]amino]propanoylamino]ethyl] (3R)-3-hydroxyoctanethioate'
#
_entity_poly.entity_id   1
_entity_poly.type   'polypeptide(L)'
_entity_poly.pdbx_seq_one_letter_code
;AATQEEIVAGLAEIVNEIAGIPVEDVKLDKSFTDDLDVDSLSMVEVVVAAEERFDVKIPDDDVKNLKTVGDATKYILDHQ
A
;
_entity_poly.pdbx_strand_id   A
#
# COMPACT_ATOMS: atom_id res chain seq x y z
N ALA A 1 -5.58 -1.14 16.72
CA ALA A 1 -5.77 -1.01 15.27
C ALA A 1 -5.33 0.36 14.84
N ALA A 2 -5.46 0.66 13.58
CA ALA A 2 -5.10 1.95 13.09
C ALA A 2 -6.26 2.50 12.32
N THR A 3 -6.14 3.70 11.90
CA THR A 3 -7.20 4.34 11.19
C THR A 3 -7.09 3.92 9.71
N GLN A 4 -8.15 3.33 9.15
CA GLN A 4 -8.11 2.76 7.78
C GLN A 4 -7.61 3.78 6.77
N GLU A 5 -8.07 4.98 6.93
CA GLU A 5 -7.77 6.07 6.02
C GLU A 5 -6.33 6.51 6.18
N GLU A 6 -5.81 6.31 7.36
CA GLU A 6 -4.44 6.61 7.71
C GLU A 6 -3.54 5.54 7.09
N ILE A 7 -4.06 4.32 7.07
CA ILE A 7 -3.40 3.19 6.45
C ILE A 7 -3.30 3.47 4.95
N VAL A 8 -4.44 3.72 4.34
CA VAL A 8 -4.53 4.08 2.94
C VAL A 8 -3.62 5.29 2.62
N ALA A 9 -3.59 6.27 3.52
CA ALA A 9 -2.74 7.46 3.38
C ALA A 9 -1.26 7.09 3.47
N GLY A 10 -0.96 6.07 4.27
CA GLY A 10 0.39 5.56 4.40
C GLY A 10 0.84 4.92 3.12
N LEU A 11 -0.09 4.26 2.48
CA LEU A 11 0.16 3.66 1.19
C LEU A 11 0.39 4.78 0.19
N ALA A 12 -0.53 5.72 0.19
CA ALA A 12 -0.57 6.89 -0.69
C ALA A 12 0.75 7.65 -0.69
N GLU A 13 1.31 7.90 0.48
CA GLU A 13 2.53 8.69 0.60
C GLU A 13 3.75 7.99 -0.01
N ILE A 14 3.69 6.70 -0.06
CA ILE A 14 4.75 5.91 -0.63
C ILE A 14 4.54 5.80 -2.12
N VAL A 15 3.30 5.58 -2.51
CA VAL A 15 2.91 5.48 -3.90
C VAL A 15 3.20 6.79 -4.64
N ASN A 16 2.93 7.91 -4.02
CA ASN A 16 3.18 9.22 -4.65
C ASN A 16 4.66 9.38 -4.96
N GLU A 17 5.47 8.81 -4.10
CA GLU A 17 6.90 8.90 -4.20
C GLU A 17 7.44 7.90 -5.24
N ILE A 18 7.21 6.64 -4.98
CA ILE A 18 7.78 5.55 -5.76
C ILE A 18 7.05 5.33 -7.11
N ALA A 19 5.75 5.19 -7.06
CA ALA A 19 4.96 4.97 -8.26
C ALA A 19 4.85 6.26 -9.03
N GLY A 20 4.64 7.34 -8.30
CA GLY A 20 4.47 8.64 -8.89
C GLY A 20 3.02 8.93 -9.14
N ILE A 21 2.17 8.32 -8.33
CA ILE A 21 0.74 8.49 -8.46
C ILE A 21 0.24 9.28 -7.25
N PRO A 22 -0.58 10.34 -7.48
CA PRO A 22 -1.21 11.16 -6.46
C PRO A 22 -1.59 10.44 -5.18
N VAL A 23 -1.17 11.04 -4.06
CA VAL A 23 -1.48 10.57 -2.70
C VAL A 23 -2.98 10.51 -2.58
N GLU A 24 -3.57 11.48 -3.18
CA GLU A 24 -4.97 11.69 -3.07
C GLU A 24 -5.77 10.77 -3.98
N ASP A 25 -5.15 10.19 -5.00
CA ASP A 25 -5.92 9.30 -5.88
C ASP A 25 -5.81 7.88 -5.37
N VAL A 26 -5.09 7.74 -4.31
CA VAL A 26 -4.99 6.51 -3.60
C VAL A 26 -6.25 6.40 -2.72
N LYS A 27 -7.28 5.98 -3.39
CA LYS A 27 -8.62 5.77 -2.86
C LYS A 27 -8.64 4.40 -2.20
N LEU A 28 -9.74 3.70 -2.26
CA LEU A 28 -9.79 2.40 -1.63
C LEU A 28 -10.15 1.29 -2.63
N ASP A 29 -10.68 1.69 -3.76
CA ASP A 29 -11.02 0.76 -4.84
C ASP A 29 -9.81 0.57 -5.75
N LYS A 30 -8.84 1.42 -5.54
CA LYS A 30 -7.69 1.51 -6.40
C LYS A 30 -6.76 0.32 -6.30
N SER A 31 -6.67 -0.41 -7.34
CA SER A 31 -5.73 -1.43 -7.43
C SER A 31 -4.39 -0.80 -7.82
N PHE A 32 -3.46 -0.78 -6.85
CA PHE A 32 -2.07 -0.27 -7.03
C PHE A 32 -1.53 -0.45 -8.46
N THR A 33 -0.97 -1.58 -8.75
CA THR A 33 -0.45 -1.89 -10.05
C THR A 33 -1.52 -2.24 -11.10
N ASP A 34 -2.63 -1.53 -11.10
CA ASP A 34 -3.68 -1.78 -12.06
C ASP A 34 -4.49 -0.53 -12.40
N ASP A 35 -5.25 -0.01 -11.44
CA ASP A 35 -6.07 1.18 -11.70
C ASP A 35 -5.20 2.41 -11.58
N LEU A 36 -4.35 2.43 -10.55
CA LEU A 36 -3.41 3.53 -10.36
C LEU A 36 -2.31 3.43 -11.40
N ASP A 37 -1.81 2.20 -11.54
CA ASP A 37 -0.78 1.82 -12.50
C ASP A 37 0.58 2.32 -12.05
N VAL A 38 1.19 1.52 -11.23
CA VAL A 38 2.46 1.83 -10.63
C VAL A 38 3.61 1.36 -11.56
N ASP A 39 4.02 0.13 -11.35
CA ASP A 39 5.10 -0.56 -12.03
C ASP A 39 5.26 -1.81 -11.24
N SER A 40 5.97 -2.71 -11.75
CA SER A 40 6.09 -4.01 -11.15
C SER A 40 7.21 -3.98 -10.14
N LEU A 41 8.25 -3.30 -10.49
CA LEU A 41 9.45 -3.29 -9.70
C LEU A 41 9.37 -2.21 -8.65
N SER A 42 8.66 -1.13 -8.99
CA SER A 42 8.44 -0.05 -8.06
C SER A 42 7.47 -0.48 -6.98
N MET A 43 6.64 -1.46 -7.31
CA MET A 43 5.67 -2.00 -6.40
C MET A 43 6.32 -2.55 -5.14
N VAL A 44 7.41 -3.28 -5.34
CA VAL A 44 8.12 -3.93 -4.27
C VAL A 44 8.74 -2.91 -3.31
N GLU A 45 8.99 -1.70 -3.82
CA GLU A 45 9.54 -0.65 -3.00
C GLU A 45 8.47 -0.11 -2.08
N VAL A 46 7.25 -0.08 -2.57
CA VAL A 46 6.10 0.36 -1.80
C VAL A 46 5.91 -0.62 -0.64
N VAL A 47 5.97 -1.89 -0.96
CA VAL A 47 5.84 -2.96 0.01
C VAL A 47 6.92 -2.85 1.09
N VAL A 48 8.18 -2.86 0.66
CA VAL A 48 9.34 -2.81 1.57
C VAL A 48 9.28 -1.58 2.49
N ALA A 49 8.89 -0.46 1.91
CA ALA A 49 8.75 0.79 2.65
C ALA A 49 7.56 0.74 3.61
N ALA A 50 6.50 0.06 3.19
CA ALA A 50 5.28 -0.07 3.97
C ALA A 50 5.55 -0.75 5.31
N GLU A 51 6.49 -1.68 5.31
CA GLU A 51 6.88 -2.40 6.50
C GLU A 51 7.31 -1.43 7.61
N GLU A 52 8.06 -0.43 7.25
CA GLU A 52 8.53 0.56 8.18
C GLU A 52 7.47 1.66 8.39
N ARG A 53 6.74 1.98 7.34
CA ARG A 53 5.79 3.08 7.33
C ARG A 53 4.61 2.79 8.24
N PHE A 54 4.21 1.56 8.24
CA PHE A 54 3.06 1.14 9.00
C PHE A 54 3.47 0.45 10.28
N ASP A 55 4.76 0.12 10.40
CA ASP A 55 5.29 -0.67 11.52
C ASP A 55 4.62 -2.02 11.55
N VAL A 56 4.96 -2.81 10.59
CA VAL A 56 4.39 -4.11 10.40
C VAL A 56 5.37 -4.88 9.49
N LYS A 57 5.12 -6.10 9.18
CA LYS A 57 5.99 -6.83 8.33
C LYS A 57 5.18 -7.47 7.23
N ILE A 58 5.18 -6.85 6.08
CA ILE A 58 4.44 -7.33 4.95
C ILE A 58 5.43 -7.76 3.89
N PRO A 59 5.63 -9.05 3.73
CA PRO A 59 6.55 -9.56 2.75
C PRO A 59 5.97 -9.53 1.34
N ASP A 60 6.84 -9.24 0.36
CA ASP A 60 6.48 -9.24 -1.07
C ASP A 60 5.81 -10.55 -1.49
N ASP A 61 6.18 -11.60 -0.82
CA ASP A 61 5.61 -12.93 -1.02
C ASP A 61 4.07 -12.89 -0.96
N ASP A 62 3.54 -12.44 0.16
CA ASP A 62 2.09 -12.43 0.34
C ASP A 62 1.44 -11.17 -0.18
N VAL A 63 2.22 -10.10 -0.29
CA VAL A 63 1.72 -8.78 -0.71
C VAL A 63 1.05 -8.84 -2.09
N LYS A 64 1.44 -9.84 -2.86
CA LYS A 64 0.93 -10.04 -4.20
C LYS A 64 -0.56 -10.37 -4.20
N ASN A 65 -1.09 -10.69 -3.04
CA ASN A 65 -2.48 -11.05 -2.88
C ASN A 65 -3.31 -9.85 -2.43
N LEU A 66 -2.64 -8.74 -2.13
CA LEU A 66 -3.34 -7.55 -1.68
C LEU A 66 -4.04 -6.88 -2.85
N LYS A 67 -3.28 -6.62 -3.90
CA LYS A 67 -3.73 -6.04 -5.20
C LYS A 67 -4.41 -4.65 -5.17
N THR A 68 -5.05 -4.30 -4.11
CA THR A 68 -5.63 -2.99 -3.99
C THR A 68 -5.16 -2.30 -2.77
N VAL A 69 -5.50 -1.04 -2.69
CA VAL A 69 -5.27 -0.24 -1.52
C VAL A 69 -6.16 -0.70 -0.37
N GLY A 70 -7.40 -1.02 -0.70
CA GLY A 70 -8.36 -1.47 0.29
C GLY A 70 -7.98 -2.79 0.88
N ASP A 71 -7.52 -3.70 0.05
CA ASP A 71 -7.13 -5.00 0.54
C ASP A 71 -5.78 -4.97 1.19
N ALA A 72 -4.93 -4.01 0.80
CA ALA A 72 -3.65 -3.80 1.49
C ALA A 72 -3.95 -3.39 2.92
N THR A 73 -4.79 -2.37 3.05
CA THR A 73 -5.33 -1.92 4.31
C THR A 73 -5.90 -3.09 5.11
N LYS A 74 -6.68 -3.98 4.49
CA LYS A 74 -7.23 -5.17 5.16
C LYS A 74 -6.14 -5.98 5.89
N TYR A 75 -4.98 -6.10 5.26
CA TYR A 75 -3.90 -6.86 5.82
C TYR A 75 -3.34 -6.10 6.99
N ILE A 76 -3.00 -4.86 6.74
CA ILE A 76 -2.40 -3.99 7.70
C ILE A 76 -3.33 -3.75 8.88
N LEU A 77 -4.56 -3.39 8.63
CA LEU A 77 -5.56 -3.14 9.68
C LEU A 77 -5.70 -4.34 10.62
N ASP A 78 -5.57 -5.51 10.07
CA ASP A 78 -5.72 -6.74 10.86
C ASP A 78 -4.38 -7.19 11.46
N HIS A 79 -3.32 -6.91 10.74
CA HIS A 79 -1.96 -7.32 11.09
C HIS A 79 -1.19 -6.27 11.88
N GLN A 80 -1.88 -5.18 12.23
CA GLN A 80 -1.34 -4.07 13.07
C GLN A 80 -0.51 -4.62 14.23
N ALA A 81 0.62 -4.03 14.45
CA ALA A 81 1.51 -4.46 15.50
C ALA A 81 1.16 -3.74 16.78
N ALA A 1 -5.40 -1.41 16.86
CA ALA A 1 -5.84 -1.09 15.50
C ALA A 1 -5.48 0.33 15.20
N ALA A 2 -5.38 0.68 13.95
CA ALA A 2 -5.09 2.03 13.53
C ALA A 2 -6.26 2.54 12.75
N THR A 3 -6.23 3.79 12.40
CA THR A 3 -7.25 4.35 11.59
C THR A 3 -6.97 3.90 10.16
N GLN A 4 -7.94 3.23 9.54
CA GLN A 4 -7.80 2.70 8.17
C GLN A 4 -7.39 3.81 7.20
N GLU A 5 -7.81 4.99 7.54
CA GLU A 5 -7.56 6.20 6.80
C GLU A 5 -6.08 6.51 6.80
N GLU A 6 -5.46 6.31 7.96
CA GLU A 6 -4.04 6.60 8.14
C GLU A 6 -3.24 5.56 7.40
N ILE A 7 -3.79 4.37 7.31
CA ILE A 7 -3.17 3.28 6.63
C ILE A 7 -3.18 3.61 5.13
N VAL A 8 -4.36 3.84 4.59
CA VAL A 8 -4.52 4.22 3.20
C VAL A 8 -3.72 5.49 2.87
N ALA A 9 -3.75 6.47 3.76
CA ALA A 9 -2.98 7.71 3.57
C ALA A 9 -1.48 7.42 3.63
N GLY A 10 -1.11 6.46 4.48
CA GLY A 10 0.26 6.04 4.59
C GLY A 10 0.69 5.38 3.33
N LEU A 11 -0.16 4.55 2.79
CA LEU A 11 0.07 3.92 1.51
C LEU A 11 0.22 5.00 0.45
N ALA A 12 -0.73 5.93 0.44
CA ALA A 12 -0.77 7.04 -0.51
C ALA A 12 0.54 7.81 -0.54
N GLU A 13 1.06 8.17 0.64
CA GLU A 13 2.29 8.94 0.72
C GLU A 13 3.48 8.19 0.13
N ILE A 14 3.50 6.91 0.38
CA ILE A 14 4.52 6.01 -0.15
C ILE A 14 4.39 5.95 -1.66
N VAL A 15 3.18 5.69 -2.13
CA VAL A 15 2.89 5.59 -3.56
C VAL A 15 3.31 6.88 -4.27
N ASN A 16 2.91 7.99 -3.74
CA ASN A 16 3.21 9.29 -4.34
C ASN A 16 4.74 9.51 -4.41
N GLU A 17 5.44 8.96 -3.45
CA GLU A 17 6.88 9.11 -3.31
C GLU A 17 7.67 8.10 -4.20
N ILE A 18 7.22 6.84 -4.23
CA ILE A 18 7.91 5.79 -4.99
C ILE A 18 7.32 5.63 -6.39
N ALA A 19 6.03 5.43 -6.44
CA ALA A 19 5.32 5.18 -7.68
C ALA A 19 5.18 6.48 -8.47
N GLY A 20 5.02 7.58 -7.75
CA GLY A 20 4.88 8.87 -8.38
C GLY A 20 3.45 9.11 -8.80
N ILE A 21 2.59 8.24 -8.37
CA ILE A 21 1.18 8.31 -8.69
C ILE A 21 0.52 9.22 -7.67
N PRO A 22 -0.42 10.10 -8.12
CA PRO A 22 -1.24 10.97 -7.27
C PRO A 22 -1.59 10.36 -5.92
N VAL A 23 -1.14 11.05 -4.88
CA VAL A 23 -1.33 10.66 -3.49
C VAL A 23 -2.82 10.77 -3.11
N GLU A 24 -3.51 11.42 -3.97
CA GLU A 24 -4.89 11.69 -3.81
C GLU A 24 -5.74 10.69 -4.57
N ASP A 25 -5.12 9.99 -5.52
CA ASP A 25 -5.87 9.06 -6.36
C ASP A 25 -5.86 7.70 -5.71
N VAL A 26 -5.15 7.62 -4.61
CA VAL A 26 -5.03 6.43 -3.82
C VAL A 26 -6.31 6.25 -2.98
N LYS A 27 -7.36 5.87 -3.69
CA LYS A 27 -8.65 5.55 -3.12
C LYS A 27 -8.63 4.07 -2.83
N LEU A 28 -9.72 3.52 -2.39
CA LEU A 28 -9.75 2.08 -2.00
C LEU A 28 -10.11 1.12 -3.11
N ASP A 29 -10.32 1.61 -4.29
CA ASP A 29 -10.67 0.73 -5.42
C ASP A 29 -9.43 0.55 -6.30
N LYS A 30 -8.33 1.06 -5.78
CA LYS A 30 -7.07 1.07 -6.52
C LYS A 30 -6.28 -0.22 -6.34
N SER A 31 -6.14 -0.94 -7.42
CA SER A 31 -5.40 -2.17 -7.46
C SER A 31 -3.92 -1.95 -7.82
N PHE A 32 -3.40 -0.76 -7.51
CA PHE A 32 -2.00 -0.39 -7.79
C PHE A 32 -1.62 -0.48 -9.26
N THR A 33 -0.80 -1.46 -9.61
CA THR A 33 -0.37 -1.67 -10.99
C THR A 33 -1.49 -2.29 -11.85
N ASP A 34 -2.50 -1.49 -12.06
CA ASP A 34 -3.69 -1.86 -12.78
C ASP A 34 -4.54 -0.61 -12.94
N ASP A 35 -4.91 -0.04 -11.83
CA ASP A 35 -5.74 1.16 -11.84
C ASP A 35 -4.85 2.39 -11.80
N LEU A 36 -3.93 2.39 -10.83
CA LEU A 36 -2.96 3.48 -10.68
C LEU A 36 -1.96 3.40 -11.83
N ASP A 37 -1.38 2.19 -11.98
CA ASP A 37 -0.46 1.85 -13.06
C ASP A 37 0.85 2.60 -12.95
N VAL A 38 1.81 1.96 -12.36
CA VAL A 38 3.08 2.53 -12.22
C VAL A 38 4.20 1.74 -12.91
N ASP A 39 4.78 0.78 -12.23
CA ASP A 39 5.95 0.07 -12.70
C ASP A 39 6.10 -1.14 -11.81
N SER A 40 7.14 -1.86 -11.98
CA SER A 40 7.39 -3.05 -11.26
C SER A 40 8.26 -2.74 -10.05
N LEU A 41 9.17 -1.83 -10.25
CA LEU A 41 10.18 -1.51 -9.24
C LEU A 41 9.55 -0.73 -8.12
N SER A 42 8.65 0.13 -8.49
CA SER A 42 7.97 0.97 -7.55
C SER A 42 6.95 0.17 -6.77
N MET A 43 6.64 -1.01 -7.27
CA MET A 43 5.70 -1.87 -6.63
C MET A 43 6.39 -2.61 -5.51
N VAL A 44 7.56 -3.10 -5.79
CA VAL A 44 8.33 -3.82 -4.82
C VAL A 44 8.69 -2.89 -3.67
N GLU A 45 9.04 -1.64 -3.99
CA GLU A 45 9.39 -0.70 -2.98
C GLU A 45 8.17 -0.20 -2.23
N VAL A 46 7.00 -0.14 -2.88
CA VAL A 46 5.79 0.34 -2.19
C VAL A 46 5.38 -0.67 -1.13
N VAL A 47 5.58 -1.93 -1.47
CA VAL A 47 5.37 -3.04 -0.53
C VAL A 47 6.34 -2.88 0.64
N VAL A 48 7.64 -2.95 0.33
CA VAL A 48 8.71 -2.75 1.33
C VAL A 48 8.50 -1.48 2.20
N ALA A 49 8.19 -0.37 1.57
CA ALA A 49 7.97 0.87 2.29
C ALA A 49 6.75 0.81 3.18
N ALA A 50 5.72 0.08 2.76
CA ALA A 50 4.52 -0.07 3.57
C ALA A 50 4.86 -0.79 4.86
N GLU A 51 5.76 -1.77 4.75
CA GLU A 51 6.22 -2.53 5.88
C GLU A 51 6.85 -1.59 6.89
N GLU A 52 7.70 -0.74 6.38
CA GLU A 52 8.49 0.18 7.17
C GLU A 52 7.63 1.36 7.70
N ARG A 53 6.60 1.70 6.97
CA ARG A 53 5.71 2.81 7.30
C ARG A 53 4.81 2.42 8.44
N PHE A 54 4.30 1.22 8.38
CA PHE A 54 3.37 0.75 9.36
C PHE A 54 4.02 -0.16 10.37
N ASP A 55 5.30 -0.40 10.15
CA ASP A 55 6.18 -1.24 11.02
C ASP A 55 5.81 -2.74 10.93
N VAL A 56 4.81 -3.04 10.12
CA VAL A 56 4.33 -4.39 9.91
C VAL A 56 4.88 -4.93 8.61
N LYS A 57 5.68 -5.95 8.73
CA LYS A 57 6.28 -6.61 7.58
C LYS A 57 5.23 -7.26 6.71
N ILE A 58 4.92 -6.60 5.63
CA ILE A 58 4.02 -7.08 4.63
C ILE A 58 4.86 -7.65 3.53
N PRO A 59 5.02 -8.96 3.47
CA PRO A 59 5.87 -9.59 2.49
C PRO A 59 5.32 -9.41 1.10
N ASP A 60 6.24 -9.32 0.14
CA ASP A 60 5.90 -9.26 -1.27
C ASP A 60 5.12 -10.48 -1.71
N ASP A 61 5.22 -11.55 -0.94
CA ASP A 61 4.48 -12.75 -1.24
C ASP A 61 3.05 -12.68 -0.69
N ASP A 62 2.88 -12.04 0.47
CA ASP A 62 1.53 -11.87 1.05
C ASP A 62 0.80 -10.76 0.38
N VAL A 63 1.53 -9.77 -0.06
CA VAL A 63 0.95 -8.61 -0.71
C VAL A 63 0.18 -9.03 -1.99
N LYS A 64 0.56 -10.19 -2.50
CA LYS A 64 -0.03 -10.78 -3.68
C LYS A 64 -1.54 -11.08 -3.48
N ASN A 65 -1.95 -11.45 -2.26
CA ASN A 65 -3.37 -11.77 -2.06
C ASN A 65 -4.16 -10.52 -1.71
N LEU A 66 -3.43 -9.45 -1.46
CA LEU A 66 -4.03 -8.18 -1.15
C LEU A 66 -4.47 -7.53 -2.45
N LYS A 67 -3.48 -7.26 -3.31
CA LYS A 67 -3.66 -6.68 -4.66
C LYS A 67 -4.10 -5.20 -4.64
N THR A 68 -4.92 -4.82 -3.71
CA THR A 68 -5.40 -3.48 -3.66
C THR A 68 -4.92 -2.73 -2.46
N VAL A 69 -5.16 -1.44 -2.49
CA VAL A 69 -4.95 -0.54 -1.38
C VAL A 69 -5.84 -0.95 -0.20
N GLY A 70 -7.10 -1.25 -0.52
CA GLY A 70 -8.06 -1.67 0.46
C GLY A 70 -7.65 -2.94 1.17
N ASP A 71 -7.28 -3.96 0.40
CA ASP A 71 -6.84 -5.21 1.01
C ASP A 71 -5.52 -5.06 1.71
N ALA A 72 -4.67 -4.15 1.24
CA ALA A 72 -3.42 -3.84 1.91
C ALA A 72 -3.73 -3.33 3.30
N THR A 73 -4.49 -2.24 3.37
CA THR A 73 -5.01 -1.69 4.60
C THR A 73 -5.67 -2.77 5.49
N LYS A 74 -6.52 -3.57 4.90
CA LYS A 74 -7.21 -4.70 5.53
C LYS A 74 -6.21 -5.64 6.25
N TYR A 75 -5.11 -5.90 5.59
CA TYR A 75 -4.05 -6.76 6.13
C TYR A 75 -3.37 -6.04 7.26
N ILE A 76 -3.03 -4.80 7.01
CA ILE A 76 -2.35 -3.95 7.93
C ILE A 76 -3.20 -3.70 9.16
N LEU A 77 -4.47 -3.40 8.96
CA LEU A 77 -5.43 -3.15 10.04
C LEU A 77 -5.50 -4.35 10.99
N ASP A 78 -5.31 -5.51 10.44
CA ASP A 78 -5.35 -6.76 11.23
C ASP A 78 -3.96 -7.10 11.81
N HIS A 79 -2.95 -6.81 11.03
CA HIS A 79 -1.55 -7.14 11.35
C HIS A 79 -0.79 -6.03 12.07
N GLN A 80 -1.52 -4.98 12.41
CA GLN A 80 -1.02 -3.78 13.15
C GLN A 80 0.07 -4.07 14.16
N ALA A 81 1.11 -3.29 14.08
CA ALA A 81 2.23 -3.40 14.96
C ALA A 81 2.08 -2.35 16.03
N ALA A 1 -4.12 -1.94 16.00
CA ALA A 1 -4.74 -1.49 14.77
C ALA A 1 -4.62 0.02 14.69
N ALA A 2 -5.00 0.58 13.56
CA ALA A 2 -4.98 2.01 13.37
C ALA A 2 -6.26 2.43 12.70
N THR A 3 -6.35 3.64 12.28
CA THR A 3 -7.50 4.12 11.59
C THR A 3 -7.28 3.90 10.09
N GLN A 4 -8.19 3.15 9.45
CA GLN A 4 -8.09 2.77 8.02
C GLN A 4 -7.66 3.92 7.10
N GLU A 5 -8.12 5.13 7.36
CA GLU A 5 -7.79 6.28 6.52
C GLU A 5 -6.34 6.66 6.65
N GLU A 6 -5.77 6.43 7.81
CA GLU A 6 -4.38 6.76 8.07
C GLU A 6 -3.51 5.75 7.35
N ILE A 7 -4.00 4.55 7.28
CA ILE A 7 -3.34 3.46 6.63
C ILE A 7 -3.33 3.74 5.13
N VAL A 8 -4.49 3.95 4.56
CA VAL A 8 -4.65 4.31 3.16
C VAL A 8 -3.81 5.56 2.81
N ALA A 9 -3.80 6.55 3.71
CA ALA A 9 -2.98 7.76 3.52
C ALA A 9 -1.49 7.41 3.54
N GLY A 10 -1.15 6.42 4.35
CA GLY A 10 0.20 5.94 4.43
C GLY A 10 0.59 5.29 3.14
N LEU A 11 -0.31 4.49 2.61
CA LEU A 11 -0.13 3.83 1.34
C LEU A 11 0.06 4.89 0.27
N ALA A 12 -0.83 5.86 0.28
CA ALA A 12 -0.84 6.97 -0.64
C ALA A 12 0.48 7.71 -0.66
N GLU A 13 1.06 7.97 0.50
CA GLU A 13 2.35 8.67 0.56
C GLU A 13 3.47 7.82 -0.01
N ILE A 14 3.42 6.53 0.26
CA ILE A 14 4.39 5.58 -0.27
C ILE A 14 4.28 5.55 -1.79
N VAL A 15 3.06 5.43 -2.28
CA VAL A 15 2.79 5.43 -3.71
C VAL A 15 3.28 6.72 -4.34
N ASN A 16 2.96 7.84 -3.76
CA ASN A 16 3.38 9.12 -4.32
C ASN A 16 4.91 9.26 -4.29
N GLU A 17 5.52 8.67 -3.31
CA GLU A 17 6.96 8.72 -3.13
C GLU A 17 7.68 7.81 -4.15
N ILE A 18 7.15 6.61 -4.33
CA ILE A 18 7.79 5.58 -5.15
C ILE A 18 7.20 5.50 -6.56
N ALA A 19 5.90 5.37 -6.67
CA ALA A 19 5.21 5.29 -7.96
C ALA A 19 5.17 6.67 -8.58
N GLY A 20 4.91 7.66 -7.74
CA GLY A 20 4.82 9.04 -8.19
C GLY A 20 3.38 9.43 -8.46
N ILE A 21 2.50 8.51 -8.17
CA ILE A 21 1.07 8.66 -8.43
C ILE A 21 0.41 9.46 -7.29
N PRO A 22 -0.49 10.41 -7.65
CA PRO A 22 -1.29 11.20 -6.73
C PRO A 22 -1.72 10.50 -5.47
N VAL A 23 -1.44 11.18 -4.36
CA VAL A 23 -1.78 10.73 -3.02
C VAL A 23 -3.27 10.50 -2.95
N GLU A 24 -3.99 11.36 -3.62
CA GLU A 24 -5.40 11.31 -3.57
C GLU A 24 -6.05 10.59 -4.75
N ASP A 25 -5.28 9.89 -5.57
CA ASP A 25 -5.91 9.01 -6.57
C ASP A 25 -6.02 7.66 -5.90
N VAL A 26 -5.31 7.54 -4.81
CA VAL A 26 -5.25 6.38 -3.96
C VAL A 26 -6.50 6.33 -3.07
N LYS A 27 -7.56 5.90 -3.68
CA LYS A 27 -8.84 5.65 -3.03
C LYS A 27 -8.84 4.19 -2.62
N LEU A 28 -9.98 3.58 -2.37
CA LEU A 28 -10.03 2.16 -1.97
C LEU A 28 -10.50 1.27 -3.08
N ASP A 29 -10.57 1.82 -4.24
CA ASP A 29 -11.03 1.12 -5.41
C ASP A 29 -9.85 0.94 -6.32
N LYS A 30 -8.71 1.18 -5.77
CA LYS A 30 -7.50 1.25 -6.53
C LYS A 30 -6.61 0.05 -6.39
N SER A 31 -6.38 -0.59 -7.47
CA SER A 31 -5.43 -1.60 -7.53
C SER A 31 -4.13 -0.93 -7.96
N PHE A 32 -3.15 -0.90 -7.06
CA PHE A 32 -1.80 -0.34 -7.30
C PHE A 32 -1.28 -0.55 -8.72
N THR A 33 -0.72 -1.69 -9.01
CA THR A 33 -0.26 -1.98 -10.34
C THR A 33 -1.35 -2.40 -11.34
N ASP A 34 -2.35 -1.54 -11.46
CA ASP A 34 -3.44 -1.73 -12.38
C ASP A 34 -4.11 -0.40 -12.68
N ASP A 35 -4.74 0.19 -11.66
CA ASP A 35 -5.50 1.41 -11.86
C ASP A 35 -4.62 2.60 -11.63
N LEU A 36 -3.83 2.54 -10.56
CA LEU A 36 -2.91 3.62 -10.23
C LEU A 36 -1.80 3.65 -11.25
N ASP A 37 -1.35 2.46 -11.62
CA ASP A 37 -0.29 2.22 -12.59
C ASP A 37 1.03 2.67 -12.03
N VAL A 38 1.60 1.78 -11.27
CA VAL A 38 2.83 2.03 -10.57
C VAL A 38 4.02 1.61 -11.44
N ASP A 39 4.42 0.36 -11.32
CA ASP A 39 5.54 -0.29 -12.04
C ASP A 39 5.76 -1.54 -11.23
N SER A 40 6.66 -2.36 -11.62
CA SER A 40 6.87 -3.60 -10.94
C SER A 40 7.96 -3.41 -9.90
N LEU A 41 8.96 -2.64 -10.26
CA LEU A 41 10.10 -2.41 -9.41
C LEU A 41 9.72 -1.42 -8.35
N SER A 42 8.85 -0.54 -8.74
CA SER A 42 8.33 0.47 -7.89
C SER A 42 7.40 -0.19 -6.88
N MET A 43 6.69 -1.24 -7.33
CA MET A 43 5.79 -1.98 -6.49
C MET A 43 6.54 -2.67 -5.37
N VAL A 44 7.67 -3.27 -5.70
CA VAL A 44 8.52 -3.94 -4.73
C VAL A 44 8.96 -2.94 -3.66
N GLU A 45 9.24 -1.70 -4.09
CA GLU A 45 9.61 -0.66 -3.17
C GLU A 45 8.43 -0.31 -2.29
N VAL A 46 7.24 -0.19 -2.90
CA VAL A 46 5.99 0.10 -2.17
C VAL A 46 5.77 -0.96 -1.09
N VAL A 47 5.88 -2.23 -1.48
CA VAL A 47 5.77 -3.37 -0.57
C VAL A 47 6.71 -3.18 0.63
N VAL A 48 8.02 -3.14 0.36
CA VAL A 48 9.04 -2.92 1.40
C VAL A 48 8.76 -1.63 2.24
N ALA A 49 8.43 -0.53 1.59
CA ALA A 49 8.19 0.74 2.28
C ALA A 49 6.97 0.67 3.19
N ALA A 50 5.97 -0.12 2.81
CA ALA A 50 4.77 -0.29 3.62
C ALA A 50 5.12 -0.87 4.98
N GLU A 51 6.05 -1.80 4.97
CA GLU A 51 6.50 -2.46 6.17
C GLU A 51 7.16 -1.48 7.10
N GLU A 52 7.79 -0.51 6.53
CA GLU A 52 8.52 0.47 7.28
C GLU A 52 7.55 1.56 7.78
N ARG A 53 6.63 1.92 6.93
CA ARG A 53 5.68 2.99 7.16
C ARG A 53 4.72 2.59 8.24
N PHE A 54 4.33 1.35 8.22
CA PHE A 54 3.35 0.85 9.14
C PHE A 54 3.95 -0.06 10.18
N ASP A 55 5.27 -0.29 10.08
CA ASP A 55 6.06 -1.14 11.04
C ASP A 55 5.77 -2.66 10.88
N VAL A 56 4.71 -2.99 10.19
CA VAL A 56 4.30 -4.36 10.02
C VAL A 56 4.88 -4.94 8.74
N LYS A 57 5.58 -6.03 8.88
CA LYS A 57 6.22 -6.69 7.76
C LYS A 57 5.19 -7.37 6.89
N ILE A 58 5.24 -7.05 5.62
CA ILE A 58 4.32 -7.56 4.66
C ILE A 58 5.14 -7.92 3.44
N PRO A 59 5.58 -9.16 3.34
CA PRO A 59 6.38 -9.59 2.21
C PRO A 59 5.55 -9.72 0.94
N ASP A 60 6.21 -9.63 -0.22
CA ASP A 60 5.60 -9.84 -1.56
C ASP A 60 4.64 -11.03 -1.58
N ASP A 61 5.05 -12.06 -0.89
CA ASP A 61 4.32 -13.33 -0.81
C ASP A 61 2.92 -13.15 -0.20
N ASP A 62 2.81 -12.31 0.81
CA ASP A 62 1.52 -11.99 1.46
C ASP A 62 0.85 -10.88 0.70
N VAL A 63 1.66 -10.01 0.18
CA VAL A 63 1.25 -8.91 -0.66
C VAL A 63 0.44 -9.40 -1.88
N LYS A 64 0.71 -10.62 -2.31
CA LYS A 64 0.01 -11.25 -3.42
C LYS A 64 -1.49 -11.33 -3.16
N ASN A 65 -1.86 -11.41 -1.90
CA ASN A 65 -3.26 -11.59 -1.52
C ASN A 65 -3.95 -10.24 -1.44
N LEU A 66 -3.17 -9.17 -1.49
CA LEU A 66 -3.73 -7.85 -1.32
C LEU A 66 -4.43 -7.38 -2.56
N LYS A 67 -3.69 -7.29 -3.67
CA LYS A 67 -4.18 -6.84 -5.01
C LYS A 67 -4.82 -5.41 -5.09
N THR A 68 -5.21 -4.83 -3.97
CA THR A 68 -5.72 -3.48 -3.93
C THR A 68 -5.22 -2.74 -2.70
N VAL A 69 -5.49 -1.44 -2.71
CA VAL A 69 -5.23 -0.54 -1.58
C VAL A 69 -6.05 -0.96 -0.35
N GLY A 70 -7.31 -1.27 -0.59
CA GLY A 70 -8.22 -1.67 0.45
C GLY A 70 -7.74 -2.90 1.19
N ASP A 71 -7.31 -3.92 0.46
CA ASP A 71 -6.78 -5.13 1.09
C ASP A 71 -5.46 -4.90 1.73
N ALA A 72 -4.64 -4.03 1.14
CA ALA A 72 -3.36 -3.65 1.74
C ALA A 72 -3.64 -3.13 3.14
N THR A 73 -4.46 -2.08 3.20
CA THR A 73 -4.99 -1.55 4.44
C THR A 73 -5.56 -2.65 5.34
N LYS A 74 -6.45 -3.49 4.81
CA LYS A 74 -7.06 -4.60 5.57
C LYS A 74 -5.99 -5.46 6.27
N TYR A 75 -4.90 -5.72 5.59
CA TYR A 75 -3.85 -6.54 6.11
C TYR A 75 -3.18 -5.78 7.22
N ILE A 76 -2.77 -4.59 6.90
CA ILE A 76 -2.12 -3.67 7.82
C ILE A 76 -2.99 -3.47 9.06
N LEU A 77 -4.22 -3.07 8.85
CA LEU A 77 -5.20 -2.80 9.92
C LEU A 77 -5.24 -3.95 10.93
N ASP A 78 -5.34 -5.14 10.42
CA ASP A 78 -5.52 -6.33 11.24
C ASP A 78 -4.20 -6.89 11.77
N HIS A 79 -3.17 -6.77 10.97
CA HIS A 79 -1.88 -7.40 11.26
C HIS A 79 -0.85 -6.51 11.93
N GLN A 80 -1.13 -5.22 12.06
CA GLN A 80 -0.13 -4.28 12.58
C GLN A 80 0.17 -4.44 14.05
N ALA A 81 1.16 -3.71 14.48
CA ALA A 81 1.66 -3.79 15.81
C ALA A 81 1.41 -2.49 16.55
N ALA A 1 -1.22 -0.03 15.41
CA ALA A 1 -2.61 0.21 14.98
C ALA A 1 -2.63 1.46 14.14
N ALA A 2 -3.53 1.56 13.17
CA ALA A 2 -3.58 2.74 12.35
C ALA A 2 -4.97 2.96 11.88
N THR A 3 -5.33 4.19 11.76
CA THR A 3 -6.62 4.56 11.31
C THR A 3 -6.66 4.22 9.82
N GLN A 4 -7.65 3.44 9.42
CA GLN A 4 -7.76 2.86 8.07
C GLN A 4 -7.48 3.86 6.94
N GLU A 5 -8.00 5.07 7.07
CA GLU A 5 -7.78 6.09 6.05
C GLU A 5 -6.33 6.47 5.99
N GLU A 6 -5.71 6.59 7.15
CA GLU A 6 -4.31 6.91 7.29
C GLU A 6 -3.44 5.76 6.79
N ILE A 7 -4.00 4.57 6.77
CA ILE A 7 -3.33 3.42 6.21
C ILE A 7 -3.26 3.64 4.70
N VAL A 8 -4.42 3.78 4.10
CA VAL A 8 -4.54 4.05 2.68
C VAL A 8 -3.76 5.34 2.31
N ALA A 9 -3.87 6.36 3.15
CA ALA A 9 -3.13 7.61 2.96
C ALA A 9 -1.63 7.38 3.04
N GLY A 10 -1.23 6.51 3.96
CA GLY A 10 0.15 6.12 4.10
C GLY A 10 0.62 5.46 2.83
N LEU A 11 -0.19 4.51 2.36
CA LEU A 11 0.05 3.83 1.12
C LEU A 11 0.16 4.84 0.00
N ALA A 12 -0.77 5.77 -0.02
CA ALA A 12 -0.83 6.83 -1.00
C ALA A 12 0.44 7.66 -1.04
N GLU A 13 0.97 8.01 0.11
CA GLU A 13 2.17 8.82 0.17
C GLU A 13 3.42 8.03 -0.21
N ILE A 14 3.39 6.75 0.04
CA ILE A 14 4.44 5.84 -0.40
C ILE A 14 4.39 5.75 -1.92
N VAL A 15 3.19 5.49 -2.44
CA VAL A 15 2.94 5.41 -3.88
C VAL A 15 3.28 6.74 -4.55
N ASN A 16 3.02 7.83 -3.87
CA ASN A 16 3.33 9.17 -4.38
C ASN A 16 4.83 9.30 -4.64
N GLU A 17 5.59 8.73 -3.76
CA GLU A 17 7.04 8.81 -3.81
C GLU A 17 7.63 7.82 -4.83
N ILE A 18 7.25 6.57 -4.72
CA ILE A 18 7.83 5.52 -5.54
C ILE A 18 7.17 5.45 -6.94
N ALA A 19 5.87 5.33 -6.97
CA ALA A 19 5.13 5.22 -8.23
C ALA A 19 5.01 6.59 -8.89
N GLY A 20 4.81 7.59 -8.06
CA GLY A 20 4.64 8.95 -8.53
C GLY A 20 3.17 9.27 -8.71
N ILE A 21 2.35 8.62 -7.92
CA ILE A 21 0.90 8.79 -8.02
C ILE A 21 0.40 9.55 -6.81
N PRO A 22 -0.35 10.65 -7.05
CA PRO A 22 -0.99 11.48 -6.04
C PRO A 22 -1.51 10.72 -4.83
N VAL A 23 -1.24 11.30 -3.67
CA VAL A 23 -1.67 10.79 -2.35
C VAL A 23 -3.21 10.88 -2.25
N GLU A 24 -3.79 11.46 -3.26
CA GLU A 24 -5.19 11.65 -3.32
C GLU A 24 -5.85 10.68 -4.28
N ASP A 25 -5.06 10.14 -5.19
CA ASP A 25 -5.57 9.27 -6.23
C ASP A 25 -5.69 7.88 -5.68
N VAL A 26 -4.83 7.61 -4.74
CA VAL A 26 -4.71 6.35 -4.05
C VAL A 26 -5.72 6.29 -2.89
N LYS A 27 -6.91 5.96 -3.26
CA LYS A 27 -7.99 5.78 -2.35
C LYS A 27 -8.40 4.33 -2.39
N LEU A 28 -9.22 3.92 -1.45
CA LEU A 28 -9.50 2.48 -1.16
C LEU A 28 -10.26 1.71 -2.26
N ASP A 29 -10.45 2.33 -3.37
CA ASP A 29 -11.13 1.69 -4.45
C ASP A 29 -10.14 1.45 -5.57
N LYS A 30 -8.87 1.57 -5.24
CA LYS A 30 -7.81 1.51 -6.22
C LYS A 30 -6.90 0.31 -6.08
N SER A 31 -6.62 -0.29 -7.19
CA SER A 31 -5.67 -1.32 -7.28
C SER A 31 -4.35 -0.67 -7.71
N PHE A 32 -3.33 -0.77 -6.86
CA PHE A 32 -1.96 -0.24 -7.13
C PHE A 32 -1.47 -0.45 -8.59
N THR A 33 -0.85 -1.59 -8.86
CA THR A 33 -0.37 -1.90 -10.19
C THR A 33 -1.48 -2.43 -11.11
N ASP A 34 -2.48 -1.61 -11.30
CA ASP A 34 -3.61 -1.93 -12.15
C ASP A 34 -4.42 -0.70 -12.45
N ASP A 35 -5.03 -0.14 -11.42
CA ASP A 35 -5.91 1.00 -11.62
C ASP A 35 -5.14 2.29 -11.47
N LEU A 36 -4.38 2.37 -10.38
CA LEU A 36 -3.53 3.54 -10.10
C LEU A 36 -2.44 3.64 -11.13
N ASP A 37 -1.87 2.49 -11.39
CA ASP A 37 -0.74 2.29 -12.25
C ASP A 37 0.52 2.78 -11.59
N VAL A 38 1.18 1.86 -10.96
CA VAL A 38 2.43 2.12 -10.31
C VAL A 38 3.52 1.94 -11.33
N ASP A 39 3.83 0.71 -11.57
CA ASP A 39 4.83 0.28 -12.51
C ASP A 39 4.89 -1.24 -12.53
N SER A 40 5.76 -1.78 -11.69
CA SER A 40 6.03 -3.18 -11.61
C SER A 40 7.17 -3.35 -10.61
N LEU A 41 8.28 -2.74 -10.90
CA LEU A 41 9.48 -2.89 -10.08
C LEU A 41 9.35 -2.01 -8.87
N SER A 42 8.68 -0.90 -9.09
CA SER A 42 8.41 0.07 -8.06
C SER A 42 7.42 -0.48 -7.04
N MET A 43 6.76 -1.56 -7.41
CA MET A 43 5.77 -2.15 -6.56
C MET A 43 6.39 -2.73 -5.31
N VAL A 44 7.46 -3.47 -5.48
CA VAL A 44 8.12 -4.15 -4.39
C VAL A 44 8.73 -3.11 -3.42
N GLU A 45 8.99 -1.91 -3.94
CA GLU A 45 9.53 -0.85 -3.14
C GLU A 45 8.43 -0.34 -2.21
N VAL A 46 7.20 -0.29 -2.76
CA VAL A 46 6.01 0.12 -2.02
C VAL A 46 5.75 -0.87 -0.90
N VAL A 47 5.82 -2.16 -1.25
CA VAL A 47 5.65 -3.25 -0.28
C VAL A 47 6.62 -3.03 0.90
N VAL A 48 7.91 -3.06 0.61
CA VAL A 48 8.97 -2.76 1.60
C VAL A 48 8.67 -1.44 2.40
N ALA A 49 8.30 -0.37 1.69
CA ALA A 49 8.04 0.93 2.32
C ALA A 49 6.83 0.90 3.26
N ALA A 50 5.83 0.10 2.93
CA ALA A 50 4.64 -0.05 3.74
C ALA A 50 4.97 -0.65 5.09
N GLU A 51 5.94 -1.55 5.09
CA GLU A 51 6.40 -2.21 6.30
C GLU A 51 6.91 -1.18 7.29
N GLU A 52 7.68 -0.24 6.77
CA GLU A 52 8.28 0.79 7.56
C GLU A 52 7.24 1.83 8.00
N ARG A 53 6.26 2.07 7.16
CA ARG A 53 5.28 3.11 7.42
C ARG A 53 4.28 2.67 8.48
N PHE A 54 3.96 1.41 8.48
CA PHE A 54 2.94 0.91 9.38
C PHE A 54 3.52 0.05 10.49
N ASP A 55 4.83 -0.18 10.43
CA ASP A 55 5.62 -0.96 11.43
C ASP A 55 5.33 -2.47 11.33
N VAL A 56 4.49 -2.83 10.39
CA VAL A 56 4.10 -4.21 10.16
C VAL A 56 4.80 -4.74 8.94
N LYS A 57 5.56 -5.79 9.11
CA LYS A 57 6.28 -6.41 8.02
C LYS A 57 5.28 -7.05 7.06
N ILE A 58 5.45 -6.76 5.81
CA ILE A 58 4.58 -7.24 4.76
C ILE A 58 5.47 -7.86 3.71
N PRO A 59 5.58 -9.19 3.71
CA PRO A 59 6.45 -9.87 2.79
C PRO A 59 5.89 -9.98 1.38
N ASP A 60 6.78 -9.82 0.41
CA ASP A 60 6.53 -10.02 -1.04
C ASP A 60 5.56 -11.18 -1.35
N ASP A 61 5.64 -12.26 -0.62
CA ASP A 61 4.79 -13.41 -0.89
C ASP A 61 3.40 -13.28 -0.32
N ASP A 62 3.27 -12.57 0.77
CA ASP A 62 1.97 -12.41 1.42
C ASP A 62 1.28 -11.25 0.79
N VAL A 63 2.08 -10.28 0.36
CA VAL A 63 1.61 -9.08 -0.28
C VAL A 63 0.89 -9.43 -1.60
N LYS A 64 1.19 -10.63 -2.13
CA LYS A 64 0.58 -11.16 -3.34
C LYS A 64 -0.95 -11.39 -3.19
N ASN A 65 -1.44 -11.28 -1.98
CA ASN A 65 -2.85 -11.42 -1.67
C ASN A 65 -3.51 -10.06 -1.81
N LEU A 66 -2.71 -9.05 -1.67
CA LEU A 66 -3.17 -7.72 -1.64
C LEU A 66 -3.03 -7.14 -3.03
N LYS A 67 -4.11 -6.88 -3.66
CA LYS A 67 -4.07 -6.27 -4.97
C LYS A 67 -4.57 -4.82 -4.97
N THR A 68 -5.47 -4.50 -4.08
CA THR A 68 -5.87 -3.12 -3.95
C THR A 68 -5.25 -2.50 -2.75
N VAL A 69 -5.51 -1.23 -2.60
CA VAL A 69 -5.14 -0.48 -1.44
C VAL A 69 -5.99 -0.94 -0.25
N GLY A 70 -7.23 -1.32 -0.56
CA GLY A 70 -8.13 -1.85 0.43
C GLY A 70 -7.65 -3.19 0.93
N ASP A 71 -7.08 -3.99 0.04
CA ASP A 71 -6.50 -5.28 0.42
C ASP A 71 -5.30 -5.07 1.28
N ALA A 72 -4.45 -4.13 0.87
CA ALA A 72 -3.27 -3.77 1.65
C ALA A 72 -3.72 -3.42 3.05
N THR A 73 -4.58 -2.43 3.16
CA THR A 73 -5.23 -2.06 4.41
C THR A 73 -5.83 -3.29 5.14
N LYS A 74 -6.51 -4.18 4.43
CA LYS A 74 -7.07 -5.43 5.02
C LYS A 74 -5.99 -6.22 5.79
N TYR A 75 -4.80 -6.25 5.24
CA TYR A 75 -3.71 -6.95 5.86
C TYR A 75 -3.19 -6.11 6.99
N ILE A 76 -2.82 -4.91 6.66
CA ILE A 76 -2.22 -3.96 7.55
C ILE A 76 -3.10 -3.71 8.77
N LEU A 77 -4.36 -3.39 8.55
CA LEU A 77 -5.32 -3.10 9.64
C LEU A 77 -5.46 -4.28 10.61
N ASP A 78 -5.38 -5.46 10.08
CA ASP A 78 -5.56 -6.68 10.88
C ASP A 78 -4.23 -7.12 11.49
N HIS A 79 -3.19 -6.84 10.78
CA HIS A 79 -1.84 -7.23 11.13
C HIS A 79 -1.08 -6.11 11.82
N GLN A 80 -1.77 -5.01 12.11
CA GLN A 80 -1.22 -3.85 12.82
C GLN A 80 -0.35 -4.22 13.99
N ALA A 81 0.71 -3.48 14.15
CA ALA A 81 1.61 -3.63 15.24
C ALA A 81 0.93 -3.11 16.48
N ALA A 1 -5.30 -1.45 16.88
CA ALA A 1 -5.71 -1.21 15.50
C ALA A 1 -5.19 0.15 15.07
N ALA A 2 -5.46 0.51 13.83
CA ALA A 2 -5.13 1.81 13.33
C ALA A 2 -6.22 2.19 12.38
N THR A 3 -6.42 3.45 12.18
CA THR A 3 -7.48 3.92 11.33
C THR A 3 -7.15 3.56 9.87
N GLN A 4 -8.08 2.90 9.19
CA GLN A 4 -7.90 2.41 7.80
C GLN A 4 -7.45 3.53 6.86
N GLU A 5 -7.98 4.69 7.08
CA GLU A 5 -7.68 5.86 6.25
C GLU A 5 -6.28 6.37 6.53
N GLU A 6 -5.78 6.11 7.72
CA GLU A 6 -4.45 6.49 8.13
C GLU A 6 -3.49 5.56 7.43
N ILE A 7 -3.92 4.34 7.28
CA ILE A 7 -3.18 3.32 6.61
C ILE A 7 -3.09 3.69 5.14
N VAL A 8 -4.24 3.94 4.54
CA VAL A 8 -4.31 4.37 3.15
C VAL A 8 -3.50 5.66 2.91
N ALA A 9 -3.52 6.58 3.86
CA ALA A 9 -2.72 7.81 3.78
C ALA A 9 -1.24 7.47 3.76
N GLY A 10 -0.88 6.47 4.56
CA GLY A 10 0.47 6.00 4.63
C GLY A 10 0.87 5.36 3.34
N LEU A 11 -0.03 4.56 2.80
CA LEU A 11 0.18 3.92 1.52
C LEU A 11 0.36 4.98 0.44
N ALA A 12 -0.56 5.94 0.42
CA ALA A 12 -0.58 7.02 -0.55
C ALA A 12 0.73 7.80 -0.59
N GLU A 13 1.28 8.09 0.59
CA GLU A 13 2.55 8.83 0.65
C GLU A 13 3.69 8.03 0.03
N ILE A 14 3.68 6.75 0.28
CA ILE A 14 4.64 5.83 -0.27
C ILE A 14 4.48 5.78 -1.80
N VAL A 15 3.25 5.55 -2.21
CA VAL A 15 2.88 5.47 -3.62
C VAL A 15 3.31 6.73 -4.37
N ASN A 16 3.02 7.88 -3.84
CA ASN A 16 3.38 9.13 -4.51
C ASN A 16 4.89 9.27 -4.64
N GLU A 17 5.60 8.72 -3.70
CA GLU A 17 7.05 8.78 -3.69
C GLU A 17 7.64 7.78 -4.70
N ILE A 18 7.15 6.56 -4.68
CA ILE A 18 7.72 5.50 -5.50
C ILE A 18 6.98 5.34 -6.85
N ALA A 19 5.69 5.17 -6.80
CA ALA A 19 4.87 4.96 -8.01
C ALA A 19 4.69 6.26 -8.77
N GLY A 20 4.67 7.35 -8.01
CA GLY A 20 4.51 8.67 -8.60
C GLY A 20 3.07 8.99 -8.87
N ILE A 21 2.19 8.31 -8.17
CA ILE A 21 0.77 8.45 -8.38
C ILE A 21 0.16 9.34 -7.30
N PRO A 22 -0.75 10.28 -7.71
CA PRO A 22 -1.55 11.14 -6.85
C PRO A 22 -1.95 10.51 -5.53
N VAL A 23 -1.57 11.20 -4.46
CA VAL A 23 -1.84 10.79 -3.11
C VAL A 23 -3.33 10.59 -2.92
N GLU A 24 -4.11 11.45 -3.54
CA GLU A 24 -5.52 11.38 -3.37
C GLU A 24 -6.26 10.63 -4.47
N ASP A 25 -5.52 10.10 -5.42
CA ASP A 25 -6.14 9.20 -6.37
C ASP A 25 -6.13 7.83 -5.77
N VAL A 26 -5.19 7.66 -4.85
CA VAL A 26 -5.02 6.46 -4.05
C VAL A 26 -6.19 6.32 -3.05
N LYS A 27 -7.32 5.95 -3.60
CA LYS A 27 -8.52 5.68 -2.86
C LYS A 27 -8.60 4.19 -2.76
N LEU A 28 -9.57 3.67 -2.10
CA LEU A 28 -9.60 2.21 -1.78
C LEU A 28 -10.03 1.31 -2.90
N ASP A 29 -10.32 1.87 -4.01
CA ASP A 29 -10.76 1.11 -5.14
C ASP A 29 -9.66 1.02 -6.14
N LYS A 30 -8.51 1.43 -5.69
CA LYS A 30 -7.38 1.50 -6.55
C LYS A 30 -6.49 0.30 -6.43
N SER A 31 -6.45 -0.48 -7.46
CA SER A 31 -5.52 -1.52 -7.51
C SER A 31 -4.24 -0.92 -8.10
N PHE A 32 -3.18 -0.88 -7.27
CA PHE A 32 -1.85 -0.36 -7.63
C PHE A 32 -1.47 -0.60 -9.09
N THR A 33 -0.97 -1.75 -9.42
CA THR A 33 -0.66 -2.07 -10.78
C THR A 33 -1.87 -2.58 -11.57
N ASP A 34 -2.84 -1.69 -11.72
CA ASP A 34 -4.08 -1.94 -12.47
C ASP A 34 -4.73 -0.62 -12.80
N ASP A 35 -5.09 0.14 -11.78
CA ASP A 35 -5.74 1.42 -11.97
C ASP A 35 -4.70 2.52 -11.98
N LEU A 36 -3.96 2.58 -10.86
CA LEU A 36 -2.93 3.61 -10.66
C LEU A 36 -1.84 3.45 -11.68
N ASP A 37 -1.43 2.20 -11.88
CA ASP A 37 -0.40 1.79 -12.82
C ASP A 37 0.94 2.25 -12.29
N VAL A 38 1.47 1.44 -11.41
CA VAL A 38 2.69 1.74 -10.72
C VAL A 38 3.89 1.38 -11.59
N ASP A 39 4.34 0.17 -11.46
CA ASP A 39 5.49 -0.41 -12.13
C ASP A 39 5.66 -1.75 -11.49
N SER A 40 6.67 -2.44 -11.81
CA SER A 40 6.86 -3.75 -11.33
C SER A 40 7.88 -3.72 -10.20
N LEU A 41 8.90 -2.91 -10.36
CA LEU A 41 9.94 -2.80 -9.37
C LEU A 41 9.50 -1.82 -8.31
N SER A 42 8.80 -0.79 -8.75
CA SER A 42 8.32 0.24 -7.87
C SER A 42 7.28 -0.34 -6.93
N MET A 43 6.63 -1.39 -7.38
CA MET A 43 5.64 -2.09 -6.60
C MET A 43 6.25 -2.65 -5.34
N VAL A 44 7.36 -3.32 -5.51
CA VAL A 44 8.03 -4.00 -4.44
C VAL A 44 8.63 -3.00 -3.46
N GLU A 45 8.95 -1.81 -3.96
CA GLU A 45 9.45 -0.77 -3.10
C GLU A 45 8.32 -0.26 -2.22
N VAL A 46 7.12 -0.17 -2.80
CA VAL A 46 5.90 0.22 -2.06
C VAL A 46 5.68 -0.80 -0.92
N VAL A 47 5.80 -2.08 -1.27
CA VAL A 47 5.69 -3.19 -0.30
C VAL A 47 6.67 -2.97 0.87
N VAL A 48 7.96 -2.97 0.56
CA VAL A 48 9.03 -2.75 1.56
C VAL A 48 8.82 -1.44 2.38
N ALA A 49 8.38 -0.38 1.72
CA ALA A 49 8.15 0.89 2.40
C ALA A 49 6.93 0.82 3.34
N ALA A 50 5.94 0.01 2.99
CA ALA A 50 4.74 -0.15 3.82
C ALA A 50 5.11 -0.74 5.18
N GLU A 51 6.06 -1.65 5.17
CA GLU A 51 6.54 -2.32 6.36
C GLU A 51 7.21 -1.30 7.28
N GLU A 52 7.77 -0.30 6.69
CA GLU A 52 8.45 0.77 7.38
C GLU A 52 7.45 1.80 7.88
N ARG A 53 6.43 2.00 7.08
CA ARG A 53 5.44 3.01 7.31
C ARG A 53 4.47 2.59 8.40
N PHE A 54 4.23 1.29 8.48
CA PHE A 54 3.25 0.79 9.43
C PHE A 54 3.84 -0.16 10.47
N ASP A 55 5.16 -0.41 10.37
CA ASP A 55 5.92 -1.29 11.32
C ASP A 55 5.61 -2.80 11.10
N VAL A 56 4.59 -3.07 10.32
CA VAL A 56 4.14 -4.42 10.06
C VAL A 56 4.80 -4.96 8.79
N LYS A 57 5.52 -6.02 8.96
CA LYS A 57 6.21 -6.67 7.87
C LYS A 57 5.23 -7.34 6.94
N ILE A 58 5.29 -6.97 5.71
CA ILE A 58 4.41 -7.49 4.70
C ILE A 58 5.30 -7.92 3.55
N PRO A 59 5.66 -9.18 3.50
CA PRO A 59 6.54 -9.66 2.46
C PRO A 59 5.85 -9.73 1.10
N ASP A 60 6.65 -9.58 0.05
CA ASP A 60 6.22 -9.74 -1.35
C ASP A 60 5.33 -10.97 -1.53
N ASP A 61 5.62 -12.02 -0.80
CA ASP A 61 4.83 -13.27 -0.86
C ASP A 61 3.36 -13.03 -0.46
N ASP A 62 3.14 -12.37 0.68
CA ASP A 62 1.76 -12.11 1.15
C ASP A 62 1.16 -10.90 0.51
N VAL A 63 2.01 -10.02 0.05
CA VAL A 63 1.56 -8.78 -0.56
C VAL A 63 0.76 -9.06 -1.84
N LYS A 64 1.00 -10.24 -2.43
CA LYS A 64 0.31 -10.70 -3.63
C LYS A 64 -1.17 -10.89 -3.37
N ASN A 65 -1.50 -11.11 -2.11
CA ASN A 65 -2.88 -11.35 -1.72
C ASN A 65 -3.54 -10.05 -1.31
N LEU A 66 -2.85 -8.95 -1.50
CA LEU A 66 -3.39 -7.65 -1.17
C LEU A 66 -3.95 -6.99 -2.41
N LYS A 67 -3.10 -6.85 -3.43
CA LYS A 67 -3.43 -6.29 -4.78
C LYS A 67 -4.00 -4.84 -4.84
N THR A 68 -4.67 -4.40 -3.82
CA THR A 68 -5.16 -3.04 -3.79
C THR A 68 -4.62 -2.31 -2.60
N VAL A 69 -5.02 -1.08 -2.51
CA VAL A 69 -4.76 -0.23 -1.39
C VAL A 69 -5.67 -0.64 -0.21
N GLY A 70 -6.93 -0.93 -0.54
CA GLY A 70 -7.93 -1.29 0.44
C GLY A 70 -7.61 -2.60 1.10
N ASP A 71 -7.18 -3.57 0.32
CA ASP A 71 -6.85 -4.87 0.85
C ASP A 71 -5.49 -4.85 1.52
N ALA A 72 -4.62 -3.94 1.07
CA ALA A 72 -3.34 -3.73 1.75
C ALA A 72 -3.64 -3.27 3.15
N THR A 73 -4.40 -2.19 3.25
CA THR A 73 -4.95 -1.69 4.49
C THR A 73 -5.64 -2.82 5.29
N LYS A 74 -6.41 -3.65 4.62
CA LYS A 74 -7.11 -4.79 5.22
C LYS A 74 -6.14 -5.74 5.93
N TYR A 75 -4.95 -5.85 5.39
CA TYR A 75 -3.93 -6.67 5.98
C TYR A 75 -3.40 -5.96 7.18
N ILE A 76 -2.95 -4.75 6.96
CA ILE A 76 -2.35 -3.89 7.95
C ILE A 76 -3.30 -3.67 9.13
N LEU A 77 -4.52 -3.26 8.85
CA LEU A 77 -5.57 -3.03 9.88
C LEU A 77 -5.71 -4.22 10.83
N ASP A 78 -5.66 -5.38 10.25
CA ASP A 78 -5.89 -6.62 10.99
C ASP A 78 -4.59 -7.19 11.58
N HIS A 79 -3.50 -6.90 10.92
CA HIS A 79 -2.19 -7.44 11.26
C HIS A 79 -1.29 -6.46 12.00
N GLN A 80 -1.85 -5.30 12.36
CA GLN A 80 -1.18 -4.22 13.12
C GLN A 80 -0.14 -4.74 14.11
N ALA A 81 1.09 -4.32 13.91
CA ALA A 81 2.18 -4.72 14.74
C ALA A 81 2.29 -3.74 15.88
N ALA A 1 -4.45 -2.28 15.84
CA ALA A 1 -5.20 -1.91 14.65
C ALA A 1 -5.07 -0.41 14.44
N ALA A 2 -5.34 0.05 13.24
CA ALA A 2 -5.16 1.42 12.90
C ALA A 2 -6.35 1.84 12.09
N THR A 3 -6.46 3.10 11.82
CA THR A 3 -7.57 3.64 11.11
C THR A 3 -7.29 3.46 9.63
N GLN A 4 -8.17 2.78 8.91
CA GLN A 4 -7.96 2.42 7.49
C GLN A 4 -7.55 3.59 6.64
N GLU A 5 -8.15 4.71 6.89
CA GLU A 5 -7.91 5.92 6.12
C GLU A 5 -6.50 6.41 6.31
N GLU A 6 -5.95 6.14 7.48
CA GLU A 6 -4.61 6.53 7.83
C GLU A 6 -3.64 5.58 7.16
N ILE A 7 -4.09 4.35 7.01
CA ILE A 7 -3.30 3.31 6.40
C ILE A 7 -3.26 3.56 4.91
N VAL A 8 -4.41 3.76 4.32
CA VAL A 8 -4.54 4.09 2.91
C VAL A 8 -3.74 5.37 2.58
N ALA A 9 -3.79 6.36 3.46
CA ALA A 9 -3.02 7.59 3.31
C ALA A 9 -1.52 7.28 3.37
N GLY A 10 -1.17 6.34 4.24
CA GLY A 10 0.19 5.91 4.39
C GLY A 10 0.67 5.25 3.14
N LEU A 11 -0.20 4.47 2.54
CA LEU A 11 0.09 3.86 1.27
C LEU A 11 0.22 4.91 0.19
N ALA A 12 -0.69 5.87 0.19
CA ALA A 12 -0.73 6.97 -0.78
C ALA A 12 0.57 7.76 -0.79
N GLU A 13 1.12 8.04 0.39
CA GLU A 13 2.40 8.79 0.48
C GLU A 13 3.56 8.00 -0.13
N ILE A 14 3.51 6.71 0.07
CA ILE A 14 4.49 5.79 -0.46
C ILE A 14 4.37 5.75 -1.98
N VAL A 15 3.15 5.58 -2.46
CA VAL A 15 2.85 5.54 -3.88
C VAL A 15 3.31 6.84 -4.56
N ASN A 16 3.09 7.97 -3.93
CA ASN A 16 3.49 9.24 -4.52
C ASN A 16 5.00 9.37 -4.66
N GLU A 17 5.70 8.77 -3.72
CA GLU A 17 7.14 8.80 -3.70
C GLU A 17 7.68 7.81 -4.76
N ILE A 18 7.27 6.57 -4.63
CA ILE A 18 7.80 5.48 -5.42
C ILE A 18 7.18 5.40 -6.84
N ALA A 19 5.88 5.39 -6.93
CA ALA A 19 5.19 5.28 -8.21
C ALA A 19 5.14 6.63 -8.91
N GLY A 20 4.96 7.67 -8.12
CA GLY A 20 4.80 8.99 -8.67
C GLY A 20 3.35 9.27 -8.96
N ILE A 21 2.50 8.68 -8.17
CA ILE A 21 1.06 8.82 -8.33
C ILE A 21 0.49 9.64 -7.19
N PRO A 22 -0.37 10.64 -7.51
CA PRO A 22 -1.10 11.45 -6.56
C PRO A 22 -1.57 10.68 -5.34
N VAL A 23 -1.28 11.25 -4.19
CA VAL A 23 -1.70 10.73 -2.88
C VAL A 23 -3.22 10.69 -2.84
N GLU A 24 -3.80 11.54 -3.64
CA GLU A 24 -5.22 11.67 -3.71
C GLU A 24 -5.87 10.70 -4.72
N ASP A 25 -5.10 10.13 -5.65
CA ASP A 25 -5.67 9.21 -6.65
C ASP A 25 -5.77 7.83 -6.05
N VAL A 26 -5.08 7.70 -4.95
CA VAL A 26 -5.02 6.50 -4.17
C VAL A 26 -6.28 6.39 -3.31
N LYS A 27 -7.34 6.07 -4.00
CA LYS A 27 -8.62 5.82 -3.45
C LYS A 27 -8.62 4.38 -3.03
N LEU A 28 -9.51 4.01 -2.14
CA LEU A 28 -9.47 2.70 -1.50
C LEU A 28 -9.89 1.57 -2.44
N ASP A 29 -10.41 1.95 -3.54
CA ASP A 29 -10.91 0.99 -4.50
C ASP A 29 -9.86 0.75 -5.56
N LYS A 30 -8.74 1.41 -5.41
CA LYS A 30 -7.72 1.40 -6.42
C LYS A 30 -6.72 0.30 -6.22
N SER A 31 -6.54 -0.48 -7.24
CA SER A 31 -5.57 -1.49 -7.25
C SER A 31 -4.32 -0.88 -7.85
N PHE A 32 -3.28 -0.75 -7.03
CA PHE A 32 -1.95 -0.18 -7.43
C PHE A 32 -1.57 -0.38 -8.92
N THR A 33 -1.02 -1.50 -9.28
CA THR A 33 -0.66 -1.71 -10.68
C THR A 33 -1.80 -2.25 -11.55
N ASP A 34 -2.83 -1.43 -11.68
CA ASP A 34 -3.99 -1.74 -12.53
C ASP A 34 -4.83 -0.49 -12.63
N ASP A 35 -5.13 0.06 -11.47
CA ASP A 35 -5.91 1.27 -11.35
C ASP A 35 -5.01 2.48 -11.25
N LEU A 36 -4.13 2.47 -10.28
CA LEU A 36 -3.23 3.61 -10.01
C LEU A 36 -2.15 3.75 -11.06
N ASP A 37 -1.57 2.61 -11.42
CA ASP A 37 -0.43 2.49 -12.32
C ASP A 37 0.84 2.90 -11.61
N VAL A 38 1.49 1.93 -11.06
CA VAL A 38 2.69 2.15 -10.29
C VAL A 38 3.90 1.92 -11.18
N ASP A 39 4.34 0.70 -11.19
CA ASP A 39 5.49 0.24 -11.94
C ASP A 39 5.61 -1.20 -11.53
N SER A 40 6.55 -1.87 -12.04
CA SER A 40 6.67 -3.25 -11.81
C SER A 40 7.72 -3.47 -10.71
N LEU A 41 8.74 -2.64 -10.73
CA LEU A 41 9.83 -2.74 -9.76
C LEU A 41 9.47 -1.97 -8.53
N SER A 42 8.83 -0.86 -8.76
CA SER A 42 8.44 0.06 -7.73
C SER A 42 7.30 -0.51 -6.88
N MET A 43 6.69 -1.56 -7.39
CA MET A 43 5.63 -2.25 -6.70
C MET A 43 6.14 -2.83 -5.38
N VAL A 44 7.27 -3.49 -5.46
CA VAL A 44 7.84 -4.15 -4.33
C VAL A 44 8.40 -3.13 -3.34
N GLU A 45 8.71 -1.93 -3.84
CA GLU A 45 9.20 -0.86 -3.00
C GLU A 45 8.06 -0.37 -2.12
N VAL A 46 6.85 -0.36 -2.68
CA VAL A 46 5.64 0.02 -1.95
C VAL A 46 5.44 -0.97 -0.80
N VAL A 47 5.57 -2.26 -1.12
CA VAL A 47 5.49 -3.35 -0.14
C VAL A 47 6.47 -3.08 1.01
N VAL A 48 7.76 -3.06 0.67
CA VAL A 48 8.86 -2.73 1.61
C VAL A 48 8.53 -1.49 2.48
N ALA A 49 8.21 -0.38 1.84
CA ALA A 49 7.93 0.87 2.53
C ALA A 49 6.71 0.77 3.46
N ALA A 50 5.70 0.00 3.05
CA ALA A 50 4.50 -0.20 3.86
C ALA A 50 4.85 -0.84 5.19
N GLU A 51 5.80 -1.76 5.16
CA GLU A 51 6.27 -2.45 6.35
C GLU A 51 6.80 -1.45 7.35
N GLU A 52 7.58 -0.51 6.87
CA GLU A 52 8.18 0.49 7.73
C GLU A 52 7.15 1.54 8.17
N ARG A 53 6.26 1.90 7.26
CA ARG A 53 5.35 3.01 7.44
C ARG A 53 4.39 2.75 8.57
N PHE A 54 4.00 1.53 8.68
CA PHE A 54 3.02 1.16 9.66
C PHE A 54 3.62 0.32 10.75
N ASP A 55 4.92 0.08 10.63
CA ASP A 55 5.70 -0.82 11.48
C ASP A 55 5.06 -2.18 11.53
N VAL A 56 5.03 -2.80 10.42
CA VAL A 56 4.45 -4.10 10.24
C VAL A 56 5.41 -4.95 9.44
N LYS A 57 4.95 -6.05 8.95
CA LYS A 57 5.76 -6.89 8.17
C LYS A 57 4.88 -7.47 7.10
N ILE A 58 5.20 -7.21 5.87
CA ILE A 58 4.42 -7.64 4.73
C ILE A 58 5.40 -8.03 3.66
N PRO A 59 5.73 -9.30 3.55
CA PRO A 59 6.69 -9.73 2.58
C PRO A 59 6.10 -9.77 1.18
N ASP A 60 6.99 -9.70 0.20
CA ASP A 60 6.68 -9.82 -1.23
C ASP A 60 5.75 -11.03 -1.55
N ASP A 61 5.79 -12.04 -0.70
CA ASP A 61 4.96 -13.22 -0.88
C ASP A 61 3.55 -13.03 -0.36
N ASP A 62 3.42 -12.49 0.84
CA ASP A 62 2.08 -12.30 1.46
C ASP A 62 1.40 -11.11 0.91
N VAL A 63 2.17 -10.22 0.34
CA VAL A 63 1.63 -9.02 -0.23
C VAL A 63 0.84 -9.34 -1.48
N LYS A 64 1.14 -10.49 -2.10
CA LYS A 64 0.56 -10.94 -3.38
C LYS A 64 -0.96 -11.14 -3.33
N ASN A 65 -1.52 -10.97 -2.18
CA ASN A 65 -2.91 -11.19 -1.93
C ASN A 65 -3.59 -9.85 -1.58
N LEU A 66 -2.86 -8.75 -1.78
CA LEU A 66 -3.35 -7.44 -1.34
C LEU A 66 -3.42 -6.45 -2.50
N LYS A 67 -3.83 -6.91 -3.66
CA LYS A 67 -3.87 -6.11 -4.91
C LYS A 67 -4.44 -4.65 -4.84
N THR A 68 -5.26 -4.32 -3.84
CA THR A 68 -5.74 -2.97 -3.72
C THR A 68 -5.14 -2.28 -2.53
N VAL A 69 -5.31 -0.99 -2.48
CA VAL A 69 -4.97 -0.20 -1.32
C VAL A 69 -5.79 -0.68 -0.11
N GLY A 70 -7.07 -0.93 -0.37
CA GLY A 70 -7.95 -1.47 0.63
C GLY A 70 -7.47 -2.81 1.15
N ASP A 71 -7.09 -3.72 0.23
CA ASP A 71 -6.64 -5.07 0.61
C ASP A 71 -5.35 -5.01 1.40
N ALA A 72 -4.47 -4.10 1.01
CA ALA A 72 -3.24 -3.88 1.75
C ALA A 72 -3.59 -3.46 3.17
N THR A 73 -4.33 -2.37 3.29
CA THR A 73 -4.84 -1.87 4.56
C THR A 73 -5.54 -2.98 5.38
N LYS A 74 -6.37 -3.74 4.73
CA LYS A 74 -7.11 -4.89 5.27
C LYS A 74 -6.16 -5.90 5.95
N TYR A 75 -4.95 -6.01 5.41
CA TYR A 75 -3.94 -6.87 5.94
C TYR A 75 -3.21 -6.14 7.05
N ILE A 76 -2.83 -4.91 6.75
CA ILE A 76 -2.06 -4.05 7.63
C ILE A 76 -2.82 -3.79 8.93
N LEU A 77 -4.08 -3.38 8.83
CA LEU A 77 -4.93 -3.12 10.02
C LEU A 77 -4.94 -4.34 10.94
N ASP A 78 -4.92 -5.47 10.33
CA ASP A 78 -4.94 -6.76 11.04
C ASP A 78 -3.56 -7.17 11.53
N HIS A 79 -2.58 -6.91 10.72
CA HIS A 79 -1.18 -7.31 10.96
C HIS A 79 -0.35 -6.26 11.68
N GLN A 80 -0.98 -5.18 12.11
CA GLN A 80 -0.35 -4.13 12.93
C GLN A 80 0.49 -4.75 14.06
N ALA A 81 1.58 -4.11 14.39
CA ALA A 81 2.42 -4.58 15.47
C ALA A 81 1.73 -4.34 16.79
N ALA A 1 -5.81 -2.33 15.82
CA ALA A 1 -6.10 -1.82 14.48
C ALA A 1 -5.86 -0.33 14.44
N ALA A 2 -5.84 0.23 13.26
CA ALA A 2 -5.60 1.63 13.07
C ALA A 2 -6.71 2.13 12.21
N THR A 3 -6.78 3.39 11.99
CA THR A 3 -7.81 3.93 11.17
C THR A 3 -7.45 3.59 9.71
N GLN A 4 -8.36 2.95 8.96
CA GLN A 4 -8.08 2.49 7.59
C GLN A 4 -7.56 3.61 6.71
N GLU A 5 -8.09 4.78 6.90
CA GLU A 5 -7.74 5.96 6.10
C GLU A 5 -6.32 6.38 6.40
N GLU A 6 -5.88 6.11 7.61
CA GLU A 6 -4.56 6.46 8.05
C GLU A 6 -3.56 5.54 7.35
N ILE A 7 -4.01 4.33 7.15
CA ILE A 7 -3.23 3.32 6.50
C ILE A 7 -3.17 3.67 5.02
N VAL A 8 -4.32 3.88 4.42
CA VAL A 8 -4.45 4.31 3.04
C VAL A 8 -3.58 5.56 2.78
N ALA A 9 -3.62 6.52 3.69
CA ALA A 9 -2.81 7.73 3.58
C ALA A 9 -1.33 7.42 3.64
N GLY A 10 -0.96 6.48 4.51
CA GLY A 10 0.40 6.05 4.62
C GLY A 10 0.86 5.41 3.35
N LEU A 11 0.01 4.61 2.78
CA LEU A 11 0.27 3.98 1.51
C LEU A 11 0.35 5.03 0.42
N ALA A 12 -0.59 5.96 0.45
CA ALA A 12 -0.69 7.04 -0.51
C ALA A 12 0.59 7.83 -0.62
N GLU A 13 1.22 8.13 0.51
CA GLU A 13 2.48 8.86 0.47
C GLU A 13 3.62 8.04 -0.10
N ILE A 14 3.61 6.76 0.19
CA ILE A 14 4.59 5.82 -0.35
C ILE A 14 4.43 5.79 -1.87
N VAL A 15 3.21 5.59 -2.30
CA VAL A 15 2.86 5.53 -3.70
C VAL A 15 3.18 6.85 -4.39
N ASN A 16 2.88 7.95 -3.76
CA ASN A 16 3.17 9.28 -4.33
C ASN A 16 4.68 9.44 -4.57
N GLU A 17 5.45 8.84 -3.70
CA GLU A 17 6.90 8.88 -3.76
C GLU A 17 7.45 7.88 -4.81
N ILE A 18 7.24 6.62 -4.55
CA ILE A 18 7.81 5.54 -5.35
C ILE A 18 7.10 5.40 -6.69
N ALA A 19 5.80 5.31 -6.66
CA ALA A 19 5.00 5.10 -7.84
C ALA A 19 4.83 6.39 -8.64
N GLY A 20 4.67 7.49 -7.92
CA GLY A 20 4.45 8.78 -8.54
C GLY A 20 2.98 8.96 -8.85
N ILE A 21 2.15 8.38 -8.00
CA ILE A 21 0.73 8.45 -8.17
C ILE A 21 0.15 9.29 -7.03
N PRO A 22 -0.71 10.26 -7.37
CA PRO A 22 -1.45 11.12 -6.43
C PRO A 22 -1.88 10.45 -5.14
N VAL A 23 -1.53 11.11 -4.03
CA VAL A 23 -1.91 10.71 -2.67
C VAL A 23 -3.41 10.61 -2.60
N GLU A 24 -4.05 11.46 -3.34
CA GLU A 24 -5.48 11.50 -3.32
C GLU A 24 -6.13 10.50 -4.26
N ASP A 25 -5.43 10.07 -5.30
CA ASP A 25 -6.02 9.08 -6.23
C ASP A 25 -5.86 7.69 -5.63
N VAL A 26 -4.98 7.62 -4.67
CA VAL A 26 -4.79 6.43 -3.88
C VAL A 26 -5.94 6.35 -2.87
N LYS A 27 -7.03 5.90 -3.41
CA LYS A 27 -8.28 5.73 -2.72
C LYS A 27 -8.26 4.36 -2.06
N LEU A 28 -9.36 3.63 -2.12
CA LEU A 28 -9.38 2.33 -1.50
C LEU A 28 -9.71 1.24 -2.54
N ASP A 29 -10.29 1.65 -3.64
CA ASP A 29 -10.73 0.76 -4.73
C ASP A 29 -9.60 0.62 -5.76
N LYS A 30 -8.54 1.30 -5.48
CA LYS A 30 -7.43 1.40 -6.42
C LYS A 30 -6.45 0.25 -6.34
N SER A 31 -6.44 -0.55 -7.34
CA SER A 31 -5.45 -1.55 -7.50
C SER A 31 -4.16 -0.85 -7.96
N PHE A 32 -3.16 -0.79 -7.09
CA PHE A 32 -1.84 -0.18 -7.40
C PHE A 32 -1.35 -0.42 -8.84
N THR A 33 -0.80 -1.58 -9.12
CA THR A 33 -0.32 -1.90 -10.44
C THR A 33 -1.38 -2.40 -11.42
N ASP A 34 -2.55 -1.80 -11.41
CA ASP A 34 -3.60 -2.22 -12.32
C ASP A 34 -4.60 -1.11 -12.60
N ASP A 35 -5.06 -0.44 -11.54
CA ASP A 35 -5.99 0.67 -11.72
C ASP A 35 -5.19 1.98 -11.73
N LEU A 36 -4.32 2.12 -10.71
CA LEU A 36 -3.44 3.31 -10.61
C LEU A 36 -2.42 3.26 -11.72
N ASP A 37 -1.78 2.09 -11.84
CA ASP A 37 -0.83 1.76 -12.89
C ASP A 37 0.47 2.51 -12.75
N VAL A 38 1.32 2.00 -11.92
CA VAL A 38 2.64 2.53 -11.81
C VAL A 38 3.60 1.75 -12.73
N ASP A 39 4.14 0.66 -12.24
CA ASP A 39 5.01 -0.21 -12.96
C ASP A 39 5.24 -1.36 -12.04
N SER A 40 5.89 -2.33 -12.53
CA SER A 40 6.05 -3.58 -11.89
C SER A 40 7.26 -3.54 -10.93
N LEU A 41 8.21 -2.68 -11.21
CA LEU A 41 9.43 -2.64 -10.43
C LEU A 41 9.25 -1.86 -9.14
N SER A 42 8.57 -0.74 -9.24
CA SER A 42 8.37 0.18 -8.14
C SER A 42 7.50 -0.46 -7.06
N MET A 43 6.75 -1.45 -7.47
CA MET A 43 5.80 -2.17 -6.64
C MET A 43 6.46 -2.78 -5.39
N VAL A 44 7.65 -3.34 -5.55
CA VAL A 44 8.32 -4.00 -4.43
C VAL A 44 8.75 -2.99 -3.39
N GLU A 45 9.03 -1.79 -3.83
CA GLU A 45 9.44 -0.74 -2.95
C GLU A 45 8.26 -0.27 -2.15
N VAL A 46 7.08 -0.29 -2.78
CA VAL A 46 5.83 0.06 -2.11
C VAL A 46 5.60 -0.94 -0.97
N VAL A 47 5.77 -2.22 -1.29
CA VAL A 47 5.66 -3.31 -0.31
C VAL A 47 6.63 -3.05 0.86
N VAL A 48 7.92 -3.05 0.56
CA VAL A 48 8.99 -2.80 1.54
C VAL A 48 8.76 -1.50 2.36
N ALA A 49 8.34 -0.43 1.70
CA ALA A 49 8.08 0.83 2.38
C ALA A 49 6.87 0.72 3.29
N ALA A 50 5.83 0.00 2.85
CA ALA A 50 4.62 -0.20 3.65
C ALA A 50 4.95 -0.95 4.92
N GLU A 51 5.91 -1.87 4.81
CA GLU A 51 6.41 -2.63 5.93
C GLU A 51 6.86 -1.69 7.04
N GLU A 52 7.76 -0.79 6.69
CA GLU A 52 8.34 0.17 7.64
C GLU A 52 7.33 1.24 8.06
N ARG A 53 6.48 1.63 7.13
CA ARG A 53 5.61 2.79 7.28
C ARG A 53 4.62 2.57 8.39
N PHE A 54 4.21 1.34 8.53
CA PHE A 54 3.26 0.99 9.52
C PHE A 54 3.88 0.04 10.53
N ASP A 55 5.15 -0.30 10.27
CA ASP A 55 5.95 -1.28 11.04
C ASP A 55 5.24 -2.65 11.10
N VAL A 56 4.39 -2.85 10.12
CA VAL A 56 3.51 -4.00 10.06
C VAL A 56 4.25 -5.23 9.49
N LYS A 57 5.25 -4.94 8.67
CA LYS A 57 6.06 -5.93 7.97
C LYS A 57 5.20 -6.88 7.11
N ILE A 58 4.94 -6.45 5.90
CA ILE A 58 4.17 -7.21 4.93
C ILE A 58 5.14 -7.77 3.91
N PRO A 59 5.45 -9.04 3.99
CA PRO A 59 6.35 -9.64 3.01
C PRO A 59 5.67 -9.70 1.63
N ASP A 60 6.48 -9.60 0.56
CA ASP A 60 5.99 -9.71 -0.82
C ASP A 60 5.09 -10.96 -1.01
N ASP A 61 5.32 -11.98 -0.18
CA ASP A 61 4.51 -13.20 -0.14
C ASP A 61 3.03 -12.92 0.12
N ASP A 62 2.71 -12.16 1.19
CA ASP A 62 1.29 -11.85 1.50
C ASP A 62 0.76 -10.81 0.57
N VAL A 63 1.67 -10.02 0.06
CA VAL A 63 1.39 -9.02 -0.92
C VAL A 63 0.81 -9.64 -2.21
N LYS A 64 1.08 -10.92 -2.44
CA LYS A 64 0.57 -11.63 -3.61
C LYS A 64 -0.95 -11.85 -3.50
N ASN A 65 -1.52 -11.55 -2.36
CA ASN A 65 -2.93 -11.75 -2.14
C ASN A 65 -3.60 -10.39 -2.09
N LEU A 66 -2.78 -9.37 -1.94
CA LEU A 66 -3.21 -8.01 -1.91
C LEU A 66 -3.16 -7.50 -3.33
N LYS A 67 -4.11 -6.75 -3.68
CA LYS A 67 -4.17 -6.18 -5.03
C LYS A 67 -4.62 -4.72 -5.04
N THR A 68 -5.30 -4.31 -4.01
CA THR A 68 -5.76 -2.96 -3.94
C THR A 68 -5.14 -2.25 -2.76
N VAL A 69 -5.26 -0.95 -2.78
CA VAL A 69 -4.88 -0.08 -1.68
C VAL A 69 -5.64 -0.46 -0.42
N GLY A 70 -6.95 -0.69 -0.57
CA GLY A 70 -7.77 -1.06 0.54
C GLY A 70 -7.47 -2.44 1.03
N ASP A 71 -7.08 -3.32 0.13
CA ASP A 71 -6.77 -4.70 0.48
C ASP A 71 -5.50 -4.72 1.29
N ALA A 72 -4.51 -3.93 0.83
CA ALA A 72 -3.25 -3.77 1.54
C ALA A 72 -3.54 -3.24 2.93
N THR A 73 -4.24 -2.11 2.98
CA THR A 73 -4.73 -1.53 4.20
C THR A 73 -5.43 -2.55 5.10
N LYS A 74 -6.32 -3.35 4.55
CA LYS A 74 -7.08 -4.34 5.32
C LYS A 74 -6.13 -5.35 5.99
N TYR A 75 -5.08 -5.70 5.30
CA TYR A 75 -4.09 -6.62 5.83
C TYR A 75 -3.32 -5.93 6.95
N ILE A 76 -2.99 -4.68 6.72
CA ILE A 76 -2.28 -3.87 7.67
C ILE A 76 -3.15 -3.61 8.88
N LEU A 77 -4.41 -3.28 8.63
CA LEU A 77 -5.43 -3.08 9.65
C LEU A 77 -5.45 -4.25 10.62
N ASP A 78 -5.30 -5.42 10.07
CA ASP A 78 -5.34 -6.67 10.82
C ASP A 78 -3.99 -6.98 11.46
N HIS A 79 -2.93 -6.69 10.75
CA HIS A 79 -1.55 -7.01 11.13
C HIS A 79 -0.80 -5.91 11.86
N GLN A 80 -1.50 -4.82 12.17
CA GLN A 80 -0.96 -3.64 12.89
C GLN A 80 0.04 -3.99 14.00
N ALA A 81 1.15 -3.28 14.03
CA ALA A 81 2.14 -3.48 15.04
C ALA A 81 1.95 -2.44 16.11
N ALA A 1 -0.68 0.05 15.39
CA ALA A 1 -2.09 0.09 15.00
C ALA A 1 -2.41 1.46 14.46
N ALA A 2 -3.27 1.55 13.45
CA ALA A 2 -3.59 2.84 12.90
C ALA A 2 -4.95 2.78 12.30
N THR A 3 -5.55 3.91 12.12
CA THR A 3 -6.83 4.00 11.52
C THR A 3 -6.62 3.74 10.05
N GLN A 4 -7.47 2.91 9.46
CA GLN A 4 -7.36 2.53 8.05
C GLN A 4 -7.24 3.72 7.10
N GLU A 5 -7.76 4.85 7.52
CA GLU A 5 -7.68 6.09 6.76
C GLU A 5 -6.24 6.53 6.64
N GLU A 6 -5.50 6.34 7.71
CA GLU A 6 -4.12 6.71 7.74
C GLU A 6 -3.28 5.61 7.09
N ILE A 7 -3.78 4.40 7.09
CA ILE A 7 -3.11 3.30 6.43
C ILE A 7 -3.13 3.58 4.93
N VAL A 8 -4.31 3.69 4.36
CA VAL A 8 -4.48 4.05 2.95
C VAL A 8 -3.74 5.38 2.63
N ALA A 9 -3.77 6.32 3.56
CA ALA A 9 -3.06 7.60 3.38
C ALA A 9 -1.55 7.36 3.31
N GLY A 10 -1.06 6.48 4.19
CA GLY A 10 0.33 6.11 4.20
C GLY A 10 0.69 5.42 2.91
N LEU A 11 -0.16 4.53 2.46
CA LEU A 11 0.02 3.86 1.20
C LEU A 11 0.10 4.89 0.08
N ALA A 12 -0.83 5.82 0.08
CA ALA A 12 -0.92 6.88 -0.90
C ALA A 12 0.35 7.72 -0.97
N GLU A 13 0.88 8.08 0.20
CA GLU A 13 2.09 8.90 0.24
C GLU A 13 3.30 8.14 -0.29
N ILE A 14 3.36 6.87 0.03
CA ILE A 14 4.39 5.98 -0.45
C ILE A 14 4.29 5.84 -1.97
N VAL A 15 3.08 5.61 -2.45
CA VAL A 15 2.82 5.52 -3.88
C VAL A 15 3.27 6.80 -4.60
N ASN A 16 2.96 7.93 -4.03
CA ASN A 16 3.34 9.21 -4.65
C ASN A 16 4.86 9.37 -4.73
N GLU A 17 5.55 8.84 -3.74
CA GLU A 17 7.00 8.94 -3.67
C GLU A 17 7.68 7.89 -4.58
N ILE A 18 7.18 6.67 -4.60
CA ILE A 18 7.79 5.59 -5.38
C ILE A 18 7.19 5.49 -6.79
N ALA A 19 5.87 5.37 -6.89
CA ALA A 19 5.19 5.23 -8.18
C ALA A 19 5.14 6.58 -8.88
N GLY A 20 4.91 7.62 -8.11
CA GLY A 20 4.81 8.97 -8.65
C GLY A 20 3.38 9.32 -8.95
N ILE A 21 2.47 8.55 -8.40
CA ILE A 21 1.06 8.70 -8.65
C ILE A 21 0.40 9.46 -7.50
N PRO A 22 -0.48 10.44 -7.83
CA PRO A 22 -1.28 11.20 -6.89
C PRO A 22 -1.74 10.44 -5.66
N VAL A 23 -1.45 11.04 -4.51
CA VAL A 23 -1.84 10.54 -3.19
C VAL A 23 -3.35 10.47 -3.15
N GLU A 24 -3.92 11.38 -3.85
CA GLU A 24 -5.32 11.57 -3.85
C GLU A 24 -6.02 10.82 -4.97
N ASP A 25 -5.27 10.03 -5.70
CA ASP A 25 -5.89 9.14 -6.66
C ASP A 25 -5.91 7.77 -6.05
N VAL A 26 -5.16 7.63 -4.98
CA VAL A 26 -5.04 6.41 -4.23
C VAL A 26 -6.26 6.28 -3.30
N LYS A 27 -7.37 6.00 -3.93
CA LYS A 27 -8.62 5.77 -3.31
C LYS A 27 -8.65 4.32 -2.89
N LEU A 28 -9.60 3.93 -2.10
CA LEU A 28 -9.59 2.62 -1.48
C LEU A 28 -10.08 1.51 -2.41
N ASP A 29 -10.52 1.88 -3.55
CA ASP A 29 -11.02 0.95 -4.51
C ASP A 29 -10.05 0.88 -5.67
N LYS A 30 -8.85 1.34 -5.42
CA LYS A 30 -7.81 1.38 -6.44
C LYS A 30 -6.86 0.19 -6.34
N SER A 31 -6.45 -0.31 -7.46
CA SER A 31 -5.42 -1.30 -7.51
C SER A 31 -4.15 -0.60 -7.93
N PHE A 32 -3.17 -0.64 -7.05
CA PHE A 32 -1.82 -0.11 -7.29
C PHE A 32 -1.33 -0.26 -8.75
N THR A 33 -0.82 -1.41 -9.11
CA THR A 33 -0.32 -1.63 -10.47
C THR A 33 -1.39 -1.93 -11.53
N ASP A 34 -2.41 -1.12 -11.56
CA ASP A 34 -3.47 -1.25 -12.55
C ASP A 34 -4.23 0.05 -12.66
N ASP A 35 -4.89 0.42 -11.58
CA ASP A 35 -5.69 1.64 -11.52
C ASP A 35 -4.81 2.84 -11.34
N LEU A 36 -3.88 2.73 -10.43
CA LEU A 36 -2.96 3.82 -10.15
C LEU A 36 -1.84 3.85 -11.17
N ASP A 37 -1.30 2.66 -11.40
CA ASP A 37 -0.18 2.37 -12.29
C ASP A 37 1.11 2.76 -11.64
N VAL A 38 1.67 1.81 -10.95
CA VAL A 38 2.88 2.00 -10.21
C VAL A 38 4.06 1.62 -11.09
N ASP A 39 4.46 0.39 -11.00
CA ASP A 39 5.58 -0.20 -11.71
C ASP A 39 5.73 -1.54 -11.08
N SER A 40 6.59 -2.34 -11.57
CA SER A 40 6.72 -3.66 -11.07
C SER A 40 7.85 -3.67 -10.04
N LEU A 41 8.81 -2.83 -10.26
CA LEU A 41 9.95 -2.75 -9.37
C LEU A 41 9.60 -1.87 -8.21
N SER A 42 8.85 -0.84 -8.52
CA SER A 42 8.43 0.13 -7.56
C SER A 42 7.41 -0.48 -6.62
N MET A 43 6.67 -1.46 -7.11
CA MET A 43 5.67 -2.16 -6.32
C MET A 43 6.31 -2.75 -5.08
N VAL A 44 7.41 -3.43 -5.28
CA VAL A 44 8.13 -4.09 -4.22
C VAL A 44 8.62 -3.06 -3.20
N GLU A 45 8.95 -1.86 -3.69
CA GLU A 45 9.46 -0.84 -2.82
C GLU A 45 8.32 -0.28 -1.99
N VAL A 46 7.12 -0.21 -2.60
CA VAL A 46 5.92 0.22 -1.90
C VAL A 46 5.61 -0.77 -0.78
N VAL A 47 5.68 -2.06 -1.12
CA VAL A 47 5.48 -3.16 -0.15
C VAL A 47 6.45 -2.96 1.04
N VAL A 48 7.75 -3.00 0.74
CA VAL A 48 8.80 -2.73 1.74
C VAL A 48 8.54 -1.43 2.55
N ALA A 49 8.15 -0.36 1.86
CA ALA A 49 7.90 0.93 2.51
C ALA A 49 6.70 0.86 3.46
N ALA A 50 5.74 -0.01 3.17
CA ALA A 50 4.59 -0.19 4.05
C ALA A 50 5.04 -0.77 5.37
N GLU A 51 6.02 -1.67 5.30
CA GLU A 51 6.58 -2.28 6.49
C GLU A 51 7.26 -1.23 7.32
N GLU A 52 7.94 -0.34 6.64
CA GLU A 52 8.71 0.69 7.26
C GLU A 52 7.81 1.81 7.80
N ARG A 53 6.67 1.99 7.19
CA ARG A 53 5.78 3.07 7.57
C ARG A 53 4.84 2.61 8.69
N PHE A 54 4.25 1.44 8.53
CA PHE A 54 3.22 0.97 9.45
C PHE A 54 3.78 0.03 10.52
N ASP A 55 5.05 -0.37 10.33
CA ASP A 55 5.81 -1.26 11.25
C ASP A 55 5.33 -2.72 11.17
N VAL A 56 4.47 -2.98 10.22
CA VAL A 56 3.93 -4.31 10.00
C VAL A 56 4.70 -5.00 8.87
N LYS A 57 5.11 -6.21 9.11
CA LYS A 57 5.85 -6.99 8.15
C LYS A 57 4.93 -7.53 7.08
N ILE A 58 5.11 -7.05 5.89
CA ILE A 58 4.34 -7.48 4.75
C ILE A 58 5.32 -7.82 3.65
N PRO A 59 5.61 -9.08 3.44
CA PRO A 59 6.51 -9.48 2.40
C PRO A 59 5.76 -9.70 1.08
N ASP A 60 6.50 -9.70 -0.02
CA ASP A 60 5.99 -10.04 -1.36
C ASP A 60 5.18 -11.35 -1.34
N ASP A 61 5.58 -12.26 -0.48
CA ASP A 61 4.89 -13.55 -0.29
C ASP A 61 3.41 -13.34 0.01
N ASP A 62 3.13 -12.48 0.98
CA ASP A 62 1.77 -12.20 1.45
C ASP A 62 1.10 -11.17 0.61
N VAL A 63 1.89 -10.26 0.09
CA VAL A 63 1.39 -9.14 -0.68
C VAL A 63 0.58 -9.61 -1.89
N LYS A 64 0.85 -10.83 -2.34
CA LYS A 64 0.19 -11.42 -3.49
C LYS A 64 -1.30 -11.70 -3.24
N ASN A 65 -1.74 -11.54 -2.01
CA ASN A 65 -3.12 -11.80 -1.61
C ASN A 65 -3.89 -10.51 -1.46
N LEU A 66 -3.24 -9.40 -1.74
CA LEU A 66 -3.87 -8.11 -1.50
C LEU A 66 -4.48 -7.52 -2.76
N LYS A 67 -3.64 -7.19 -3.74
CA LYS A 67 -4.00 -6.60 -5.08
C LYS A 67 -4.70 -5.22 -5.10
N THR A 68 -5.34 -4.85 -4.03
CA THR A 68 -5.95 -3.56 -3.93
C THR A 68 -5.52 -2.83 -2.66
N VAL A 69 -5.63 -1.51 -2.68
CA VAL A 69 -5.23 -0.63 -1.55
C VAL A 69 -5.96 -0.97 -0.25
N GLY A 70 -7.27 -1.06 -0.31
CA GLY A 70 -8.08 -1.39 0.85
C GLY A 70 -7.75 -2.76 1.39
N ASP A 71 -7.42 -3.67 0.50
CA ASP A 71 -7.07 -5.03 0.89
C ASP A 71 -5.71 -5.08 1.53
N ALA A 72 -4.80 -4.26 1.01
CA ALA A 72 -3.49 -4.10 1.62
C ALA A 72 -3.70 -3.61 3.04
N THR A 73 -4.40 -2.49 3.16
CA THR A 73 -4.85 -1.91 4.39
C THR A 73 -5.53 -2.95 5.31
N LYS A 74 -6.36 -3.80 4.75
CA LYS A 74 -7.09 -4.81 5.51
C LYS A 74 -6.10 -5.76 6.22
N TYR A 75 -5.01 -6.08 5.53
CA TYR A 75 -3.98 -6.97 6.06
C TYR A 75 -3.23 -6.21 7.13
N ILE A 76 -2.91 -4.98 6.82
CA ILE A 76 -2.22 -4.07 7.69
C ILE A 76 -3.02 -3.86 8.96
N LEU A 77 -4.29 -3.52 8.83
CA LEU A 77 -5.17 -3.29 9.98
C LEU A 77 -5.26 -4.53 10.87
N ASP A 78 -5.20 -5.66 10.26
CA ASP A 78 -5.30 -6.92 11.00
C ASP A 78 -3.96 -7.27 11.64
N HIS A 79 -2.93 -7.02 10.90
CA HIS A 79 -1.56 -7.33 11.29
C HIS A 79 -0.88 -6.19 12.03
N GLN A 80 -1.64 -5.13 12.32
CA GLN A 80 -1.18 -3.94 13.05
C GLN A 80 -0.21 -4.20 14.17
N ALA A 81 0.87 -3.48 14.12
CA ALA A 81 1.83 -3.48 15.15
C ALA A 81 1.64 -2.19 15.93
N ALA A 1 -4.37 -0.55 16.79
CA ALA A 1 -4.33 -0.67 15.33
C ALA A 1 -4.11 0.70 14.74
N ALA A 2 -4.00 0.78 13.44
CA ALA A 2 -3.80 2.03 12.78
C ALA A 2 -5.05 2.32 12.06
N THR A 3 -5.41 3.55 11.99
CA THR A 3 -6.62 3.98 11.38
C THR A 3 -6.58 3.63 9.89
N GLN A 4 -7.55 2.86 9.42
CA GLN A 4 -7.58 2.36 8.04
C GLN A 4 -7.43 3.49 7.01
N GLU A 5 -7.95 4.65 7.35
CA GLU A 5 -7.89 5.83 6.50
C GLU A 5 -6.47 6.37 6.47
N GLU A 6 -5.80 6.19 7.58
CA GLU A 6 -4.44 6.62 7.75
C GLU A 6 -3.51 5.62 7.09
N ILE A 7 -3.94 4.38 7.05
CA ILE A 7 -3.22 3.34 6.37
C ILE A 7 -3.26 3.62 4.87
N VAL A 8 -4.46 3.76 4.34
CA VAL A 8 -4.65 4.10 2.93
C VAL A 8 -3.95 5.44 2.57
N ALA A 9 -3.94 6.38 3.51
CA ALA A 9 -3.26 7.64 3.31
C ALA A 9 -1.75 7.44 3.31
N GLY A 10 -1.28 6.56 4.18
CA GLY A 10 0.10 6.22 4.27
C GLY A 10 0.55 5.56 3.02
N LEU A 11 -0.25 4.64 2.55
CA LEU A 11 0.00 3.97 1.29
C LEU A 11 0.07 4.99 0.15
N ALA A 12 -0.86 5.93 0.16
CA ALA A 12 -0.93 6.99 -0.84
C ALA A 12 0.35 7.81 -0.90
N GLU A 13 0.88 8.16 0.27
CA GLU A 13 2.11 8.95 0.30
C GLU A 13 3.31 8.15 -0.20
N ILE A 14 3.32 6.87 0.13
CA ILE A 14 4.31 5.93 -0.36
C ILE A 14 4.23 5.84 -1.88
N VAL A 15 3.01 5.72 -2.39
CA VAL A 15 2.76 5.66 -3.81
C VAL A 15 3.24 6.93 -4.51
N ASN A 16 2.94 8.08 -3.96
CA ASN A 16 3.38 9.34 -4.58
C ASN A 16 4.91 9.45 -4.58
N GLU A 17 5.51 8.91 -3.56
CA GLU A 17 6.95 8.86 -3.40
C GLU A 17 7.60 7.89 -4.41
N ILE A 18 7.14 6.65 -4.42
CA ILE A 18 7.76 5.60 -5.22
C ILE A 18 7.14 5.48 -6.64
N ALA A 19 5.84 5.35 -6.71
CA ALA A 19 5.14 5.21 -8.00
C ALA A 19 5.12 6.54 -8.71
N GLY A 20 4.84 7.59 -7.95
CA GLY A 20 4.76 8.93 -8.49
C GLY A 20 3.35 9.24 -8.92
N ILE A 21 2.39 8.76 -8.15
CA ILE A 21 0.97 8.94 -8.46
C ILE A 21 0.32 9.77 -7.35
N PRO A 22 -0.57 10.75 -7.72
CA PRO A 22 -1.36 11.56 -6.80
C PRO A 22 -1.79 10.86 -5.53
N VAL A 23 -1.52 11.52 -4.41
CA VAL A 23 -1.82 11.02 -3.05
C VAL A 23 -3.34 10.97 -2.85
N GLU A 24 -4.04 11.47 -3.82
CA GLU A 24 -5.45 11.57 -3.77
C GLU A 24 -6.13 10.61 -4.73
N ASP A 25 -5.34 9.99 -5.60
CA ASP A 25 -5.92 9.03 -6.56
C ASP A 25 -5.83 7.67 -5.94
N VAL A 26 -4.98 7.58 -4.95
CA VAL A 26 -4.71 6.36 -4.22
C VAL A 26 -5.79 6.16 -3.15
N LYS A 27 -6.98 6.05 -3.61
CA LYS A 27 -8.13 5.78 -2.82
C LYS A 27 -8.33 4.28 -2.76
N LEU A 28 -9.25 3.81 -1.95
CA LEU A 28 -9.36 2.38 -1.59
C LEU A 28 -9.82 1.47 -2.76
N ASP A 29 -10.07 2.09 -3.86
CA ASP A 29 -10.51 1.46 -5.10
C ASP A 29 -9.30 0.98 -5.89
N LYS A 30 -8.16 1.48 -5.52
CA LYS A 30 -6.99 1.32 -6.34
C LYS A 30 -6.25 0.01 -6.19
N SER A 31 -6.06 -0.64 -7.33
CA SER A 31 -5.42 -1.92 -7.47
C SER A 31 -3.93 -1.79 -7.82
N PHE A 32 -3.34 -0.65 -7.49
CA PHE A 32 -1.92 -0.39 -7.75
C PHE A 32 -1.55 -0.50 -9.22
N THR A 33 -0.82 -1.55 -9.57
CA THR A 33 -0.42 -1.81 -10.94
C THR A 33 -1.56 -2.33 -11.81
N ASP A 34 -2.61 -1.56 -11.85
CA ASP A 34 -3.78 -1.87 -12.60
C ASP A 34 -4.59 -0.61 -12.81
N ASP A 35 -4.81 0.12 -11.73
CA ASP A 35 -5.59 1.36 -11.83
C ASP A 35 -4.70 2.60 -11.67
N LEU A 36 -3.76 2.54 -10.74
CA LEU A 36 -2.82 3.65 -10.53
C LEU A 36 -1.76 3.64 -11.62
N ASP A 37 -1.34 2.43 -11.97
CA ASP A 37 -0.30 2.17 -12.97
C ASP A 37 1.01 2.61 -12.41
N VAL A 38 1.68 1.67 -11.82
CA VAL A 38 2.87 1.94 -11.06
C VAL A 38 4.11 1.46 -11.84
N ASP A 39 4.51 0.23 -11.56
CA ASP A 39 5.67 -0.45 -12.12
C ASP A 39 5.85 -1.63 -11.19
N SER A 40 6.86 -2.39 -11.37
CA SER A 40 7.08 -3.52 -10.54
C SER A 40 8.24 -3.28 -9.62
N LEU A 41 9.17 -2.50 -10.08
CA LEU A 41 10.33 -2.15 -9.30
C LEU A 41 9.86 -1.22 -8.22
N SER A 42 8.92 -0.40 -8.62
CA SER A 42 8.28 0.54 -7.77
C SER A 42 7.36 -0.22 -6.81
N MET A 43 6.71 -1.28 -7.34
CA MET A 43 5.78 -2.11 -6.57
C MET A 43 6.47 -2.72 -5.36
N VAL A 44 7.64 -3.28 -5.60
CA VAL A 44 8.42 -3.91 -4.57
C VAL A 44 8.77 -2.90 -3.50
N GLU A 45 9.13 -1.68 -3.90
CA GLU A 45 9.49 -0.65 -2.96
C GLU A 45 8.27 -0.25 -2.14
N VAL A 46 7.10 -0.25 -2.77
CA VAL A 46 5.84 0.04 -2.08
C VAL A 46 5.62 -0.99 -0.97
N VAL A 47 5.84 -2.28 -1.28
CA VAL A 47 5.74 -3.36 -0.28
C VAL A 47 6.70 -3.05 0.86
N VAL A 48 8.00 -2.98 0.51
CA VAL A 48 9.09 -2.55 1.45
C VAL A 48 8.64 -1.35 2.33
N ALA A 49 8.26 -0.26 1.70
CA ALA A 49 7.86 0.96 2.39
C ALA A 49 6.62 0.78 3.26
N ALA A 50 5.67 -0.03 2.81
CA ALA A 50 4.46 -0.30 3.59
C ALA A 50 4.83 -0.96 4.91
N GLU A 51 5.76 -1.90 4.83
CA GLU A 51 6.28 -2.60 5.98
C GLU A 51 6.91 -1.61 6.95
N GLU A 52 7.68 -0.70 6.41
CA GLU A 52 8.41 0.28 7.20
C GLU A 52 7.52 1.43 7.70
N ARG A 53 6.45 1.70 7.00
CA ARG A 53 5.59 2.84 7.30
C ARG A 53 4.61 2.50 8.40
N PHE A 54 4.16 1.27 8.42
CA PHE A 54 3.18 0.88 9.41
C PHE A 54 3.77 -0.12 10.40
N ASP A 55 5.04 -0.47 10.17
CA ASP A 55 5.84 -1.44 10.99
C ASP A 55 5.29 -2.86 10.92
N VAL A 56 4.46 -3.10 9.95
CA VAL A 56 3.82 -4.37 9.77
C VAL A 56 4.52 -5.16 8.69
N LYS A 57 4.96 -6.32 9.06
CA LYS A 57 5.57 -7.24 8.13
C LYS A 57 4.56 -7.70 7.09
N ILE A 58 4.69 -7.16 5.91
CA ILE A 58 3.88 -7.54 4.78
C ILE A 58 4.83 -8.13 3.78
N PRO A 59 4.92 -9.45 3.70
CA PRO A 59 5.83 -10.09 2.80
C PRO A 59 5.40 -9.93 1.34
N ASP A 60 6.38 -9.76 0.46
CA ASP A 60 6.19 -9.78 -1.02
C ASP A 60 5.29 -10.93 -1.47
N ASP A 61 5.23 -11.99 -0.69
CA ASP A 61 4.36 -13.13 -0.94
C ASP A 61 2.92 -12.76 -0.65
N ASP A 62 2.64 -12.35 0.58
CA ASP A 62 1.26 -12.02 1.02
C ASP A 62 0.74 -10.81 0.33
N VAL A 63 1.63 -9.92 0.00
CA VAL A 63 1.26 -8.68 -0.64
C VAL A 63 0.58 -8.94 -2.00
N LYS A 64 0.86 -10.13 -2.59
CA LYS A 64 0.29 -10.49 -3.88
C LYS A 64 -1.20 -10.81 -3.73
N ASN A 65 -1.59 -11.09 -2.51
CA ASN A 65 -2.97 -11.46 -2.21
C ASN A 65 -3.79 -10.23 -1.90
N LEU A 66 -3.10 -9.15 -1.58
CA LEU A 66 -3.76 -7.91 -1.24
C LEU A 66 -4.27 -7.25 -2.50
N LYS A 67 -3.36 -6.81 -3.33
CA LYS A 67 -3.65 -6.17 -4.62
C LYS A 67 -4.20 -4.77 -4.56
N THR A 68 -5.06 -4.53 -3.66
CA THR A 68 -5.60 -3.24 -3.57
C THR A 68 -5.15 -2.55 -2.34
N VAL A 69 -5.18 -1.26 -2.40
CA VAL A 69 -4.86 -0.39 -1.30
C VAL A 69 -5.65 -0.77 -0.03
N GLY A 70 -6.95 -0.97 -0.19
CA GLY A 70 -7.81 -1.32 0.90
C GLY A 70 -7.56 -2.70 1.43
N ASP A 71 -7.16 -3.62 0.58
CA ASP A 71 -6.92 -5.00 1.00
C ASP A 71 -5.64 -5.02 1.79
N ALA A 72 -4.67 -4.23 1.30
CA ALA A 72 -3.41 -4.04 1.98
C ALA A 72 -3.69 -3.48 3.36
N THR A 73 -4.42 -2.38 3.39
CA THR A 73 -4.91 -1.78 4.60
C THR A 73 -5.57 -2.80 5.53
N LYS A 74 -6.46 -3.63 5.02
CA LYS A 74 -7.11 -4.68 5.81
C LYS A 74 -6.06 -5.61 6.47
N TYR A 75 -5.01 -5.92 5.73
CA TYR A 75 -3.96 -6.77 6.22
C TYR A 75 -3.19 -6.02 7.27
N ILE A 76 -2.85 -4.80 6.96
CA ILE A 76 -2.13 -3.92 7.85
C ILE A 76 -2.91 -3.71 9.12
N LEU A 77 -4.17 -3.35 8.98
CA LEU A 77 -5.08 -3.08 10.08
C LEU A 77 -5.13 -4.24 11.04
N ASP A 78 -5.18 -5.42 10.50
CA ASP A 78 -5.35 -6.62 11.32
C ASP A 78 -4.04 -7.13 11.85
N HIS A 79 -3.04 -7.12 11.01
CA HIS A 79 -1.73 -7.65 11.35
C HIS A 79 -1.03 -6.73 12.32
N GLN A 80 -0.89 -5.44 11.92
CA GLN A 80 -0.14 -4.43 12.68
C GLN A 80 1.27 -4.90 13.10
N ALA A 81 1.92 -4.11 13.89
CA ALA A 81 3.18 -4.48 14.46
C ALA A 81 2.90 -4.94 15.87
N ALA A 1 -2.06 -0.38 15.87
CA ALA A 1 -3.41 -0.17 15.32
C ALA A 1 -3.48 1.21 14.71
N ALA A 2 -3.93 1.29 13.47
CA ALA A 2 -3.93 2.54 12.79
C ALA A 2 -5.27 2.76 12.20
N THR A 3 -5.61 3.97 12.02
CA THR A 3 -6.88 4.35 11.47
C THR A 3 -6.85 3.96 9.97
N GLN A 4 -7.84 3.24 9.50
CA GLN A 4 -7.85 2.66 8.13
C GLN A 4 -7.50 3.63 6.98
N GLU A 5 -7.98 4.84 7.06
CA GLU A 5 -7.73 5.83 6.01
C GLU A 5 -6.34 6.41 6.18
N GLU A 6 -5.86 6.35 7.38
CA GLU A 6 -4.53 6.77 7.75
C GLU A 6 -3.55 5.71 7.25
N ILE A 7 -4.03 4.47 7.21
CA ILE A 7 -3.31 3.36 6.62
C ILE A 7 -3.19 3.65 5.12
N VAL A 8 -4.32 3.84 4.46
CA VAL A 8 -4.37 4.19 3.05
C VAL A 8 -3.52 5.46 2.76
N ALA A 9 -3.55 6.41 3.67
CA ALA A 9 -2.76 7.64 3.55
C ALA A 9 -1.26 7.33 3.58
N GLY A 10 -0.85 6.41 4.45
CA GLY A 10 0.54 6.00 4.51
C GLY A 10 0.92 5.32 3.24
N LEU A 11 0.02 4.53 2.71
CA LEU A 11 0.21 3.88 1.44
C LEU A 11 0.37 4.93 0.35
N ALA A 12 -0.55 5.87 0.33
CA ALA A 12 -0.60 6.95 -0.65
C ALA A 12 0.68 7.75 -0.69
N GLU A 13 1.22 8.08 0.47
CA GLU A 13 2.45 8.87 0.54
C GLU A 13 3.65 8.10 -0.01
N ILE A 14 3.65 6.82 0.22
CA ILE A 14 4.66 5.91 -0.30
C ILE A 14 4.50 5.81 -1.82
N VAL A 15 3.28 5.56 -2.25
CA VAL A 15 2.94 5.45 -3.66
C VAL A 15 3.36 6.72 -4.40
N ASN A 16 3.02 7.86 -3.87
CA ASN A 16 3.36 9.12 -4.52
C ASN A 16 4.86 9.31 -4.63
N GLU A 17 5.56 8.79 -3.67
CA GLU A 17 7.00 8.88 -3.61
C GLU A 17 7.67 7.89 -4.59
N ILE A 18 7.27 6.65 -4.52
CA ILE A 18 7.88 5.58 -5.31
C ILE A 18 7.22 5.42 -6.70
N ALA A 19 5.92 5.25 -6.71
CA ALA A 19 5.16 5.04 -7.93
C ALA A 19 5.00 6.35 -8.68
N GLY A 20 4.82 7.42 -7.92
CA GLY A 20 4.62 8.74 -8.48
C GLY A 20 3.17 8.97 -8.79
N ILE A 21 2.30 8.39 -8.00
CA ILE A 21 0.87 8.46 -8.23
C ILE A 21 0.18 9.32 -7.16
N PRO A 22 -0.70 10.26 -7.60
CA PRO A 22 -1.55 11.09 -6.76
C PRO A 22 -2.01 10.45 -5.47
N VAL A 23 -1.69 11.14 -4.40
CA VAL A 23 -2.00 10.72 -3.04
C VAL A 23 -3.49 10.50 -2.89
N GLU A 24 -4.28 11.30 -3.57
CA GLU A 24 -5.69 11.21 -3.44
C GLU A 24 -6.35 10.40 -4.55
N ASP A 25 -5.55 9.86 -5.44
CA ASP A 25 -6.07 8.95 -6.44
C ASP A 25 -6.05 7.59 -5.81
N VAL A 26 -5.16 7.45 -4.84
CA VAL A 26 -5.03 6.29 -3.98
C VAL A 26 -6.22 6.28 -2.99
N LYS A 27 -7.34 5.83 -3.51
CA LYS A 27 -8.57 5.68 -2.78
C LYS A 27 -8.62 4.28 -2.22
N LEU A 28 -9.75 3.58 -2.30
CA LEU A 28 -9.78 2.18 -1.88
C LEU A 28 -10.04 1.25 -3.05
N ASP A 29 -10.48 1.85 -4.13
CA ASP A 29 -10.95 1.16 -5.36
C ASP A 29 -9.77 0.93 -6.28
N LYS A 30 -8.65 1.31 -5.79
CA LYS A 30 -7.48 1.34 -6.60
C LYS A 30 -6.59 0.13 -6.43
N SER A 31 -6.45 -0.61 -7.48
CA SER A 31 -5.50 -1.64 -7.53
C SER A 31 -4.22 -0.99 -8.00
N PHE A 32 -3.22 -0.94 -7.13
CA PHE A 32 -1.89 -0.39 -7.42
C PHE A 32 -1.44 -0.54 -8.88
N THR A 33 -0.90 -1.67 -9.24
CA THR A 33 -0.51 -1.89 -10.62
C THR A 33 -1.65 -2.31 -11.54
N ASP A 34 -2.61 -1.40 -11.72
CA ASP A 34 -3.72 -1.58 -12.66
C ASP A 34 -4.59 -0.35 -12.71
N ASP A 35 -5.03 0.09 -11.55
CA ASP A 35 -5.86 1.31 -11.42
C ASP A 35 -5.00 2.53 -11.26
N LEU A 36 -4.02 2.43 -10.37
CA LEU A 36 -3.12 3.55 -10.11
C LEU A 36 -2.11 3.66 -11.22
N ASP A 37 -1.58 2.51 -11.61
CA ASP A 37 -0.62 2.32 -12.70
C ASP A 37 0.76 2.70 -12.21
N VAL A 38 1.42 1.72 -11.63
CA VAL A 38 2.70 1.89 -11.06
C VAL A 38 3.76 1.35 -12.04
N ASP A 39 4.28 0.19 -11.77
CA ASP A 39 5.35 -0.46 -12.55
C ASP A 39 5.69 -1.75 -11.82
N SER A 40 6.70 -2.43 -12.26
CA SER A 40 7.10 -3.69 -11.66
C SER A 40 7.98 -3.42 -10.45
N LEU A 41 8.91 -2.51 -10.62
CA LEU A 41 9.98 -2.29 -9.66
C LEU A 41 9.54 -1.50 -8.46
N SER A 42 8.82 -0.45 -8.72
CA SER A 42 8.37 0.46 -7.72
C SER A 42 7.32 -0.19 -6.84
N MET A 43 6.66 -1.20 -7.37
CA MET A 43 5.66 -1.96 -6.66
C MET A 43 6.27 -2.65 -5.45
N VAL A 44 7.44 -3.22 -5.65
CA VAL A 44 8.13 -3.95 -4.64
C VAL A 44 8.65 -2.98 -3.58
N GLU A 45 9.00 -1.77 -4.00
CA GLU A 45 9.47 -0.75 -3.11
C GLU A 45 8.33 -0.29 -2.21
N VAL A 46 7.12 -0.21 -2.79
CA VAL A 46 5.92 0.14 -2.03
C VAL A 46 5.72 -0.87 -0.90
N VAL A 47 5.81 -2.16 -1.23
CA VAL A 47 5.72 -3.25 -0.23
C VAL A 47 6.76 -3.02 0.87
N VAL A 48 8.03 -3.06 0.48
CA VAL A 48 9.19 -2.80 1.37
C VAL A 48 8.96 -1.56 2.27
N ALA A 49 8.64 -0.43 1.67
CA ALA A 49 8.43 0.81 2.40
C ALA A 49 7.23 0.72 3.34
N ALA A 50 6.18 0.03 2.92
CA ALA A 50 4.98 -0.13 3.74
C ALA A 50 5.30 -0.88 5.03
N GLU A 51 6.18 -1.86 4.95
CA GLU A 51 6.59 -2.62 6.11
C GLU A 51 7.18 -1.67 7.16
N GLU A 52 8.05 -0.80 6.74
CA GLU A 52 8.70 0.13 7.63
C GLU A 52 7.77 1.28 8.04
N ARG A 53 7.00 1.79 7.11
CA ARG A 53 6.19 2.98 7.33
C ARG A 53 5.08 2.71 8.31
N PHE A 54 4.56 1.52 8.24
CA PHE A 54 3.45 1.12 9.06
C PHE A 54 3.95 0.35 10.30
N ASP A 55 5.27 0.14 10.33
CA ASP A 55 5.97 -0.58 11.44
C ASP A 55 5.51 -2.02 11.57
N VAL A 56 4.93 -2.52 10.52
CA VAL A 56 4.41 -3.86 10.50
C VAL A 56 5.27 -4.72 9.58
N LYS A 57 4.80 -5.88 9.24
CA LYS A 57 5.43 -6.70 8.26
C LYS A 57 4.43 -7.10 7.25
N ILE A 58 4.68 -6.74 6.04
CA ILE A 58 3.86 -7.09 4.92
C ILE A 58 4.79 -7.70 3.91
N PRO A 59 5.06 -8.99 4.01
CA PRO A 59 6.03 -9.64 3.17
C PRO A 59 5.60 -9.72 1.73
N ASP A 60 6.58 -9.57 0.82
CA ASP A 60 6.42 -9.74 -0.64
C ASP A 60 5.58 -10.97 -1.01
N ASP A 61 5.61 -11.98 -0.18
CA ASP A 61 4.82 -13.18 -0.39
C ASP A 61 3.31 -12.91 -0.20
N ASP A 62 2.94 -12.46 0.99
CA ASP A 62 1.51 -12.25 1.34
C ASP A 62 0.93 -11.03 0.72
N VAL A 63 1.79 -10.11 0.38
CA VAL A 63 1.39 -8.86 -0.22
C VAL A 63 0.73 -9.10 -1.60
N LYS A 64 1.04 -10.25 -2.21
CA LYS A 64 0.54 -10.61 -3.52
C LYS A 64 -0.94 -10.98 -3.50
N ASN A 65 -1.54 -10.97 -2.34
CA ASN A 65 -2.97 -11.23 -2.19
C ASN A 65 -3.66 -9.90 -1.85
N LEU A 66 -2.92 -8.82 -1.90
CA LEU A 66 -3.48 -7.54 -1.59
C LEU A 66 -3.90 -6.83 -2.86
N LYS A 67 -2.95 -6.44 -3.70
CA LYS A 67 -3.16 -5.76 -5.01
C LYS A 67 -3.90 -4.40 -4.98
N THR A 68 -4.77 -4.19 -4.02
CA THR A 68 -5.39 -2.90 -3.90
C THR A 68 -4.91 -2.22 -2.66
N VAL A 69 -5.25 -0.98 -2.59
CA VAL A 69 -5.03 -0.16 -1.44
C VAL A 69 -5.97 -0.61 -0.30
N GLY A 70 -7.17 -1.02 -0.66
CA GLY A 70 -8.15 -1.47 0.30
C GLY A 70 -7.77 -2.80 0.90
N ASP A 71 -7.41 -3.75 0.04
CA ASP A 71 -6.98 -5.08 0.50
C ASP A 71 -5.73 -4.96 1.36
N ALA A 72 -4.83 -4.06 0.95
CA ALA A 72 -3.61 -3.79 1.72
C ALA A 72 -3.97 -3.36 3.12
N THR A 73 -4.71 -2.27 3.23
CA THR A 73 -5.25 -1.75 4.47
C THR A 73 -5.93 -2.84 5.31
N LYS A 74 -6.71 -3.68 4.68
CA LYS A 74 -7.42 -4.77 5.32
C LYS A 74 -6.43 -5.72 6.03
N TYR A 75 -5.30 -5.97 5.37
CA TYR A 75 -4.25 -6.81 5.92
C TYR A 75 -3.47 -6.03 6.96
N ILE A 76 -3.22 -4.77 6.68
CA ILE A 76 -2.45 -3.93 7.57
C ILE A 76 -3.20 -3.72 8.86
N LEU A 77 -4.50 -3.50 8.76
CA LEU A 77 -5.34 -3.30 9.93
C LEU A 77 -5.40 -4.58 10.75
N ASP A 78 -5.17 -5.68 10.09
CA ASP A 78 -5.19 -7.00 10.74
C ASP A 78 -3.83 -7.30 11.37
N HIS A 79 -2.80 -6.96 10.65
CA HIS A 79 -1.41 -7.25 11.04
C HIS A 79 -0.79 -6.11 11.83
N GLN A 80 -1.62 -5.10 12.14
CA GLN A 80 -1.24 -3.91 12.93
C GLN A 80 -0.24 -4.15 14.04
N ALA A 81 0.69 -3.23 14.13
CA ALA A 81 1.69 -3.25 15.14
C ALA A 81 1.69 -1.89 15.81
N ALA A 1 -1.21 0.25 15.85
CA ALA A 1 -2.49 0.20 15.14
C ALA A 1 -2.76 1.56 14.54
N ALA A 2 -3.48 1.62 13.40
CA ALA A 2 -3.70 2.87 12.76
C ALA A 2 -5.04 2.82 12.16
N THR A 3 -5.65 3.94 11.95
CA THR A 3 -6.94 3.95 11.34
C THR A 3 -6.75 3.47 9.92
N GLN A 4 -7.78 2.98 9.33
CA GLN A 4 -7.67 2.46 8.01
C GLN A 4 -7.42 3.57 7.00
N GLU A 5 -7.77 4.77 7.40
CA GLU A 5 -7.53 5.96 6.60
C GLU A 5 -6.06 6.28 6.65
N GLU A 6 -5.50 6.14 7.85
CA GLU A 6 -4.09 6.37 8.12
C GLU A 6 -3.26 5.39 7.29
N ILE A 7 -3.78 4.18 7.18
CA ILE A 7 -3.16 3.14 6.39
C ILE A 7 -3.14 3.57 4.93
N VAL A 8 -4.30 3.81 4.38
CA VAL A 8 -4.44 4.29 3.02
C VAL A 8 -3.62 5.58 2.77
N ALA A 9 -3.62 6.48 3.73
CA ALA A 9 -2.84 7.73 3.66
C ALA A 9 -1.35 7.41 3.62
N GLY A 10 -0.95 6.42 4.43
CA GLY A 10 0.40 5.98 4.46
C GLY A 10 0.78 5.36 3.15
N LEU A 11 -0.14 4.62 2.59
CA LEU A 11 0.04 4.05 1.28
C LEU A 11 0.18 5.17 0.25
N ALA A 12 -0.72 6.14 0.32
CA ALA A 12 -0.77 7.25 -0.59
C ALA A 12 0.55 8.04 -0.61
N GLU A 13 1.13 8.29 0.55
CA GLU A 13 2.40 9.02 0.63
C GLU A 13 3.54 8.23 0.00
N ILE A 14 3.58 6.95 0.30
CA ILE A 14 4.57 6.04 -0.23
C ILE A 14 4.42 5.94 -1.75
N VAL A 15 3.22 5.66 -2.19
CA VAL A 15 2.92 5.53 -3.60
C VAL A 15 3.22 6.82 -4.37
N ASN A 16 2.95 7.94 -3.77
CA ASN A 16 3.21 9.20 -4.45
C ASN A 16 4.69 9.41 -4.68
N GLU A 17 5.49 8.99 -3.71
CA GLU A 17 6.92 9.15 -3.78
C GLU A 17 7.58 8.06 -4.64
N ILE A 18 7.23 6.83 -4.40
CA ILE A 18 7.84 5.70 -5.09
C ILE A 18 7.22 5.48 -6.47
N ALA A 19 5.92 5.36 -6.52
CA ALA A 19 5.23 5.07 -7.77
C ALA A 19 5.07 6.34 -8.59
N GLY A 20 4.85 7.45 -7.91
CA GLY A 20 4.68 8.71 -8.59
C GLY A 20 3.23 9.01 -8.86
N ILE A 21 2.37 8.19 -8.31
CA ILE A 21 0.94 8.34 -8.51
C ILE A 21 0.38 9.21 -7.39
N PRO A 22 -0.42 10.25 -7.76
CA PRO A 22 -1.12 11.15 -6.84
C PRO A 22 -1.63 10.48 -5.57
N VAL A 23 -1.25 11.08 -4.42
CA VAL A 23 -1.71 10.70 -3.07
C VAL A 23 -3.24 10.63 -3.07
N GLU A 24 -3.79 11.49 -3.86
CA GLU A 24 -5.20 11.65 -3.91
C GLU A 24 -5.87 10.61 -4.80
N ASP A 25 -5.14 10.06 -5.75
CA ASP A 25 -5.71 9.03 -6.62
C ASP A 25 -5.62 7.71 -5.91
N VAL A 26 -4.74 7.66 -4.94
CA VAL A 26 -4.58 6.50 -4.08
C VAL A 26 -5.78 6.45 -3.10
N LYS A 27 -6.88 6.02 -3.64
CA LYS A 27 -8.13 5.87 -2.93
C LYS A 27 -8.21 4.47 -2.37
N LEU A 28 -9.37 3.86 -2.30
CA LEU A 28 -9.46 2.55 -1.68
C LEU A 28 -9.86 1.47 -2.71
N ASP A 29 -10.33 1.91 -3.84
CA ASP A 29 -10.75 1.01 -4.93
C ASP A 29 -9.56 0.69 -5.81
N LYS A 30 -8.49 1.40 -5.57
CA LYS A 30 -7.30 1.37 -6.40
C LYS A 30 -6.48 0.09 -6.29
N SER A 31 -6.44 -0.62 -7.36
CA SER A 31 -5.75 -1.87 -7.45
C SER A 31 -4.25 -1.72 -7.79
N PHE A 32 -3.60 -0.67 -7.28
CA PHE A 32 -2.17 -0.43 -7.53
C PHE A 32 -1.76 -0.51 -9.00
N THR A 33 -1.01 -1.51 -9.37
CA THR A 33 -0.52 -1.71 -10.74
C THR A 33 -1.60 -2.22 -11.71
N ASP A 34 -2.78 -1.73 -11.53
CA ASP A 34 -3.91 -2.03 -12.37
C ASP A 34 -4.73 -0.78 -12.53
N ASP A 35 -5.35 -0.31 -11.45
CA ASP A 35 -6.16 0.90 -11.55
C ASP A 35 -5.25 2.13 -11.61
N LEU A 36 -4.31 2.23 -10.66
CA LEU A 36 -3.34 3.33 -10.65
C LEU A 36 -2.45 3.19 -11.87
N ASP A 37 -1.92 1.97 -12.02
CA ASP A 37 -1.06 1.56 -13.13
C ASP A 37 0.24 2.32 -13.07
N VAL A 38 1.20 1.76 -12.41
CA VAL A 38 2.44 2.43 -12.30
C VAL A 38 3.65 1.64 -12.88
N ASP A 39 4.27 0.82 -12.09
CA ASP A 39 5.49 0.17 -12.47
C ASP A 39 5.61 -1.03 -11.59
N SER A 40 6.55 -1.82 -11.88
CA SER A 40 6.73 -3.08 -11.21
C SER A 40 7.73 -2.91 -10.10
N LEU A 41 8.74 -2.15 -10.38
CA LEU A 41 9.86 -2.00 -9.49
C LEU A 41 9.51 -1.05 -8.40
N SER A 42 8.57 -0.19 -8.69
CA SER A 42 8.07 0.75 -7.73
C SER A 42 7.07 0.04 -6.81
N MET A 43 6.43 -1.00 -7.32
CA MET A 43 5.42 -1.73 -6.56
C MET A 43 6.08 -2.46 -5.40
N VAL A 44 7.23 -3.02 -5.66
CA VAL A 44 7.98 -3.76 -4.69
C VAL A 44 8.48 -2.82 -3.59
N GLU A 45 8.85 -1.59 -3.98
CA GLU A 45 9.31 -0.59 -3.05
C GLU A 45 8.18 -0.18 -2.13
N VAL A 46 6.96 -0.14 -2.66
CA VAL A 46 5.78 0.17 -1.86
C VAL A 46 5.64 -0.88 -0.76
N VAL A 47 5.80 -2.15 -1.14
CA VAL A 47 5.81 -3.28 -0.19
C VAL A 47 6.86 -3.01 0.89
N VAL A 48 8.12 -2.92 0.46
CA VAL A 48 9.27 -2.57 1.35
C VAL A 48 8.89 -1.43 2.33
N ALA A 49 8.53 -0.28 1.77
CA ALA A 49 8.20 0.89 2.55
C ALA A 49 7.01 0.67 3.48
N ALA A 50 5.99 -0.04 3.01
CA ALA A 50 4.78 -0.31 3.81
C ALA A 50 5.14 -1.07 5.09
N GLU A 51 6.09 -1.98 4.99
CA GLU A 51 6.56 -2.74 6.13
C GLU A 51 7.11 -1.82 7.20
N GLU A 52 7.86 -0.84 6.75
CA GLU A 52 8.54 0.11 7.62
C GLU A 52 7.60 1.22 8.11
N ARG A 53 6.75 1.68 7.22
CA ARG A 53 5.87 2.81 7.48
C ARG A 53 4.77 2.43 8.45
N PHE A 54 4.30 1.23 8.31
CA PHE A 54 3.24 0.78 9.17
C PHE A 54 3.76 -0.06 10.30
N ASP A 55 5.01 -0.54 10.15
CA ASP A 55 5.72 -1.40 11.12
C ASP A 55 5.00 -2.76 11.26
N VAL A 56 4.11 -3.01 10.32
CA VAL A 56 3.28 -4.20 10.35
C VAL A 56 3.96 -5.35 9.65
N LYS A 57 5.01 -5.01 8.92
CA LYS A 57 5.79 -5.95 8.10
C LYS A 57 4.90 -6.76 7.14
N ILE A 58 4.69 -6.20 5.98
CA ILE A 58 3.95 -6.86 4.91
C ILE A 58 4.96 -7.48 3.96
N PRO A 59 5.25 -8.76 4.07
CA PRO A 59 6.24 -9.36 3.22
C PRO A 59 5.73 -9.53 1.80
N ASP A 60 6.66 -9.44 0.83
CA ASP A 60 6.41 -9.65 -0.60
C ASP A 60 5.52 -10.85 -0.87
N ASP A 61 5.65 -11.87 -0.05
CA ASP A 61 4.85 -13.09 -0.18
C ASP A 61 3.36 -12.78 0.03
N ASP A 62 3.03 -12.20 1.17
CA ASP A 62 1.63 -11.94 1.52
C ASP A 62 1.08 -10.80 0.73
N VAL A 63 1.96 -9.89 0.34
CA VAL A 63 1.56 -8.70 -0.38
C VAL A 63 0.91 -9.07 -1.73
N LYS A 64 1.22 -10.27 -2.20
CA LYS A 64 0.72 -10.77 -3.47
C LYS A 64 -0.76 -11.13 -3.39
N ASN A 65 -1.31 -11.10 -2.19
CA ASN A 65 -2.70 -11.46 -1.96
C ASN A 65 -3.51 -10.21 -1.75
N LEU A 66 -2.87 -9.07 -1.83
CA LEU A 66 -3.53 -7.82 -1.56
C LEU A 66 -4.14 -7.25 -2.83
N LYS A 67 -3.29 -6.93 -3.77
CA LYS A 67 -3.65 -6.36 -5.10
C LYS A 67 -4.46 -5.02 -5.13
N THR A 68 -4.90 -4.52 -3.98
CA THR A 68 -5.46 -3.17 -3.92
C THR A 68 -4.94 -2.47 -2.71
N VAL A 69 -5.26 -1.22 -2.62
CA VAL A 69 -5.00 -0.40 -1.46
C VAL A 69 -5.91 -0.84 -0.30
N GLY A 70 -7.19 -1.05 -0.61
CA GLY A 70 -8.15 -1.46 0.38
C GLY A 70 -7.85 -2.82 0.97
N ASP A 71 -7.47 -3.76 0.12
CA ASP A 71 -7.12 -5.10 0.61
C ASP A 71 -5.81 -5.06 1.36
N ALA A 72 -4.91 -4.16 0.94
CA ALA A 72 -3.67 -3.94 1.67
C ALA A 72 -4.01 -3.47 3.06
N THR A 73 -4.76 -2.39 3.13
CA THR A 73 -5.30 -1.84 4.37
C THR A 73 -5.97 -2.91 5.25
N LYS A 74 -6.75 -3.82 4.66
CA LYS A 74 -7.38 -4.91 5.40
C LYS A 74 -6.31 -5.77 6.10
N TYR A 75 -5.24 -6.06 5.40
CA TYR A 75 -4.16 -6.86 5.91
C TYR A 75 -3.38 -6.05 6.93
N ILE A 76 -3.16 -4.80 6.63
CA ILE A 76 -2.42 -3.90 7.49
C ILE A 76 -3.18 -3.67 8.77
N LEU A 77 -4.48 -3.46 8.66
CA LEU A 77 -5.32 -3.25 9.84
C LEU A 77 -5.34 -4.52 10.72
N ASP A 78 -5.13 -5.64 10.10
CA ASP A 78 -5.13 -6.92 10.83
C ASP A 78 -3.75 -7.23 11.40
N HIS A 79 -2.75 -6.81 10.66
CA HIS A 79 -1.35 -7.07 10.97
C HIS A 79 -0.75 -5.91 11.79
N GLN A 80 -1.59 -4.91 12.11
CA GLN A 80 -1.22 -3.71 12.88
C GLN A 80 -0.25 -3.94 14.02
N ALA A 81 0.75 -3.09 14.08
CA ALA A 81 1.68 -3.10 15.15
C ALA A 81 1.39 -1.88 16.00
N ALA A 1 -5.44 -2.46 15.68
CA ALA A 1 -6.03 -1.79 14.52
C ALA A 1 -5.73 -0.31 14.60
N ALA A 2 -5.82 0.36 13.47
CA ALA A 2 -5.53 1.76 13.36
C ALA A 2 -6.64 2.36 12.55
N THR A 3 -6.47 3.54 12.08
CA THR A 3 -7.48 4.18 11.31
C THR A 3 -7.20 3.88 9.82
N GLN A 4 -8.12 3.20 9.14
CA GLN A 4 -7.97 2.81 7.72
C GLN A 4 -7.53 3.98 6.83
N GLU A 5 -8.05 5.15 7.12
CA GLU A 5 -7.72 6.37 6.36
C GLU A 5 -6.25 6.72 6.53
N GLU A 6 -5.72 6.44 7.70
CA GLU A 6 -4.33 6.70 8.02
C GLU A 6 -3.45 5.72 7.27
N ILE A 7 -3.93 4.50 7.18
CA ILE A 7 -3.25 3.43 6.51
C ILE A 7 -3.14 3.80 5.03
N VAL A 8 -4.27 4.02 4.41
CA VAL A 8 -4.33 4.43 3.03
C VAL A 8 -3.49 5.70 2.78
N ALA A 9 -3.51 6.63 3.72
CA ALA A 9 -2.72 7.87 3.61
C ALA A 9 -1.22 7.56 3.67
N GLY A 10 -0.84 6.66 4.56
CA GLY A 10 0.53 6.23 4.67
C GLY A 10 0.98 5.54 3.40
N LEU A 11 0.08 4.72 2.85
CA LEU A 11 0.30 4.05 1.60
C LEU A 11 0.45 5.07 0.50
N ALA A 12 -0.42 6.06 0.48
CA ALA A 12 -0.42 7.13 -0.50
C ALA A 12 0.90 7.87 -0.53
N GLU A 13 1.47 8.13 0.64
CA GLU A 13 2.82 8.76 0.76
C GLU A 13 3.81 7.97 -0.05
N ILE A 14 3.80 6.71 0.23
CA ILE A 14 4.68 5.76 -0.37
C ILE A 14 4.47 5.68 -1.89
N VAL A 15 3.22 5.52 -2.28
CA VAL A 15 2.84 5.45 -3.68
C VAL A 15 3.27 6.72 -4.42
N ASN A 16 2.99 7.85 -3.85
CA ASN A 16 3.30 9.11 -4.48
C ASN A 16 4.80 9.31 -4.63
N GLU A 17 5.53 8.78 -3.69
CA GLU A 17 6.97 8.82 -3.73
C GLU A 17 7.52 7.92 -4.83
N ILE A 18 7.16 6.64 -4.76
CA ILE A 18 7.75 5.64 -5.63
C ILE A 18 7.06 5.58 -7.00
N ALA A 19 5.75 5.44 -7.00
CA ALA A 19 4.97 5.35 -8.23
C ALA A 19 4.82 6.70 -8.87
N GLY A 20 4.67 7.73 -8.04
CA GLY A 20 4.49 9.08 -8.52
C GLY A 20 3.04 9.38 -8.80
N ILE A 21 2.17 8.59 -8.23
CA ILE A 21 0.73 8.71 -8.46
C ILE A 21 0.10 9.47 -7.29
N PRO A 22 -0.79 10.46 -7.59
CA PRO A 22 -1.60 11.24 -6.64
C PRO A 22 -1.93 10.52 -5.36
N VAL A 23 -1.54 11.15 -4.27
CA VAL A 23 -1.80 10.70 -2.91
C VAL A 23 -3.28 10.40 -2.78
N GLU A 24 -4.07 11.33 -3.24
CA GLU A 24 -5.49 11.24 -3.12
C GLU A 24 -6.15 10.34 -4.14
N ASP A 25 -5.38 9.80 -5.07
CA ASP A 25 -5.98 8.87 -5.98
C ASP A 25 -5.93 7.49 -5.38
N VAL A 26 -5.09 7.37 -4.38
CA VAL A 26 -4.96 6.20 -3.57
C VAL A 26 -6.19 6.13 -2.64
N LYS A 27 -7.21 5.55 -3.19
CA LYS A 27 -8.49 5.33 -2.56
C LYS A 27 -8.50 3.90 -2.02
N LEU A 28 -9.55 3.14 -2.24
CA LEU A 28 -9.54 1.73 -1.85
C LEU A 28 -9.88 0.80 -3.01
N ASP A 29 -10.45 1.35 -4.05
CA ASP A 29 -10.84 0.58 -5.27
C ASP A 29 -9.66 0.56 -6.24
N LYS A 30 -8.62 1.19 -5.82
CA LYS A 30 -7.46 1.36 -6.62
C LYS A 30 -6.49 0.21 -6.52
N SER A 31 -6.56 -0.66 -7.45
CA SER A 31 -5.61 -1.68 -7.57
C SER A 31 -4.30 -1.03 -8.04
N PHE A 32 -3.29 -1.01 -7.17
CA PHE A 32 -1.93 -0.49 -7.46
C PHE A 32 -1.50 -0.62 -8.93
N THR A 33 -0.90 -1.70 -9.30
CA THR A 33 -0.55 -1.91 -10.68
C THR A 33 -1.71 -2.43 -11.52
N ASP A 34 -2.72 -1.58 -11.68
CA ASP A 34 -3.90 -1.89 -12.49
C ASP A 34 -4.75 -0.64 -12.68
N ASP A 35 -5.21 -0.07 -11.59
CA ASP A 35 -6.12 1.09 -11.63
C ASP A 35 -5.34 2.38 -11.35
N LEU A 36 -4.29 2.26 -10.54
CA LEU A 36 -3.40 3.41 -10.26
C LEU A 36 -2.38 3.51 -11.36
N ASP A 37 -1.75 2.37 -11.65
CA ASP A 37 -0.70 2.22 -12.65
C ASP A 37 0.62 2.72 -12.12
N VAL A 38 1.35 1.81 -11.54
CA VAL A 38 2.59 2.11 -10.85
C VAL A 38 3.79 1.73 -11.73
N ASP A 39 4.29 0.54 -11.52
CA ASP A 39 5.44 -0.03 -12.19
C ASP A 39 5.66 -1.35 -11.48
N SER A 40 6.65 -2.05 -11.87
CA SER A 40 6.89 -3.35 -11.37
C SER A 40 7.94 -3.28 -10.28
N LEU A 41 8.94 -2.48 -10.52
CA LEU A 41 10.04 -2.37 -9.59
C LEU A 41 9.63 -1.49 -8.44
N SER A 42 8.78 -0.55 -8.77
CA SER A 42 8.27 0.39 -7.82
C SER A 42 7.31 -0.31 -6.87
N MET A 43 6.67 -1.37 -7.37
CA MET A 43 5.69 -2.11 -6.61
C MET A 43 6.31 -2.76 -5.39
N VAL A 44 7.48 -3.34 -5.60
CA VAL A 44 8.15 -4.05 -4.56
C VAL A 44 8.68 -3.08 -3.51
N GLU A 45 8.98 -1.85 -3.93
CA GLU A 45 9.44 -0.85 -2.99
C GLU A 45 8.27 -0.37 -2.15
N VAL A 46 7.07 -0.30 -2.77
CA VAL A 46 5.85 0.07 -2.05
C VAL A 46 5.61 -0.92 -0.92
N VAL A 47 5.75 -2.21 -1.23
CA VAL A 47 5.62 -3.28 -0.24
C VAL A 47 6.61 -3.03 0.90
N VAL A 48 7.90 -3.05 0.57
CA VAL A 48 8.99 -2.81 1.55
C VAL A 48 8.75 -1.52 2.40
N ALA A 49 8.41 -0.44 1.73
CA ALA A 49 8.18 0.83 2.43
C ALA A 49 6.93 0.79 3.33
N ALA A 50 5.94 -0.03 2.97
CA ALA A 50 4.72 -0.17 3.76
C ALA A 50 5.04 -0.84 5.09
N GLU A 51 5.95 -1.82 5.04
CA GLU A 51 6.42 -2.52 6.23
C GLU A 51 7.02 -1.51 7.17
N GLU A 52 7.88 -0.69 6.60
CA GLU A 52 8.61 0.34 7.29
C GLU A 52 7.66 1.42 7.85
N ARG A 53 6.54 1.62 7.17
CA ARG A 53 5.65 2.70 7.52
C ARG A 53 4.77 2.29 8.67
N PHE A 54 4.12 1.18 8.53
CA PHE A 54 3.11 0.77 9.49
C PHE A 54 3.67 -0.14 10.56
N ASP A 55 4.93 -0.51 10.39
CA ASP A 55 5.68 -1.37 11.33
C ASP A 55 5.17 -2.82 11.30
N VAL A 56 4.44 -3.11 10.27
CA VAL A 56 3.93 -4.43 10.03
C VAL A 56 4.70 -5.02 8.87
N LYS A 57 5.42 -6.05 9.14
CA LYS A 57 6.30 -6.68 8.17
C LYS A 57 5.47 -7.43 7.15
N ILE A 58 5.21 -6.79 6.03
CA ILE A 58 4.43 -7.35 4.96
C ILE A 58 5.38 -7.85 3.89
N PRO A 59 5.69 -9.14 3.85
CA PRO A 59 6.61 -9.67 2.87
C PRO A 59 5.98 -9.74 1.49
N ASP A 60 6.80 -9.60 0.45
CA ASP A 60 6.36 -9.67 -0.95
C ASP A 60 5.73 -11.04 -1.25
N ASP A 61 5.94 -12.00 -0.37
CA ASP A 61 5.32 -13.31 -0.43
C ASP A 61 3.81 -13.23 -0.17
N ASP A 62 3.44 -12.68 0.97
CA ASP A 62 2.03 -12.64 1.40
C ASP A 62 1.32 -11.44 0.78
N VAL A 63 2.10 -10.41 0.46
CA VAL A 63 1.58 -9.17 -0.13
C VAL A 63 0.81 -9.46 -1.44
N LYS A 64 1.11 -10.60 -2.05
CA LYS A 64 0.52 -11.03 -3.32
C LYS A 64 -1.00 -11.19 -3.24
N ASN A 65 -1.55 -11.20 -2.04
CA ASN A 65 -2.98 -11.36 -1.86
C ASN A 65 -3.62 -10.00 -1.83
N LEU A 66 -2.81 -9.00 -1.60
CA LEU A 66 -3.28 -7.66 -1.53
C LEU A 66 -3.09 -7.09 -2.91
N LYS A 67 -4.14 -6.85 -3.59
CA LYS A 67 -4.02 -6.34 -4.94
C LYS A 67 -4.51 -4.91 -5.08
N THR A 68 -5.05 -4.36 -4.03
CA THR A 68 -5.46 -2.99 -4.04
C THR A 68 -4.90 -2.27 -2.86
N VAL A 69 -5.15 -0.99 -2.84
CA VAL A 69 -4.87 -0.14 -1.72
C VAL A 69 -5.76 -0.51 -0.54
N GLY A 70 -6.97 -0.99 -0.85
CA GLY A 70 -7.88 -1.41 0.16
C GLY A 70 -7.45 -2.71 0.76
N ASP A 71 -7.03 -3.63 -0.09
CA ASP A 71 -6.54 -4.94 0.36
C ASP A 71 -5.31 -4.77 1.20
N ALA A 72 -4.41 -3.86 0.80
CA ALA A 72 -3.23 -3.56 1.57
C ALA A 72 -3.64 -3.15 2.97
N THR A 73 -4.43 -2.09 3.05
CA THR A 73 -5.05 -1.63 4.26
C THR A 73 -5.76 -2.78 5.05
N LYS A 74 -6.48 -3.64 4.36
CA LYS A 74 -7.21 -4.76 4.97
C LYS A 74 -6.24 -5.70 5.71
N TYR A 75 -5.04 -5.84 5.19
CA TYR A 75 -4.00 -6.64 5.80
C TYR A 75 -3.46 -5.87 6.96
N ILE A 76 -3.01 -4.67 6.66
CA ILE A 76 -2.38 -3.77 7.58
C ILE A 76 -3.27 -3.50 8.79
N LEU A 77 -4.52 -3.14 8.55
CA LEU A 77 -5.51 -2.85 9.63
C LEU A 77 -5.61 -4.01 10.61
N ASP A 78 -5.53 -5.18 10.08
CA ASP A 78 -5.70 -6.42 10.86
C ASP A 78 -4.40 -6.88 11.48
N HIS A 79 -3.35 -6.74 10.71
CA HIS A 79 -2.01 -7.19 11.06
C HIS A 79 -1.21 -6.12 11.78
N GLN A 80 -1.86 -4.99 12.08
CA GLN A 80 -1.29 -3.81 12.78
C GLN A 80 -0.31 -4.15 13.88
N ALA A 81 0.71 -3.38 13.95
CA ALA A 81 1.68 -3.48 14.98
C ALA A 81 1.33 -2.43 16.02
N ALA A 1 -2.30 -0.30 16.43
CA ALA A 1 -3.32 -0.25 15.40
C ALA A 1 -3.21 1.06 14.64
N ALA A 2 -3.93 1.19 13.54
CA ALA A 2 -3.95 2.42 12.80
C ALA A 2 -5.28 2.52 12.15
N THR A 3 -5.83 3.70 12.14
CA THR A 3 -7.11 3.95 11.53
C THR A 3 -6.96 3.71 10.01
N GLN A 4 -7.94 3.10 9.39
CA GLN A 4 -7.83 2.61 8.01
C GLN A 4 -7.52 3.68 6.98
N GLU A 5 -7.97 4.88 7.22
CA GLU A 5 -7.76 5.98 6.29
C GLU A 5 -6.32 6.43 6.39
N GLU A 6 -5.83 6.40 7.62
CA GLU A 6 -4.44 6.70 7.95
C GLU A 6 -3.54 5.66 7.27
N ILE A 7 -4.03 4.42 7.21
CA ILE A 7 -3.33 3.35 6.54
C ILE A 7 -3.27 3.66 5.05
N VAL A 8 -4.41 3.84 4.44
CA VAL A 8 -4.52 4.21 3.04
C VAL A 8 -3.66 5.47 2.71
N ALA A 9 -3.66 6.42 3.63
CA ALA A 9 -2.87 7.64 3.49
C ALA A 9 -1.38 7.32 3.56
N GLY A 10 -1.04 6.38 4.44
CA GLY A 10 0.32 5.95 4.61
C GLY A 10 0.80 5.27 3.37
N LEU A 11 -0.09 4.58 2.72
CA LEU A 11 0.19 3.96 1.45
C LEU A 11 0.38 5.04 0.39
N ALA A 12 -0.57 5.95 0.34
CA ALA A 12 -0.59 7.05 -0.63
C ALA A 12 0.69 7.88 -0.63
N GLU A 13 1.18 8.18 0.57
CA GLU A 13 2.41 8.99 0.72
C GLU A 13 3.64 8.27 0.16
N ILE A 14 3.60 6.97 0.20
CA ILE A 14 4.66 6.14 -0.30
C ILE A 14 4.54 6.02 -1.80
N VAL A 15 3.34 5.67 -2.25
CA VAL A 15 3.03 5.50 -3.67
C VAL A 15 3.40 6.76 -4.45
N ASN A 16 3.05 7.91 -3.90
CA ASN A 16 3.33 9.18 -4.56
C ASN A 16 4.83 9.36 -4.79
N GLU A 17 5.64 8.86 -3.88
CA GLU A 17 7.07 9.03 -3.95
C GLU A 17 7.74 7.98 -4.87
N ILE A 18 7.35 6.73 -4.73
CA ILE A 18 8.00 5.63 -5.48
C ILE A 18 7.33 5.39 -6.83
N ALA A 19 6.03 5.20 -6.80
CA ALA A 19 5.26 4.92 -7.98
C ALA A 19 5.09 6.20 -8.79
N GLY A 20 4.89 7.28 -8.11
CA GLY A 20 4.67 8.54 -8.76
C GLY A 20 3.24 8.72 -9.12
N ILE A 21 2.38 8.22 -8.27
CA ILE A 21 0.96 8.33 -8.46
C ILE A 21 0.40 9.16 -7.31
N PRO A 22 -0.40 10.21 -7.62
CA PRO A 22 -1.07 11.08 -6.67
C PRO A 22 -1.56 10.40 -5.41
N VAL A 23 -1.17 11.00 -4.27
CA VAL A 23 -1.61 10.59 -2.93
C VAL A 23 -3.12 10.55 -2.91
N GLU A 24 -3.66 11.51 -3.57
CA GLU A 24 -5.06 11.73 -3.55
C GLU A 24 -5.82 10.79 -4.49
N ASP A 25 -5.11 10.16 -5.41
CA ASP A 25 -5.75 9.26 -6.36
C ASP A 25 -5.74 7.87 -5.76
N VAL A 26 -4.93 7.72 -4.74
CA VAL A 26 -4.79 6.51 -3.99
C VAL A 26 -5.91 6.42 -2.95
N LYS A 27 -7.06 6.06 -3.45
CA LYS A 27 -8.23 5.82 -2.67
C LYS A 27 -8.51 4.35 -2.69
N LEU A 28 -9.44 3.89 -1.88
CA LEU A 28 -9.58 2.46 -1.56
C LEU A 28 -10.15 1.59 -2.68
N ASP A 29 -10.38 2.18 -3.80
CA ASP A 29 -10.85 1.43 -4.96
C ASP A 29 -9.69 1.15 -5.88
N LYS A 30 -8.54 1.60 -5.50
CA LYS A 30 -7.41 1.52 -6.35
C LYS A 30 -6.62 0.27 -6.19
N SER A 31 -6.57 -0.46 -7.23
CA SER A 31 -5.68 -1.54 -7.31
C SER A 31 -4.39 -0.95 -7.84
N PHE A 32 -3.37 -0.95 -7.01
CA PHE A 32 -2.01 -0.47 -7.31
C PHE A 32 -1.58 -0.60 -8.76
N THR A 33 -0.96 -1.67 -9.09
CA THR A 33 -0.55 -1.92 -10.44
C THR A 33 -1.66 -2.47 -11.36
N ASP A 34 -2.84 -1.85 -11.30
CA ASP A 34 -3.97 -2.22 -12.15
C ASP A 34 -4.82 -0.99 -12.47
N ASP A 35 -5.32 -0.34 -11.44
CA ASP A 35 -6.20 0.82 -11.62
C ASP A 35 -5.36 2.08 -11.63
N LEU A 36 -4.41 2.17 -10.68
CA LEU A 36 -3.46 3.28 -10.67
C LEU A 36 -2.54 3.09 -11.84
N ASP A 37 -2.02 1.85 -11.93
CA ASP A 37 -1.24 1.35 -13.06
C ASP A 37 0.10 2.03 -13.12
N VAL A 38 1.00 1.56 -12.33
CA VAL A 38 2.30 2.12 -12.34
C VAL A 38 3.39 1.10 -12.75
N ASP A 39 4.11 0.60 -11.81
CA ASP A 39 5.23 -0.28 -12.06
C ASP A 39 5.20 -1.32 -10.99
N SER A 40 5.97 -2.31 -11.15
CA SER A 40 5.93 -3.49 -10.33
C SER A 40 7.16 -3.58 -9.46
N LEU A 41 8.30 -3.28 -10.04
CA LEU A 41 9.53 -3.21 -9.29
C LEU A 41 9.44 -2.04 -8.33
N SER A 42 8.69 -1.03 -8.75
CA SER A 42 8.41 0.11 -7.93
C SER A 42 7.37 -0.26 -6.88
N MET A 43 6.49 -1.19 -7.25
CA MET A 43 5.44 -1.66 -6.38
C MET A 43 6.02 -2.36 -5.17
N VAL A 44 7.11 -3.09 -5.40
CA VAL A 44 7.79 -3.81 -4.34
C VAL A 44 8.38 -2.83 -3.32
N GLU A 45 8.84 -1.67 -3.80
CA GLU A 45 9.39 -0.68 -2.90
C GLU A 45 8.27 -0.10 -2.05
N VAL A 46 7.09 0.03 -2.66
CA VAL A 46 5.90 0.48 -1.95
C VAL A 46 5.60 -0.51 -0.83
N VAL A 47 5.64 -1.80 -1.16
CA VAL A 47 5.49 -2.90 -0.18
C VAL A 47 6.47 -2.68 0.99
N VAL A 48 7.76 -2.74 0.68
CA VAL A 48 8.86 -2.54 1.66
C VAL A 48 8.64 -1.26 2.51
N ALA A 49 8.29 -0.16 1.86
CA ALA A 49 8.07 1.09 2.56
C ALA A 49 6.80 1.05 3.42
N ALA A 50 5.78 0.34 2.97
CA ALA A 50 4.53 0.17 3.74
C ALA A 50 4.83 -0.60 4.99
N GLU A 51 5.71 -1.57 4.87
CA GLU A 51 6.18 -2.35 5.99
C GLU A 51 6.82 -1.44 7.02
N GLU A 52 7.59 -0.48 6.55
CA GLU A 52 8.26 0.51 7.37
C GLU A 52 7.25 1.51 7.98
N ARG A 53 6.30 1.92 7.17
CA ARG A 53 5.33 2.96 7.50
C ARG A 53 4.42 2.51 8.61
N PHE A 54 4.09 1.26 8.59
CA PHE A 54 3.13 0.73 9.54
C PHE A 54 3.75 -0.24 10.54
N ASP A 55 5.02 -0.62 10.31
CA ASP A 55 5.78 -1.60 11.16
C ASP A 55 5.19 -2.99 11.07
N VAL A 56 4.26 -3.13 10.15
CA VAL A 56 3.48 -4.33 9.96
C VAL A 56 4.29 -5.53 9.42
N LYS A 57 5.12 -5.28 8.42
CA LYS A 57 5.86 -6.32 7.66
C LYS A 57 4.89 -7.17 6.85
N ILE A 58 5.01 -7.04 5.57
CA ILE A 58 4.18 -7.70 4.61
C ILE A 58 5.13 -8.18 3.54
N PRO A 59 5.60 -9.42 3.64
CA PRO A 59 6.58 -9.95 2.71
C PRO A 59 6.08 -9.94 1.28
N ASP A 60 6.94 -9.52 0.36
CA ASP A 60 6.69 -9.52 -1.11
C ASP A 60 5.97 -10.78 -1.60
N ASP A 61 6.23 -11.89 -0.95
CA ASP A 61 5.58 -13.17 -1.27
C ASP A 61 4.07 -13.06 -1.10
N ASP A 62 3.67 -12.68 0.09
CA ASP A 62 2.28 -12.69 0.48
C ASP A 62 1.57 -11.39 0.08
N VAL A 63 2.37 -10.36 -0.13
CA VAL A 63 1.85 -9.04 -0.53
C VAL A 63 1.18 -9.12 -1.91
N LYS A 64 1.56 -10.13 -2.69
CA LYS A 64 1.05 -10.32 -4.04
C LYS A 64 -0.45 -10.55 -4.07
N ASN A 65 -1.00 -10.95 -2.94
CA ASN A 65 -2.42 -11.24 -2.84
C ASN A 65 -3.22 -9.97 -2.62
N LEU A 66 -2.55 -8.90 -2.19
CA LEU A 66 -3.24 -7.64 -1.83
C LEU A 66 -3.90 -7.00 -3.06
N LYS A 67 -3.10 -6.55 -4.02
CA LYS A 67 -3.56 -5.92 -5.29
C LYS A 67 -4.10 -4.51 -5.09
N THR A 68 -4.96 -4.35 -4.13
CA THR A 68 -5.57 -3.08 -3.90
C THR A 68 -5.05 -2.42 -2.67
N VAL A 69 -5.28 -1.14 -2.60
CA VAL A 69 -5.00 -0.34 -1.43
C VAL A 69 -5.88 -0.80 -0.28
N GLY A 70 -7.11 -1.15 -0.61
CA GLY A 70 -8.05 -1.63 0.36
C GLY A 70 -7.63 -2.94 0.97
N ASP A 71 -7.21 -3.89 0.13
CA ASP A 71 -6.79 -5.19 0.62
C ASP A 71 -5.49 -5.05 1.41
N ALA A 72 -4.63 -4.14 0.95
CA ALA A 72 -3.40 -3.81 1.65
C ALA A 72 -3.75 -3.34 3.06
N THR A 73 -4.53 -2.28 3.15
CA THR A 73 -5.08 -1.78 4.39
C THR A 73 -5.73 -2.90 5.23
N LYS A 74 -6.54 -3.76 4.63
CA LYS A 74 -7.17 -4.86 5.33
C LYS A 74 -6.13 -5.84 5.91
N TYR A 75 -5.00 -5.94 5.27
CA TYR A 75 -3.93 -6.78 5.74
C TYR A 75 -3.26 -6.06 6.89
N ILE A 76 -2.91 -4.82 6.64
CA ILE A 76 -2.25 -3.96 7.57
C ILE A 76 -3.08 -3.75 8.83
N LEU A 77 -4.34 -3.37 8.68
CA LEU A 77 -5.24 -3.14 9.82
C LEU A 77 -5.31 -4.36 10.74
N ASP A 78 -5.26 -5.51 10.17
CA ASP A 78 -5.36 -6.76 10.95
C ASP A 78 -4.00 -7.22 11.45
N HIS A 79 -2.98 -6.88 10.71
CA HIS A 79 -1.60 -7.26 10.98
C HIS A 79 -0.80 -6.17 11.67
N GLN A 80 -1.48 -5.08 12.04
CA GLN A 80 -0.91 -3.92 12.75
C GLN A 80 0.11 -4.32 13.83
N ALA A 81 1.16 -3.55 13.89
CA ALA A 81 2.19 -3.77 14.87
C ALA A 81 1.90 -2.93 16.10
N ALA A 1 -2.17 -0.18 16.28
CA ALA A 1 -3.25 -0.30 15.31
C ALA A 1 -3.59 1.08 14.80
N ALA A 2 -4.15 1.19 13.61
CA ALA A 2 -4.44 2.50 13.06
C ALA A 2 -5.67 2.43 12.24
N THR A 3 -6.38 3.53 12.15
CA THR A 3 -7.58 3.57 11.36
C THR A 3 -7.24 3.33 9.90
N GLN A 4 -8.10 2.62 9.23
CA GLN A 4 -7.86 2.21 7.86
C GLN A 4 -7.68 3.39 6.91
N GLU A 5 -8.26 4.51 7.26
CA GLU A 5 -8.10 5.75 6.48
C GLU A 5 -6.68 6.23 6.59
N GLU A 6 -6.13 6.08 7.76
CA GLU A 6 -4.78 6.50 8.03
C GLU A 6 -3.82 5.57 7.32
N ILE A 7 -4.23 4.32 7.25
CA ILE A 7 -3.49 3.30 6.55
C ILE A 7 -3.43 3.65 5.06
N VAL A 8 -4.58 3.84 4.46
CA VAL A 8 -4.69 4.25 3.05
C VAL A 8 -3.90 5.56 2.81
N ALA A 9 -3.94 6.48 3.77
CA ALA A 9 -3.21 7.73 3.70
C ALA A 9 -1.70 7.46 3.67
N GLY A 10 -1.28 6.52 4.52
CA GLY A 10 0.11 6.10 4.56
C GLY A 10 0.52 5.45 3.27
N LEU A 11 -0.38 4.71 2.67
CA LEU A 11 -0.16 4.10 1.40
C LEU A 11 0.01 5.17 0.34
N ALA A 12 -0.92 6.10 0.32
CA ALA A 12 -0.96 7.21 -0.63
C ALA A 12 0.35 7.99 -0.63
N GLU A 13 0.89 8.26 0.55
CA GLU A 13 2.15 8.99 0.65
C GLU A 13 3.33 8.22 0.04
N ILE A 14 3.38 6.94 0.32
CA ILE A 14 4.44 6.07 -0.19
C ILE A 14 4.33 5.94 -1.70
N VAL A 15 3.12 5.70 -2.17
CA VAL A 15 2.83 5.56 -3.58
C VAL A 15 3.24 6.80 -4.35
N ASN A 16 3.05 7.95 -3.77
CA ASN A 16 3.42 9.18 -4.43
C ASN A 16 4.93 9.27 -4.62
N GLU A 17 5.66 8.75 -3.67
CA GLU A 17 7.10 8.79 -3.72
C GLU A 17 7.66 7.74 -4.69
N ILE A 18 7.20 6.51 -4.55
CA ILE A 18 7.76 5.40 -5.35
C ILE A 18 7.06 5.25 -6.71
N ALA A 19 5.75 5.14 -6.70
CA ALA A 19 4.98 4.94 -7.94
C ALA A 19 4.87 6.27 -8.70
N GLY A 20 4.83 7.35 -7.94
CA GLY A 20 4.69 8.67 -8.51
C GLY A 20 3.25 8.96 -8.78
N ILE A 21 2.39 8.40 -7.98
CA ILE A 21 0.98 8.54 -8.17
C ILE A 21 0.37 9.44 -7.12
N PRO A 22 -0.41 10.45 -7.55
CA PRO A 22 -1.20 11.33 -6.72
C PRO A 22 -1.73 10.67 -5.46
N VAL A 23 -1.46 11.32 -4.34
CA VAL A 23 -1.90 10.89 -3.02
C VAL A 23 -3.43 10.78 -3.00
N GLU A 24 -4.05 11.55 -3.85
CA GLU A 24 -5.48 11.60 -3.90
C GLU A 24 -6.06 10.66 -4.95
N ASP A 25 -5.21 10.10 -5.77
CA ASP A 25 -5.66 9.13 -6.77
C ASP A 25 -5.71 7.79 -6.09
N VAL A 26 -4.89 7.67 -5.06
CA VAL A 26 -4.84 6.52 -4.19
C VAL A 26 -6.07 6.52 -3.27
N LYS A 27 -7.13 5.98 -3.80
CA LYS A 27 -8.39 5.82 -3.11
C LYS A 27 -8.42 4.42 -2.52
N LEU A 28 -9.54 3.77 -2.45
CA LEU A 28 -9.58 2.46 -1.82
C LEU A 28 -9.90 1.33 -2.84
N ASP A 29 -10.44 1.72 -3.95
CA ASP A 29 -10.79 0.78 -5.05
C ASP A 29 -9.58 0.58 -5.95
N LYS A 30 -8.59 1.37 -5.67
CA LYS A 30 -7.40 1.48 -6.46
C LYS A 30 -6.44 0.33 -6.31
N SER A 31 -6.48 -0.55 -7.24
CA SER A 31 -5.50 -1.56 -7.31
C SER A 31 -4.22 -0.90 -7.82
N PHE A 32 -3.23 -0.79 -6.94
CA PHE A 32 -1.89 -0.25 -7.25
C PHE A 32 -1.44 -0.50 -8.70
N THR A 33 -0.94 -1.67 -8.97
CA THR A 33 -0.48 -2.01 -10.29
C THR A 33 -1.59 -2.40 -11.27
N ASP A 34 -2.62 -1.58 -11.33
CA ASP A 34 -3.74 -1.79 -12.22
C ASP A 34 -4.49 -0.49 -12.48
N ASP A 35 -5.04 0.08 -11.42
CA ASP A 35 -5.86 1.26 -11.54
C ASP A 35 -5.03 2.51 -11.31
N LEU A 36 -4.05 2.39 -10.42
CA LEU A 36 -3.14 3.51 -10.13
C LEU A 36 -2.07 3.61 -11.20
N ASP A 37 -1.55 2.44 -11.60
CA ASP A 37 -0.45 2.30 -12.55
C ASP A 37 0.85 2.69 -11.90
N VAL A 38 1.43 1.73 -11.24
CA VAL A 38 2.66 1.90 -10.56
C VAL A 38 3.81 1.48 -11.49
N ASP A 39 4.20 0.22 -11.36
CA ASP A 39 5.28 -0.41 -12.11
C ASP A 39 5.45 -1.73 -11.41
N SER A 40 6.28 -2.54 -11.90
CA SER A 40 6.42 -3.86 -11.35
C SER A 40 7.52 -3.83 -10.30
N LEU A 41 8.55 -3.07 -10.57
CA LEU A 41 9.70 -3.02 -9.68
C LEU A 41 9.42 -2.07 -8.56
N SER A 42 8.68 -1.02 -8.88
CA SER A 42 8.32 0.00 -7.93
C SER A 42 7.32 -0.56 -6.94
N MET A 43 6.61 -1.60 -7.36
CA MET A 43 5.63 -2.24 -6.53
C MET A 43 6.27 -2.82 -5.29
N VAL A 44 7.35 -3.52 -5.49
CA VAL A 44 8.03 -4.17 -4.42
C VAL A 44 8.68 -3.13 -3.49
N GLU A 45 8.96 -1.94 -4.02
CA GLU A 45 9.54 -0.91 -3.22
C GLU A 45 8.47 -0.36 -2.30
N VAL A 46 7.24 -0.28 -2.81
CA VAL A 46 6.08 0.10 -2.00
C VAL A 46 5.91 -0.90 -0.88
N VAL A 47 5.96 -2.19 -1.22
CA VAL A 47 5.87 -3.30 -0.26
C VAL A 47 6.90 -3.10 0.87
N VAL A 48 8.18 -3.15 0.52
CA VAL A 48 9.31 -2.88 1.45
C VAL A 48 9.07 -1.61 2.32
N ALA A 49 8.77 -0.49 1.66
CA ALA A 49 8.57 0.79 2.35
C ALA A 49 7.35 0.76 3.28
N ALA A 50 6.32 0.04 2.90
CA ALA A 50 5.11 -0.08 3.70
C ALA A 50 5.42 -0.76 5.02
N GLU A 51 6.31 -1.72 4.98
CA GLU A 51 6.72 -2.47 6.15
C GLU A 51 7.37 -1.54 7.17
N GLU A 52 8.00 -0.53 6.65
CA GLU A 52 8.70 0.45 7.44
C GLU A 52 7.70 1.51 7.94
N ARG A 53 6.88 1.99 7.04
CA ARG A 53 5.96 3.10 7.28
C ARG A 53 4.80 2.69 8.18
N PHE A 54 4.37 1.47 8.05
CA PHE A 54 3.25 0.98 8.81
C PHE A 54 3.71 0.16 9.99
N ASP A 55 5.02 -0.01 10.12
CA ASP A 55 5.67 -0.75 11.24
C ASP A 55 5.41 -2.28 11.18
N VAL A 56 4.58 -2.69 10.24
CA VAL A 56 4.21 -4.08 10.10
C VAL A 56 4.89 -4.70 8.89
N LYS A 57 5.58 -5.79 9.12
CA LYS A 57 6.25 -6.51 8.06
C LYS A 57 5.23 -7.19 7.16
N ILE A 58 5.29 -6.88 5.89
CA ILE A 58 4.38 -7.40 4.90
C ILE A 58 5.20 -7.88 3.74
N PRO A 59 5.38 -9.16 3.60
CA PRO A 59 6.19 -9.69 2.54
C PRO A 59 5.43 -9.79 1.23
N ASP A 60 6.19 -9.78 0.12
CA ASP A 60 5.69 -9.98 -1.26
C ASP A 60 4.55 -11.00 -1.31
N ASP A 61 4.75 -12.14 -0.64
CA ASP A 61 3.77 -13.26 -0.59
C ASP A 61 2.36 -12.80 -0.22
N ASP A 62 2.23 -12.10 0.89
CA ASP A 62 0.90 -11.65 1.36
C ASP A 62 0.42 -10.50 0.54
N VAL A 63 1.36 -9.69 0.11
CA VAL A 63 1.10 -8.57 -0.76
C VAL A 63 0.36 -9.00 -2.03
N LYS A 64 0.65 -10.21 -2.49
CA LYS A 64 0.04 -10.78 -3.67
C LYS A 64 -1.45 -11.07 -3.48
N ASN A 65 -1.87 -11.18 -2.24
CA ASN A 65 -3.26 -11.48 -1.94
C ASN A 65 -4.00 -10.19 -1.72
N LEU A 66 -3.26 -9.11 -1.70
CA LEU A 66 -3.82 -7.81 -1.45
C LEU A 66 -4.22 -7.16 -2.75
N LYS A 67 -3.21 -6.85 -3.56
CA LYS A 67 -3.34 -6.18 -4.89
C LYS A 67 -4.11 -4.84 -4.97
N THR A 68 -4.72 -4.40 -3.88
CA THR A 68 -5.32 -3.11 -3.83
C THR A 68 -4.84 -2.36 -2.63
N VAL A 69 -5.18 -1.11 -2.60
CA VAL A 69 -4.97 -0.26 -1.46
C VAL A 69 -5.82 -0.73 -0.28
N GLY A 70 -7.10 -1.00 -0.54
CA GLY A 70 -8.02 -1.43 0.48
C GLY A 70 -7.62 -2.74 1.09
N ASP A 71 -7.21 -3.67 0.26
CA ASP A 71 -6.76 -4.97 0.74
C ASP A 71 -5.47 -4.85 1.50
N ALA A 72 -4.56 -3.99 1.02
CA ALA A 72 -3.31 -3.74 1.73
C ALA A 72 -3.65 -3.26 3.12
N THR A 73 -4.45 -2.22 3.18
CA THR A 73 -5.00 -1.67 4.39
C THR A 73 -5.64 -2.76 5.28
N LYS A 74 -6.46 -3.62 4.72
CA LYS A 74 -7.13 -4.68 5.48
C LYS A 74 -6.11 -5.65 6.10
N TYR A 75 -4.97 -5.83 5.45
CA TYR A 75 -3.91 -6.66 5.98
C TYR A 75 -3.23 -5.90 7.06
N ILE A 76 -2.96 -4.64 6.78
CA ILE A 76 -2.29 -3.78 7.70
C ILE A 76 -3.11 -3.62 8.98
N LEU A 77 -4.38 -3.29 8.84
CA LEU A 77 -5.28 -3.12 9.99
C LEU A 77 -5.30 -4.37 10.87
N ASP A 78 -5.31 -5.50 10.23
CA ASP A 78 -5.42 -6.77 10.92
C ASP A 78 -4.08 -7.26 11.49
N HIS A 79 -3.04 -7.06 10.75
CA HIS A 79 -1.75 -7.61 11.11
C HIS A 79 -0.78 -6.63 11.75
N GLN A 80 -1.13 -5.35 11.88
CA GLN A 80 -0.14 -4.40 12.40
C GLN A 80 -0.05 -4.46 13.91
N ALA A 81 0.77 -3.59 14.42
CA ALA A 81 0.94 -3.48 15.81
C ALA A 81 0.09 -2.33 16.29
N ALA A 1 -4.78 -1.25 16.17
CA ALA A 1 -5.64 -1.06 15.01
C ALA A 1 -5.45 0.36 14.52
N ALA A 2 -5.09 0.52 13.26
CA ALA A 2 -4.87 1.86 12.75
C ALA A 2 -6.13 2.37 12.11
N THR A 3 -6.19 3.63 11.85
CA THR A 3 -7.26 4.20 11.12
C THR A 3 -7.03 3.84 9.67
N GLN A 4 -7.96 3.10 9.08
CA GLN A 4 -7.83 2.60 7.69
C GLN A 4 -7.46 3.71 6.73
N GLU A 5 -8.02 4.87 6.97
CA GLU A 5 -7.79 6.06 6.16
C GLU A 5 -6.33 6.47 6.24
N GLU A 6 -5.73 6.28 7.41
CA GLU A 6 -4.35 6.59 7.64
C GLU A 6 -3.48 5.57 6.96
N ILE A 7 -3.98 4.36 6.90
CA ILE A 7 -3.29 3.28 6.25
C ILE A 7 -3.27 3.58 4.75
N VAL A 8 -4.43 3.84 4.22
CA VAL A 8 -4.58 4.22 2.82
C VAL A 8 -3.73 5.47 2.51
N ALA A 9 -3.76 6.46 3.41
CA ALA A 9 -2.94 7.67 3.25
C ALA A 9 -1.46 7.34 3.31
N GLY A 10 -1.12 6.36 4.14
CA GLY A 10 0.23 5.89 4.25
C GLY A 10 0.67 5.24 2.97
N LEU A 11 -0.20 4.43 2.43
CA LEU A 11 0.02 3.80 1.14
C LEU A 11 0.20 4.86 0.08
N ALA A 12 -0.67 5.85 0.13
CA ALA A 12 -0.66 6.97 -0.78
C ALA A 12 0.67 7.69 -0.77
N GLU A 13 1.22 7.95 0.42
CA GLU A 13 2.50 8.64 0.50
C GLU A 13 3.67 7.80 0.00
N ILE A 14 3.57 6.51 0.18
CA ILE A 14 4.55 5.57 -0.33
C ILE A 14 4.47 5.57 -1.85
N VAL A 15 3.28 5.33 -2.34
CA VAL A 15 2.98 5.29 -3.76
C VAL A 15 3.34 6.61 -4.43
N ASN A 16 3.05 7.71 -3.80
CA ASN A 16 3.36 9.01 -4.37
C ASN A 16 4.86 9.22 -4.51
N GLU A 17 5.59 8.65 -3.60
CA GLU A 17 7.02 8.77 -3.58
C GLU A 17 7.66 7.83 -4.63
N ILE A 18 7.27 6.57 -4.60
CA ILE A 18 7.89 5.55 -5.44
C ILE A 18 7.21 5.42 -6.82
N ALA A 19 5.89 5.21 -6.83
CA ALA A 19 5.12 5.05 -8.07
C ALA A 19 4.97 6.40 -8.76
N GLY A 20 4.79 7.43 -7.95
CA GLY A 20 4.59 8.78 -8.42
C GLY A 20 3.12 9.06 -8.64
N ILE A 21 2.29 8.34 -7.92
CA ILE A 21 0.85 8.46 -8.09
C ILE A 21 0.26 9.34 -7.01
N PRO A 22 -0.59 10.32 -7.41
CA PRO A 22 -1.37 11.19 -6.54
C PRO A 22 -1.83 10.55 -5.27
N VAL A 23 -1.50 11.20 -4.17
CA VAL A 23 -1.86 10.80 -2.82
C VAL A 23 -3.38 10.69 -2.71
N GLU A 24 -4.06 11.48 -3.47
CA GLU A 24 -5.47 11.52 -3.41
C GLU A 24 -6.15 10.79 -4.57
N ASP A 25 -5.38 10.06 -5.34
CA ASP A 25 -5.95 9.15 -6.34
C ASP A 25 -5.96 7.79 -5.70
N VAL A 26 -5.04 7.64 -4.75
CA VAL A 26 -4.93 6.46 -3.93
C VAL A 26 -6.06 6.44 -2.89
N LYS A 27 -7.14 5.90 -3.33
CA LYS A 27 -8.33 5.73 -2.53
C LYS A 27 -8.35 4.32 -1.99
N LEU A 28 -9.49 3.68 -1.91
CA LEU A 28 -9.53 2.34 -1.32
C LEU A 28 -9.97 1.28 -2.36
N ASP A 29 -10.60 1.74 -3.39
CA ASP A 29 -11.12 0.88 -4.48
C ASP A 29 -10.00 0.62 -5.48
N LYS A 30 -8.97 1.37 -5.32
CA LYS A 30 -7.88 1.44 -6.28
C LYS A 30 -6.96 0.23 -6.29
N SER A 31 -6.88 -0.42 -7.41
CA SER A 31 -5.93 -1.43 -7.59
C SER A 31 -4.60 -0.75 -7.91
N PHE A 32 -3.64 -0.82 -6.95
CA PHE A 32 -2.24 -0.32 -7.11
C PHE A 32 -1.71 -0.41 -8.55
N THR A 33 -1.10 -1.52 -8.85
CA THR A 33 -0.58 -1.80 -10.15
C THR A 33 -1.67 -2.14 -11.19
N ASP A 34 -2.60 -1.23 -11.38
CA ASP A 34 -3.67 -1.40 -12.37
C ASP A 34 -4.42 -0.09 -12.59
N ASP A 35 -5.08 0.41 -11.58
CA ASP A 35 -5.89 1.61 -11.74
C ASP A 35 -5.03 2.82 -11.48
N LEU A 36 -4.26 2.73 -10.41
CA LEU A 36 -3.31 3.77 -10.06
C LEU A 36 -2.21 3.73 -11.08
N ASP A 37 -1.73 2.52 -11.32
CA ASP A 37 -0.69 2.19 -12.27
C ASP A 37 0.65 2.66 -11.77
N VAL A 38 1.27 1.76 -11.09
CA VAL A 38 2.51 1.98 -10.40
C VAL A 38 3.66 1.56 -11.32
N ASP A 39 4.04 0.31 -11.21
CA ASP A 39 5.11 -0.32 -11.96
C ASP A 39 5.29 -1.66 -11.32
N SER A 40 6.07 -2.46 -11.90
CA SER A 40 6.25 -3.82 -11.49
C SER A 40 7.26 -3.85 -10.35
N LEU A 41 8.28 -3.07 -10.54
CA LEU A 41 9.41 -3.01 -9.62
C LEU A 41 9.13 -2.03 -8.51
N SER A 42 8.45 -0.95 -8.88
CA SER A 42 8.07 0.12 -7.97
C SER A 42 7.17 -0.46 -6.88
N MET A 43 6.41 -1.46 -7.26
CA MET A 43 5.52 -2.16 -6.38
C MET A 43 6.25 -2.80 -5.20
N VAL A 44 7.42 -3.36 -5.48
CA VAL A 44 8.20 -4.07 -4.49
C VAL A 44 8.77 -3.09 -3.48
N GLU A 45 9.02 -1.88 -3.94
CA GLU A 45 9.52 -0.83 -3.10
C GLU A 45 8.40 -0.40 -2.18
N VAL A 46 7.17 -0.32 -2.73
CA VAL A 46 5.96 0.01 -1.98
C VAL A 46 5.79 -1.00 -0.83
N VAL A 47 5.89 -2.29 -1.17
CA VAL A 47 5.83 -3.39 -0.19
C VAL A 47 6.82 -3.10 0.96
N VAL A 48 8.10 -3.06 0.62
CA VAL A 48 9.18 -2.78 1.59
C VAL A 48 8.92 -1.46 2.41
N ALA A 49 8.54 -0.39 1.73
CA ALA A 49 8.30 0.90 2.38
C ALA A 49 7.06 0.86 3.29
N ALA A 50 6.13 -0.03 3.01
CA ALA A 50 4.93 -0.17 3.83
C ALA A 50 5.31 -0.70 5.21
N GLU A 51 6.31 -1.57 5.23
CA GLU A 51 6.84 -2.16 6.43
C GLU A 51 7.49 -1.07 7.28
N GLU A 52 7.91 0.00 6.65
CA GLU A 52 8.46 1.14 7.36
C GLU A 52 7.32 2.04 7.84
N ARG A 53 6.39 2.34 6.93
CA ARG A 53 5.33 3.30 7.16
C ARG A 53 4.34 2.80 8.18
N PHE A 54 4.13 1.53 8.20
CA PHE A 54 3.15 0.94 9.07
C PHE A 54 3.78 0.04 10.12
N ASP A 55 5.10 -0.11 10.03
CA ASP A 55 5.95 -0.95 10.95
C ASP A 55 5.74 -2.45 10.72
N VAL A 56 4.61 -2.81 10.17
CA VAL A 56 4.22 -4.19 9.98
C VAL A 56 4.98 -4.78 8.82
N LYS A 57 5.69 -5.84 9.11
CA LYS A 57 6.46 -6.52 8.12
C LYS A 57 5.50 -7.27 7.19
N ILE A 58 5.44 -6.85 5.96
CA ILE A 58 4.55 -7.43 4.99
C ILE A 58 5.41 -8.04 3.92
N PRO A 59 5.62 -9.34 3.98
CA PRO A 59 6.55 -10.01 3.09
C PRO A 59 6.07 -10.06 1.64
N ASP A 60 6.99 -9.72 0.71
CA ASP A 60 6.84 -9.84 -0.76
C ASP A 60 6.05 -11.08 -1.20
N ASP A 61 6.19 -12.15 -0.49
CA ASP A 61 5.48 -13.38 -0.84
C ASP A 61 3.99 -13.31 -0.49
N ASP A 62 3.69 -12.85 0.71
CA ASP A 62 2.31 -12.85 1.21
C ASP A 62 1.58 -11.59 0.78
N VAL A 63 2.34 -10.57 0.46
CA VAL A 63 1.82 -9.29 -0.01
C VAL A 63 1.10 -9.45 -1.36
N LYS A 64 1.44 -10.53 -2.06
CA LYS A 64 0.93 -10.81 -3.40
C LYS A 64 -0.59 -11.03 -3.43
N ASN A 65 -1.20 -11.13 -2.26
CA ASN A 65 -2.64 -11.36 -2.15
C ASN A 65 -3.38 -10.06 -1.97
N LEU A 66 -2.67 -8.95 -1.86
CA LEU A 66 -3.29 -7.67 -1.59
C LEU A 66 -3.78 -6.99 -2.86
N LYS A 67 -2.86 -6.54 -3.71
CA LYS A 67 -3.10 -5.90 -5.03
C LYS A 67 -3.90 -4.58 -5.03
N THR A 68 -4.77 -4.37 -4.09
CA THR A 68 -5.46 -3.11 -3.99
C THR A 68 -4.99 -2.39 -2.77
N VAL A 69 -5.33 -1.14 -2.74
CA VAL A 69 -5.08 -0.31 -1.59
C VAL A 69 -5.97 -0.77 -0.43
N GLY A 70 -7.21 -1.12 -0.74
CA GLY A 70 -8.13 -1.61 0.25
C GLY A 70 -7.66 -2.88 0.89
N ASP A 71 -7.24 -3.83 0.07
CA ASP A 71 -6.74 -5.11 0.57
C ASP A 71 -5.46 -4.94 1.34
N ALA A 72 -4.59 -4.06 0.85
CA ALA A 72 -3.35 -3.73 1.56
C ALA A 72 -3.70 -3.25 2.95
N THR A 73 -4.47 -2.18 3.01
CA THR A 73 -5.02 -1.65 4.24
C THR A 73 -5.67 -2.75 5.10
N LYS A 74 -6.54 -3.55 4.53
CA LYS A 74 -7.22 -4.65 5.23
C LYS A 74 -6.22 -5.61 5.89
N TYR A 75 -5.09 -5.83 5.24
CA TYR A 75 -4.06 -6.68 5.77
C TYR A 75 -3.42 -5.96 6.93
N ILE A 76 -2.98 -4.76 6.69
CA ILE A 76 -2.32 -3.91 7.65
C ILE A 76 -3.21 -3.68 8.86
N LEU A 77 -4.44 -3.31 8.60
CA LEU A 77 -5.45 -3.07 9.63
C LEU A 77 -5.55 -4.24 10.59
N ASP A 78 -5.47 -5.43 10.06
CA ASP A 78 -5.59 -6.65 10.88
C ASP A 78 -4.26 -7.09 11.45
N HIS A 79 -3.27 -6.99 10.61
CA HIS A 79 -1.92 -7.47 10.89
C HIS A 79 -1.06 -6.47 11.66
N GLN A 80 -1.68 -5.35 12.09
CA GLN A 80 -1.04 -4.32 12.96
C GLN A 80 -0.12 -4.98 13.99
N ALA A 81 1.12 -4.56 14.04
CA ALA A 81 2.04 -5.10 14.98
C ALA A 81 2.87 -3.98 15.51
N ALA A 1 -5.38 -1.52 16.55
CA ALA A 1 -5.39 -1.42 15.10
C ALA A 1 -5.08 0.01 14.71
N ALA A 2 -5.15 0.30 13.45
CA ALA A 2 -4.93 1.63 12.95
C ALA A 2 -6.11 2.01 12.11
N THR A 3 -6.38 3.27 11.99
CA THR A 3 -7.49 3.76 11.24
C THR A 3 -7.23 3.44 9.76
N GLN A 4 -8.16 2.77 9.10
CA GLN A 4 -7.96 2.20 7.76
C GLN A 4 -7.50 3.25 6.75
N GLU A 5 -8.07 4.41 6.82
CA GLU A 5 -7.79 5.45 5.85
C GLU A 5 -6.51 6.19 6.19
N GLU A 6 -6.16 6.12 7.45
CA GLU A 6 -4.91 6.61 7.97
C GLU A 6 -3.78 5.74 7.42
N ILE A 7 -4.10 4.45 7.27
CA ILE A 7 -3.23 3.49 6.64
C ILE A 7 -3.14 3.84 5.15
N VAL A 8 -4.28 3.98 4.53
CA VAL A 8 -4.39 4.35 3.12
C VAL A 8 -3.59 5.64 2.82
N ALA A 9 -3.68 6.60 3.70
CA ALA A 9 -2.94 7.86 3.58
C ALA A 9 -1.44 7.59 3.63
N GLY A 10 -1.06 6.64 4.46
CA GLY A 10 0.30 6.23 4.57
C GLY A 10 0.75 5.56 3.31
N LEU A 11 -0.09 4.72 2.77
CA LEU A 11 0.17 4.05 1.51
C LEU A 11 0.29 5.06 0.39
N ALA A 12 -0.67 5.97 0.32
CA ALA A 12 -0.75 7.00 -0.69
C ALA A 12 0.53 7.80 -0.78
N GLU A 13 1.06 8.18 0.36
CA GLU A 13 2.29 8.96 0.37
C GLU A 13 3.49 8.18 -0.14
N ILE A 14 3.54 6.92 0.19
CA ILE A 14 4.58 5.99 -0.27
C ILE A 14 4.47 5.84 -1.79
N VAL A 15 3.25 5.61 -2.26
CA VAL A 15 2.95 5.44 -3.66
C VAL A 15 3.42 6.66 -4.46
N ASN A 16 3.29 7.82 -3.89
CA ASN A 16 3.68 9.04 -4.59
C ASN A 16 5.20 9.14 -4.71
N GLU A 17 5.90 8.58 -3.75
CA GLU A 17 7.33 8.60 -3.73
C GLU A 17 7.90 7.59 -4.70
N ILE A 18 7.36 6.40 -4.66
CA ILE A 18 7.91 5.31 -5.43
C ILE A 18 7.26 5.20 -6.82
N ALA A 19 5.94 5.12 -6.86
CA ALA A 19 5.21 4.98 -8.12
C ALA A 19 5.11 6.30 -8.81
N GLY A 20 4.88 7.35 -8.03
CA GLY A 20 4.73 8.68 -8.55
C GLY A 20 3.27 9.00 -8.80
N ILE A 21 2.40 8.26 -8.14
CA ILE A 21 0.98 8.39 -8.34
C ILE A 21 0.38 9.29 -7.26
N PRO A 22 -0.52 10.22 -7.66
CA PRO A 22 -1.29 11.08 -6.78
C PRO A 22 -1.71 10.42 -5.47
N VAL A 23 -1.36 11.07 -4.39
CA VAL A 23 -1.69 10.64 -3.02
C VAL A 23 -3.21 10.64 -2.85
N GLU A 24 -3.85 11.37 -3.71
CA GLU A 24 -5.26 11.54 -3.65
C GLU A 24 -5.99 10.58 -4.59
N ASP A 25 -5.24 9.86 -5.41
CA ASP A 25 -5.89 8.92 -6.31
C ASP A 25 -5.95 7.58 -5.63
N VAL A 26 -5.11 7.46 -4.62
CA VAL A 26 -5.02 6.29 -3.78
C VAL A 26 -6.19 6.29 -2.79
N LYS A 27 -7.27 5.73 -3.25
CA LYS A 27 -8.50 5.56 -2.50
C LYS A 27 -8.48 4.14 -1.92
N LEU A 28 -9.58 3.41 -1.97
CA LEU A 28 -9.55 2.00 -1.55
C LEU A 28 -10.00 1.04 -2.64
N ASP A 29 -10.60 1.58 -3.66
CA ASP A 29 -11.13 0.79 -4.78
C ASP A 29 -10.03 0.53 -5.80
N LYS A 30 -8.97 1.26 -5.61
CA LYS A 30 -7.88 1.32 -6.56
C LYS A 30 -6.96 0.11 -6.47
N SER A 31 -6.77 -0.53 -7.56
CA SER A 31 -5.85 -1.58 -7.62
C SER A 31 -4.53 -0.96 -8.03
N PHE A 32 -3.57 -0.91 -7.10
CA PHE A 32 -2.20 -0.37 -7.32
C PHE A 32 -1.70 -0.48 -8.77
N THR A 33 -1.17 -1.61 -9.12
CA THR A 33 -0.73 -1.82 -10.48
C THR A 33 -1.84 -2.21 -11.44
N ASP A 34 -2.76 -1.27 -11.67
CA ASP A 34 -3.86 -1.44 -12.63
C ASP A 34 -4.64 -0.13 -12.73
N ASP A 35 -5.13 0.31 -11.59
CA ASP A 35 -5.92 1.55 -11.49
C ASP A 35 -5.01 2.75 -11.30
N LEU A 36 -3.98 2.58 -10.50
CA LEU A 36 -3.03 3.65 -10.26
C LEU A 36 -1.97 3.64 -11.35
N ASP A 37 -1.42 2.46 -11.58
CA ASP A 37 -0.37 2.19 -12.56
C ASP A 37 0.99 2.53 -12.01
N VAL A 38 1.59 1.55 -11.39
CA VAL A 38 2.84 1.71 -10.72
C VAL A 38 3.96 1.07 -11.58
N ASP A 39 4.29 -0.16 -11.28
CA ASP A 39 5.33 -0.95 -11.92
C ASP A 39 5.40 -2.20 -11.08
N SER A 40 6.26 -3.08 -11.38
CA SER A 40 6.38 -4.30 -10.64
C SER A 40 7.42 -4.10 -9.56
N LEU A 41 8.49 -3.46 -9.94
CA LEU A 41 9.59 -3.30 -9.06
C LEU A 41 9.31 -2.19 -8.06
N SER A 42 8.57 -1.20 -8.53
CA SER A 42 8.16 -0.11 -7.70
C SER A 42 7.08 -0.58 -6.74
N MET A 43 6.37 -1.63 -7.15
CA MET A 43 5.31 -2.20 -6.35
C MET A 43 5.86 -2.78 -5.07
N VAL A 44 6.91 -3.56 -5.22
CA VAL A 44 7.51 -4.25 -4.11
C VAL A 44 8.21 -3.25 -3.17
N GLU A 45 8.59 -2.09 -3.71
CA GLU A 45 9.17 -1.04 -2.92
C GLU A 45 8.12 -0.46 -2.00
N VAL A 46 6.89 -0.32 -2.54
CA VAL A 46 5.75 0.16 -1.77
C VAL A 46 5.49 -0.79 -0.62
N VAL A 47 5.53 -2.09 -0.93
CA VAL A 47 5.39 -3.16 0.07
C VAL A 47 6.40 -2.95 1.21
N VAL A 48 7.69 -3.03 0.86
CA VAL A 48 8.81 -2.79 1.80
C VAL A 48 8.61 -1.48 2.60
N ALA A 49 8.38 -0.38 1.91
CA ALA A 49 8.20 0.92 2.55
C ALA A 49 6.97 0.97 3.47
N ALA A 50 5.92 0.25 3.10
CA ALA A 50 4.70 0.19 3.92
C ALA A 50 4.99 -0.44 5.26
N GLU A 51 5.87 -1.43 5.26
CA GLU A 51 6.27 -2.09 6.48
C GLU A 51 6.91 -1.07 7.42
N GLU A 52 7.80 -0.29 6.86
CA GLU A 52 8.52 0.75 7.57
C GLU A 52 7.56 1.86 8.04
N ARG A 53 6.59 2.15 7.21
CA ARG A 53 5.65 3.23 7.42
C ARG A 53 4.63 2.87 8.48
N PHE A 54 4.24 1.62 8.51
CA PHE A 54 3.20 1.20 9.40
C PHE A 54 3.73 0.37 10.55
N ASP A 55 5.05 0.20 10.60
CA ASP A 55 5.74 -0.54 11.68
C ASP A 55 5.36 -2.03 11.63
N VAL A 56 4.93 -2.47 10.47
CA VAL A 56 4.47 -3.83 10.27
C VAL A 56 5.46 -4.62 9.42
N LYS A 57 5.05 -5.82 9.05
CA LYS A 57 5.79 -6.68 8.16
C LYS A 57 4.85 -7.20 7.12
N ILE A 58 5.20 -7.01 5.89
CA ILE A 58 4.40 -7.41 4.76
C ILE A 58 5.34 -8.02 3.74
N PRO A 59 5.41 -9.34 3.68
CA PRO A 59 6.30 -10.03 2.75
C PRO A 59 5.80 -9.95 1.30
N ASP A 60 6.73 -9.70 0.36
CA ASP A 60 6.45 -9.66 -1.09
C ASP A 60 5.79 -10.95 -1.59
N ASP A 61 5.90 -12.00 -0.81
CA ASP A 61 5.27 -13.28 -1.09
C ASP A 61 3.75 -13.21 -0.84
N ASP A 62 3.37 -12.66 0.29
CA ASP A 62 1.96 -12.63 0.70
C ASP A 62 1.24 -11.45 0.10
N VAL A 63 2.00 -10.38 -0.07
CA VAL A 63 1.50 -9.10 -0.58
C VAL A 63 0.79 -9.26 -1.94
N LYS A 64 1.12 -10.33 -2.63
CA LYS A 64 0.60 -10.64 -3.93
C LYS A 64 -0.94 -10.82 -3.91
N ASN A 65 -1.49 -11.04 -2.73
CA ASN A 65 -2.94 -11.24 -2.58
C ASN A 65 -3.64 -9.92 -2.29
N LEU A 66 -2.87 -8.86 -2.09
CA LEU A 66 -3.46 -7.57 -1.74
C LEU A 66 -4.05 -6.91 -2.97
N LYS A 67 -3.18 -6.44 -3.89
CA LYS A 67 -3.56 -5.84 -5.19
C LYS A 67 -4.12 -4.44 -5.07
N THR A 68 -5.03 -4.24 -4.17
CA THR A 68 -5.65 -2.98 -4.02
C THR A 68 -5.14 -2.25 -2.84
N VAL A 69 -5.36 -0.98 -2.87
CA VAL A 69 -5.05 -0.10 -1.79
C VAL A 69 -5.91 -0.41 -0.56
N GLY A 70 -7.12 -0.88 -0.81
CA GLY A 70 -8.02 -1.24 0.25
C GLY A 70 -7.63 -2.55 0.89
N ASP A 71 -7.23 -3.51 0.07
CA ASP A 71 -6.87 -4.83 0.57
C ASP A 71 -5.52 -4.76 1.26
N ALA A 72 -4.65 -3.90 0.75
CA ALA A 72 -3.34 -3.65 1.37
C ALA A 72 -3.56 -3.18 2.79
N THR A 73 -4.31 -2.10 2.94
CA THR A 73 -4.75 -1.60 4.21
C THR A 73 -5.34 -2.71 5.10
N LYS A 74 -6.24 -3.51 4.56
CA LYS A 74 -6.89 -4.60 5.29
C LYS A 74 -5.85 -5.57 5.88
N TYR A 75 -4.76 -5.80 5.17
CA TYR A 75 -3.71 -6.67 5.65
C TYR A 75 -2.96 -5.98 6.76
N ILE A 76 -2.72 -4.72 6.57
CA ILE A 76 -1.98 -3.90 7.52
C ILE A 76 -2.80 -3.73 8.77
N LEU A 77 -4.07 -3.44 8.60
CA LEU A 77 -5.05 -3.30 9.67
C LEU A 77 -5.06 -4.56 10.55
N ASP A 78 -4.83 -5.68 9.93
CA ASP A 78 -4.82 -6.96 10.61
C ASP A 78 -3.45 -7.29 11.17
N HIS A 79 -2.44 -6.98 10.39
CA HIS A 79 -1.06 -7.36 10.68
C HIS A 79 -0.34 -6.34 11.55
N GLN A 80 -1.08 -5.33 12.02
CA GLN A 80 -0.57 -4.33 12.97
C GLN A 80 0.32 -4.97 14.04
N ALA A 81 1.51 -4.41 14.22
CA ALA A 81 2.51 -4.94 15.14
C ALA A 81 2.02 -4.95 16.57
N ALA A 1 -4.29 -2.12 16.23
CA ALA A 1 -5.18 -1.78 15.12
C ALA A 1 -5.07 -0.29 14.88
N ALA A 2 -5.27 0.13 13.66
CA ALA A 2 -5.09 1.52 13.31
C ALA A 2 -6.36 2.00 12.67
N THR A 3 -6.36 3.18 12.15
CA THR A 3 -7.48 3.66 11.45
C THR A 3 -7.18 3.53 9.97
N GLN A 4 -8.01 2.75 9.28
CA GLN A 4 -7.87 2.44 7.84
C GLN A 4 -7.54 3.67 6.99
N GLU A 5 -8.13 4.78 7.37
CA GLU A 5 -7.99 6.06 6.67
C GLU A 5 -6.55 6.54 6.71
N GLU A 6 -5.90 6.26 7.82
CA GLU A 6 -4.54 6.65 8.03
C GLU A 6 -3.60 5.70 7.34
N ILE A 7 -4.05 4.47 7.24
CA ILE A 7 -3.30 3.43 6.57
C ILE A 7 -3.28 3.75 5.08
N VAL A 8 -4.45 3.94 4.52
CA VAL A 8 -4.58 4.35 3.12
C VAL A 8 -3.82 5.68 2.87
N ALA A 9 -3.81 6.54 3.87
CA ALA A 9 -3.10 7.81 3.79
C ALA A 9 -1.62 7.55 3.70
N GLY A 10 -1.14 6.59 4.49
CA GLY A 10 0.25 6.23 4.49
C GLY A 10 0.63 5.60 3.19
N LEU A 11 -0.23 4.71 2.72
CA LEU A 11 -0.04 4.06 1.43
C LEU A 11 0.02 5.08 0.32
N ALA A 12 -0.85 6.07 0.39
CA ALA A 12 -0.89 7.16 -0.58
C ALA A 12 0.44 7.89 -0.62
N GLU A 13 1.05 8.08 0.54
CA GLU A 13 2.37 8.71 0.63
C GLU A 13 3.38 7.87 -0.10
N ILE A 14 3.40 6.63 0.26
CA ILE A 14 4.28 5.63 -0.29
C ILE A 14 4.15 5.59 -1.82
N VAL A 15 2.92 5.46 -2.28
CA VAL A 15 2.62 5.41 -3.69
C VAL A 15 3.00 6.70 -4.40
N ASN A 16 2.82 7.82 -3.74
CA ASN A 16 3.17 9.11 -4.33
C ASN A 16 4.66 9.17 -4.55
N GLU A 17 5.38 8.63 -3.61
CA GLU A 17 6.81 8.59 -3.62
C GLU A 17 7.34 7.57 -4.66
N ILE A 18 7.02 6.32 -4.44
CA ILE A 18 7.59 5.22 -5.22
C ILE A 18 6.94 5.09 -6.59
N ALA A 19 5.64 5.00 -6.62
CA ALA A 19 4.92 4.81 -7.87
C ALA A 19 4.83 6.11 -8.64
N GLY A 20 4.83 7.21 -7.89
CA GLY A 20 4.70 8.53 -8.45
C GLY A 20 3.28 8.80 -8.86
N ILE A 21 2.36 8.35 -8.05
CA ILE A 21 0.96 8.49 -8.33
C ILE A 21 0.32 9.35 -7.23
N PRO A 22 -0.56 10.30 -7.61
CA PRO A 22 -1.34 11.14 -6.70
C PRO A 22 -1.80 10.46 -5.43
N VAL A 23 -1.40 11.07 -4.32
CA VAL A 23 -1.80 10.67 -2.97
C VAL A 23 -3.30 10.60 -2.92
N GLU A 24 -3.89 11.58 -3.52
CA GLU A 24 -5.30 11.76 -3.49
C GLU A 24 -6.06 10.79 -4.38
N ASP A 25 -5.40 10.24 -5.38
CA ASP A 25 -6.09 9.32 -6.27
C ASP A 25 -6.12 7.94 -5.65
N VAL A 26 -5.29 7.78 -4.65
CA VAL A 26 -5.13 6.56 -3.89
C VAL A 26 -6.26 6.43 -2.86
N LYS A 27 -7.39 6.00 -3.38
CA LYS A 27 -8.55 5.67 -2.62
C LYS A 27 -8.79 4.20 -2.80
N LEU A 28 -9.68 3.62 -2.04
CA LEU A 28 -9.75 2.14 -1.92
C LEU A 28 -10.33 1.39 -3.12
N ASP A 29 -10.51 2.08 -4.18
CA ASP A 29 -11.01 1.52 -5.43
C ASP A 29 -9.82 1.22 -6.35
N LYS A 30 -8.66 1.58 -5.88
CA LYS A 30 -7.49 1.56 -6.67
C LYS A 30 -6.63 0.36 -6.43
N SER A 31 -6.40 -0.37 -7.47
CA SER A 31 -5.43 -1.41 -7.44
C SER A 31 -4.15 -0.79 -7.96
N PHE A 32 -3.15 -0.73 -7.10
CA PHE A 32 -1.81 -0.18 -7.39
C PHE A 32 -1.33 -0.44 -8.83
N THR A 33 -0.90 -1.63 -9.13
CA THR A 33 -0.44 -1.98 -10.47
C THR A 33 -1.58 -2.39 -11.41
N ASP A 34 -2.61 -1.59 -11.42
CA ASP A 34 -3.77 -1.84 -12.27
C ASP A 34 -4.40 -0.54 -12.68
N ASP A 35 -4.71 0.28 -11.71
CA ASP A 35 -5.39 1.52 -11.97
C ASP A 35 -4.43 2.67 -11.87
N LEU A 36 -3.75 2.75 -10.72
CA LEU A 36 -2.78 3.78 -10.45
C LEU A 36 -1.63 3.66 -11.43
N ASP A 37 -1.17 2.43 -11.57
CA ASP A 37 -0.08 2.01 -12.41
C ASP A 37 1.23 2.42 -11.79
N VAL A 38 1.71 1.55 -10.95
CA VAL A 38 2.95 1.75 -10.25
C VAL A 38 4.10 1.38 -11.19
N ASP A 39 4.43 0.12 -11.19
CA ASP A 39 5.46 -0.49 -12.00
C ASP A 39 5.57 -1.85 -11.41
N SER A 40 6.32 -2.67 -11.99
CA SER A 40 6.40 -4.03 -11.60
C SER A 40 7.50 -4.15 -10.54
N LEU A 41 8.51 -3.31 -10.67
CA LEU A 41 9.63 -3.32 -9.76
C LEU A 41 9.32 -2.44 -8.57
N SER A 42 8.78 -1.25 -8.85
CA SER A 42 8.49 -0.26 -7.82
C SER A 42 7.43 -0.79 -6.87
N MET A 43 6.67 -1.76 -7.37
CA MET A 43 5.66 -2.45 -6.59
C MET A 43 6.27 -3.05 -5.33
N VAL A 44 7.44 -3.64 -5.48
CA VAL A 44 8.09 -4.34 -4.40
C VAL A 44 8.58 -3.35 -3.34
N GLU A 45 8.86 -2.12 -3.75
CA GLU A 45 9.29 -1.14 -2.79
C GLU A 45 8.11 -0.54 -2.08
N VAL A 46 6.93 -0.59 -2.71
CA VAL A 46 5.69 -0.17 -2.05
C VAL A 46 5.43 -1.13 -0.90
N VAL A 47 5.67 -2.41 -1.17
CA VAL A 47 5.57 -3.47 -0.17
C VAL A 47 6.54 -3.14 0.97
N VAL A 48 7.84 -3.08 0.64
CA VAL A 48 8.90 -2.71 1.61
C VAL A 48 8.56 -1.40 2.40
N ALA A 49 8.15 -0.36 1.70
CA ALA A 49 7.84 0.91 2.33
C ALA A 49 6.60 0.82 3.21
N ALA A 50 5.71 -0.12 2.95
CA ALA A 50 4.54 -0.31 3.79
C ALA A 50 4.99 -0.82 5.15
N GLU A 51 6.03 -1.64 5.13
CA GLU A 51 6.63 -2.16 6.35
C GLU A 51 7.26 -0.99 7.09
N GLU A 52 8.05 -0.24 6.34
CA GLU A 52 8.78 0.94 6.80
C GLU A 52 7.83 1.96 7.45
N ARG A 53 6.66 2.09 6.87
CA ARG A 53 5.70 3.07 7.26
C ARG A 53 4.87 2.62 8.44
N PHE A 54 4.30 1.46 8.32
CA PHE A 54 3.32 1.03 9.30
C PHE A 54 3.90 0.15 10.40
N ASP A 55 5.19 -0.19 10.29
CA ASP A 55 5.94 -1.01 11.30
C ASP A 55 5.59 -2.50 11.18
N VAL A 56 4.62 -2.78 10.34
CA VAL A 56 4.14 -4.11 10.07
C VAL A 56 5.13 -4.87 9.15
N LYS A 57 5.01 -6.17 9.06
CA LYS A 57 5.84 -6.97 8.21
C LYS A 57 5.00 -7.51 7.07
N ILE A 58 5.18 -6.95 5.91
CA ILE A 58 4.48 -7.40 4.74
C ILE A 58 5.51 -7.71 3.69
N PRO A 59 5.89 -8.96 3.55
CA PRO A 59 6.84 -9.34 2.54
C PRO A 59 6.13 -9.65 1.22
N ASP A 60 6.91 -9.73 0.16
CA ASP A 60 6.43 -10.05 -1.19
C ASP A 60 5.56 -11.33 -1.24
N ASP A 61 5.71 -12.20 -0.27
CA ASP A 61 4.88 -13.40 -0.22
C ASP A 61 3.46 -13.06 0.22
N ASP A 62 3.36 -12.32 1.33
CA ASP A 62 2.06 -11.92 1.87
C ASP A 62 1.42 -10.85 1.04
N VAL A 63 2.24 -10.12 0.33
CA VAL A 63 1.76 -9.08 -0.54
C VAL A 63 0.94 -9.67 -1.70
N LYS A 64 1.16 -10.96 -1.98
CA LYS A 64 0.46 -11.67 -3.06
C LYS A 64 -1.04 -11.84 -2.75
N ASN A 65 -1.47 -11.36 -1.60
CA ASN A 65 -2.86 -11.48 -1.17
C ASN A 65 -3.47 -10.12 -1.26
N LEU A 66 -2.69 -9.18 -1.72
CA LEU A 66 -3.08 -7.85 -1.80
C LEU A 66 -3.02 -7.45 -3.23
N LYS A 67 -3.86 -6.54 -3.58
CA LYS A 67 -3.90 -5.97 -4.91
C LYS A 67 -4.46 -4.56 -4.91
N THR A 68 -5.41 -4.27 -4.06
CA THR A 68 -5.83 -2.90 -3.97
C THR A 68 -5.23 -2.24 -2.77
N VAL A 69 -5.41 -0.95 -2.72
CA VAL A 69 -5.05 -0.15 -1.57
C VAL A 69 -5.88 -0.59 -0.37
N GLY A 70 -7.11 -1.01 -0.67
CA GLY A 70 -8.01 -1.49 0.34
C GLY A 70 -7.53 -2.80 0.93
N ASP A 71 -7.05 -3.70 0.07
CA ASP A 71 -6.50 -4.99 0.51
C ASP A 71 -5.31 -4.76 1.38
N ALA A 72 -4.41 -3.90 0.90
CA ALA A 72 -3.20 -3.56 1.61
C ALA A 72 -3.54 -3.10 3.01
N THR A 73 -4.32 -2.03 3.09
CA THR A 73 -4.83 -1.51 4.33
C THR A 73 -5.47 -2.59 5.20
N LYS A 74 -6.30 -3.44 4.62
CA LYS A 74 -7.00 -4.47 5.35
C LYS A 74 -6.02 -5.48 5.96
N TYR A 75 -4.89 -5.70 5.30
CA TYR A 75 -3.90 -6.59 5.81
C TYR A 75 -3.16 -5.89 6.91
N ILE A 76 -2.82 -4.65 6.67
CA ILE A 76 -2.10 -3.83 7.62
C ILE A 76 -2.92 -3.64 8.87
N LEU A 77 -4.18 -3.26 8.69
CA LEU A 77 -5.14 -3.04 9.77
C LEU A 77 -5.17 -4.21 10.72
N ASP A 78 -5.14 -5.38 10.16
CA ASP A 78 -5.25 -6.61 10.95
C ASP A 78 -3.90 -7.12 11.43
N HIS A 79 -2.91 -7.07 10.57
CA HIS A 79 -1.59 -7.63 10.85
C HIS A 79 -0.68 -6.66 11.61
N GLN A 80 -1.22 -5.48 12.01
CA GLN A 80 -0.51 -4.46 12.84
C GLN A 80 0.42 -5.13 13.85
N ALA A 81 1.65 -4.65 13.92
CA ALA A 81 2.65 -5.24 14.78
C ALA A 81 2.36 -4.92 16.23
N ALA A 1 -5.30 -1.72 16.21
CA ALA A 1 -5.80 -1.28 14.92
C ALA A 1 -5.56 0.22 14.77
N ALA A 2 -5.48 0.68 13.54
CA ALA A 2 -5.29 2.08 13.26
C ALA A 2 -6.48 2.53 12.45
N THR A 3 -6.45 3.73 11.96
CA THR A 3 -7.56 4.21 11.21
C THR A 3 -7.31 3.86 9.74
N GLN A 4 -8.26 3.13 9.14
CA GLN A 4 -8.14 2.59 7.76
C GLN A 4 -7.78 3.69 6.77
N GLU A 5 -8.32 4.85 7.01
CA GLU A 5 -8.10 6.04 6.19
C GLU A 5 -6.64 6.43 6.24
N GLU A 6 -6.06 6.34 7.42
CA GLU A 6 -4.68 6.70 7.63
C GLU A 6 -3.77 5.62 7.07
N ILE A 7 -4.26 4.40 7.05
CA ILE A 7 -3.54 3.29 6.48
C ILE A 7 -3.42 3.53 4.97
N VAL A 8 -4.56 3.72 4.33
CA VAL A 8 -4.60 4.05 2.91
C VAL A 8 -3.82 5.36 2.62
N ALA A 9 -3.84 6.29 3.57
CA ALA A 9 -3.09 7.53 3.44
C ALA A 9 -1.60 7.26 3.45
N GLY A 10 -1.17 6.36 4.33
CA GLY A 10 0.22 5.94 4.41
C GLY A 10 0.65 5.28 3.13
N LEU A 11 -0.24 4.45 2.59
CA LEU A 11 -0.03 3.80 1.33
C LEU A 11 0.11 4.85 0.23
N ALA A 12 -0.75 5.86 0.29
CA ALA A 12 -0.75 6.96 -0.66
C ALA A 12 0.57 7.70 -0.65
N GLU A 13 1.14 7.92 0.54
CA GLU A 13 2.46 8.56 0.72
C GLU A 13 3.49 7.82 -0.09
N ILE A 14 3.50 6.55 0.14
CA ILE A 14 4.40 5.63 -0.45
C ILE A 14 4.21 5.61 -1.98
N VAL A 15 2.98 5.42 -2.42
CA VAL A 15 2.65 5.40 -3.84
C VAL A 15 3.03 6.71 -4.51
N ASN A 16 2.77 7.81 -3.85
CA ASN A 16 3.09 9.13 -4.39
C ASN A 16 4.57 9.24 -4.64
N GLU A 17 5.34 8.77 -3.69
CA GLU A 17 6.78 8.81 -3.76
C GLU A 17 7.31 7.85 -4.83
N ILE A 18 7.00 6.58 -4.67
CA ILE A 18 7.56 5.51 -5.49
C ILE A 18 6.91 5.41 -6.88
N ALA A 19 5.59 5.30 -6.91
CA ALA A 19 4.86 5.15 -8.17
C ALA A 19 4.78 6.49 -8.89
N GLY A 20 4.72 7.56 -8.09
CA GLY A 20 4.63 8.90 -8.62
C GLY A 20 3.19 9.32 -8.82
N ILE A 21 2.28 8.55 -8.27
CA ILE A 21 0.87 8.78 -8.44
C ILE A 21 0.32 9.58 -7.26
N PRO A 22 -0.45 10.67 -7.55
CA PRO A 22 -1.17 11.49 -6.57
C PRO A 22 -1.66 10.74 -5.36
N VAL A 23 -1.30 11.27 -4.18
CA VAL A 23 -1.72 10.78 -2.86
C VAL A 23 -3.23 10.63 -2.85
N GLU A 24 -3.87 11.56 -3.52
CA GLU A 24 -5.28 11.64 -3.50
C GLU A 24 -5.96 10.89 -4.64
N ASP A 25 -5.17 10.26 -5.48
CA ASP A 25 -5.75 9.40 -6.50
C ASP A 25 -5.76 8.00 -5.93
N VAL A 26 -5.01 7.84 -4.87
CA VAL A 26 -4.88 6.61 -4.15
C VAL A 26 -6.13 6.40 -3.26
N LYS A 27 -7.22 6.11 -3.92
CA LYS A 27 -8.47 5.85 -3.27
C LYS A 27 -8.49 4.40 -2.90
N LEU A 28 -9.53 3.95 -2.29
CA LEU A 28 -9.57 2.62 -1.71
C LEU A 28 -9.98 1.55 -2.71
N ASP A 29 -10.34 1.96 -3.86
CA ASP A 29 -10.72 1.04 -4.88
C ASP A 29 -9.56 0.75 -5.80
N LYS A 30 -8.46 1.44 -5.56
CA LYS A 30 -7.31 1.40 -6.45
C LYS A 30 -6.48 0.11 -6.32
N SER A 31 -6.33 -0.61 -7.43
CA SER A 31 -5.57 -1.87 -7.45
C SER A 31 -4.07 -1.63 -7.76
N PHE A 32 -3.51 -0.54 -7.23
CA PHE A 32 -2.09 -0.18 -7.43
C PHE A 32 -1.62 -0.18 -8.88
N THR A 33 -0.96 -1.25 -9.27
CA THR A 33 -0.41 -1.46 -10.61
C THR A 33 -1.45 -1.67 -11.72
N ASP A 34 -2.56 -1.04 -11.59
CA ASP A 34 -3.61 -1.12 -12.57
C ASP A 34 -4.29 0.21 -12.73
N ASP A 35 -5.08 0.60 -11.73
CA ASP A 35 -5.86 1.84 -11.83
C ASP A 35 -5.00 3.06 -11.57
N LEU A 36 -4.10 2.95 -10.59
CA LEU A 36 -3.15 4.02 -10.30
C LEU A 36 -2.09 4.01 -11.36
N ASP A 37 -1.51 2.82 -11.55
CA ASP A 37 -0.44 2.51 -12.47
C ASP A 37 0.87 2.89 -11.86
N VAL A 38 1.46 1.93 -11.23
CA VAL A 38 2.70 2.11 -10.53
C VAL A 38 3.84 1.74 -11.48
N ASP A 39 4.22 0.50 -11.45
CA ASP A 39 5.22 -0.10 -12.27
C ASP A 39 5.38 -1.46 -11.69
N SER A 40 6.10 -2.28 -12.32
CA SER A 40 6.19 -3.63 -11.91
C SER A 40 7.34 -3.75 -10.90
N LEU A 41 8.35 -2.94 -11.07
CA LEU A 41 9.51 -2.98 -10.21
C LEU A 41 9.29 -2.13 -8.96
N SER A 42 8.57 -1.04 -9.14
CA SER A 42 8.32 -0.09 -8.10
C SER A 42 7.32 -0.63 -7.10
N MET A 43 6.64 -1.70 -7.47
CA MET A 43 5.66 -2.34 -6.65
C MET A 43 6.29 -2.92 -5.39
N VAL A 44 7.48 -3.49 -5.55
CA VAL A 44 8.18 -4.11 -4.45
C VAL A 44 8.71 -3.05 -3.49
N GLU A 45 8.90 -1.84 -4.00
CA GLU A 45 9.40 -0.76 -3.19
C GLU A 45 8.27 -0.32 -2.27
N VAL A 46 7.03 -0.38 -2.79
CA VAL A 46 5.84 -0.09 -2.02
C VAL A 46 5.77 -1.07 -0.86
N VAL A 47 5.99 -2.34 -1.17
CA VAL A 47 6.06 -3.42 -0.17
C VAL A 47 7.07 -3.04 0.91
N VAL A 48 8.35 -2.92 0.52
CA VAL A 48 9.46 -2.55 1.42
C VAL A 48 9.08 -1.34 2.32
N ALA A 49 8.62 -0.27 1.69
CA ALA A 49 8.25 0.94 2.40
C ALA A 49 7.08 0.70 3.35
N ALA A 50 6.10 -0.08 2.93
CA ALA A 50 4.92 -0.38 3.73
C ALA A 50 5.28 -1.09 5.02
N GLU A 51 6.18 -2.06 4.91
CA GLU A 51 6.65 -2.84 6.06
C GLU A 51 7.24 -1.92 7.12
N GLU A 52 7.89 -0.88 6.66
CA GLU A 52 8.52 0.08 7.50
C GLU A 52 7.53 1.14 8.00
N ARG A 53 6.75 1.69 7.08
CA ARG A 53 5.87 2.83 7.35
C ARG A 53 4.80 2.47 8.34
N PHE A 54 4.32 1.26 8.20
CA PHE A 54 3.23 0.79 9.01
C PHE A 54 3.74 -0.09 10.15
N ASP A 55 5.05 -0.40 10.12
CA ASP A 55 5.74 -1.27 11.11
C ASP A 55 5.22 -2.70 11.09
N VAL A 56 4.51 -3.04 10.07
CA VAL A 56 3.97 -4.36 9.93
C VAL A 56 4.72 -5.09 8.83
N LYS A 57 5.27 -6.21 9.17
CA LYS A 57 6.06 -7.00 8.26
C LYS A 57 5.15 -7.63 7.22
N ILE A 58 5.17 -7.08 6.05
CA ILE A 58 4.41 -7.62 4.94
C ILE A 58 5.39 -7.84 3.82
N PRO A 59 6.03 -8.99 3.78
CA PRO A 59 6.98 -9.27 2.72
C PRO A 59 6.25 -9.51 1.40
N ASP A 60 6.98 -9.42 0.29
CA ASP A 60 6.42 -9.64 -1.06
C ASP A 60 5.58 -10.92 -1.13
N ASP A 61 5.96 -11.91 -0.32
CA ASP A 61 5.24 -13.18 -0.22
C ASP A 61 3.78 -12.99 0.26
N ASP A 62 3.59 -12.26 1.36
CA ASP A 62 2.23 -11.98 1.91
C ASP A 62 1.53 -10.97 1.08
N VAL A 63 2.31 -10.12 0.50
CA VAL A 63 1.84 -9.09 -0.40
C VAL A 63 1.11 -9.70 -1.61
N LYS A 64 1.40 -10.95 -1.92
CA LYS A 64 0.75 -11.64 -3.04
C LYS A 64 -0.73 -11.97 -2.78
N ASN A 65 -1.22 -11.64 -1.60
CA ASN A 65 -2.59 -11.89 -1.23
C ASN A 65 -3.29 -10.55 -1.22
N LEU A 66 -2.47 -9.51 -1.30
CA LEU A 66 -2.93 -8.16 -1.33
C LEU A 66 -2.97 -7.76 -2.78
N LYS A 67 -3.90 -6.94 -3.14
CA LYS A 67 -4.03 -6.53 -4.53
C LYS A 67 -4.58 -5.12 -4.70
N THR A 68 -5.03 -4.53 -3.63
CA THR A 68 -5.50 -3.19 -3.66
C THR A 68 -5.01 -2.46 -2.45
N VAL A 69 -5.24 -1.19 -2.44
CA VAL A 69 -4.97 -0.33 -1.31
C VAL A 69 -5.77 -0.80 -0.09
N GLY A 70 -7.07 -1.02 -0.30
CA GLY A 70 -7.93 -1.51 0.74
C GLY A 70 -7.55 -2.89 1.21
N ASP A 71 -7.03 -3.73 0.30
CA ASP A 71 -6.65 -5.09 0.67
C ASP A 71 -5.43 -5.04 1.55
N ALA A 72 -4.48 -4.17 1.16
CA ALA A 72 -3.28 -3.94 1.96
C ALA A 72 -3.69 -3.48 3.34
N THR A 73 -4.52 -2.45 3.37
CA THR A 73 -5.16 -1.96 4.57
C THR A 73 -5.80 -3.11 5.37
N LYS A 74 -6.58 -3.97 4.74
CA LYS A 74 -7.26 -5.09 5.40
C LYS A 74 -6.25 -6.03 6.11
N TYR A 75 -5.03 -6.06 5.62
CA TYR A 75 -3.98 -6.85 6.22
C TYR A 75 -3.35 -6.03 7.36
N ILE A 76 -2.97 -4.81 7.03
CA ILE A 76 -2.34 -3.88 7.94
C ILE A 76 -3.24 -3.58 9.14
N LEU A 77 -4.48 -3.20 8.87
CA LEU A 77 -5.48 -2.88 9.90
C LEU A 77 -5.58 -3.98 10.93
N ASP A 78 -5.54 -5.20 10.44
CA ASP A 78 -5.71 -6.37 11.28
C ASP A 78 -4.44 -6.66 12.05
N HIS A 79 -3.35 -6.61 11.33
CA HIS A 79 -2.04 -6.90 11.86
C HIS A 79 -1.50 -5.81 12.80
N GLN A 80 -1.39 -4.58 12.28
CA GLN A 80 -0.78 -3.41 12.95
C GLN A 80 0.46 -3.71 13.77
N ALA A 81 1.61 -3.51 13.16
CA ALA A 81 2.90 -3.74 13.74
C ALA A 81 3.03 -5.15 14.31
N ALA A 1 -1.19 -0.17 15.03
CA ALA A 1 -2.60 0.17 15.21
C ALA A 1 -2.87 1.48 14.47
N ALA A 2 -3.70 1.47 13.41
CA ALA A 2 -3.89 2.69 12.70
C ALA A 2 -5.25 2.69 12.11
N THR A 3 -5.87 3.83 12.17
CA THR A 3 -7.14 4.03 11.57
C THR A 3 -6.95 3.82 10.08
N GLN A 4 -7.83 3.07 9.46
CA GLN A 4 -7.68 2.67 8.05
C GLN A 4 -7.39 3.82 7.09
N GLU A 5 -7.89 5.00 7.41
CA GLU A 5 -7.62 6.22 6.63
C GLU A 5 -6.12 6.53 6.65
N GLU A 6 -5.53 6.32 7.80
CA GLU A 6 -4.11 6.59 8.04
C GLU A 6 -3.28 5.51 7.34
N ILE A 7 -3.88 4.36 7.19
CA ILE A 7 -3.26 3.26 6.51
C ILE A 7 -3.22 3.60 5.01
N VAL A 8 -4.39 3.84 4.45
CA VAL A 8 -4.54 4.22 3.06
C VAL A 8 -3.69 5.45 2.74
N ALA A 9 -3.78 6.47 3.58
CA ALA A 9 -3.01 7.68 3.39
C ALA A 9 -1.50 7.41 3.53
N GLY A 10 -1.14 6.45 4.40
CA GLY A 10 0.25 6.03 4.56
C GLY A 10 0.73 5.43 3.28
N LEU A 11 -0.10 4.60 2.69
CA LEU A 11 0.18 4.00 1.40
C LEU A 11 0.34 5.09 0.37
N ALA A 12 -0.62 6.00 0.35
CA ALA A 12 -0.68 7.11 -0.58
C ALA A 12 0.59 7.96 -0.58
N GLU A 13 1.10 8.29 0.61
CA GLU A 13 2.31 9.10 0.72
C GLU A 13 3.56 8.35 0.26
N ILE A 14 3.50 7.05 0.27
CA ILE A 14 4.58 6.21 -0.21
C ILE A 14 4.44 6.02 -1.72
N VAL A 15 3.22 5.79 -2.17
CA VAL A 15 2.90 5.59 -3.57
C VAL A 15 3.26 6.84 -4.39
N ASN A 16 2.94 8.01 -3.86
CA ASN A 16 3.22 9.26 -4.56
C ASN A 16 4.74 9.44 -4.71
N GLU A 17 5.46 8.89 -3.76
CA GLU A 17 6.90 8.96 -3.70
C GLU A 17 7.55 7.95 -4.67
N ILE A 18 7.16 6.68 -4.54
CA ILE A 18 7.76 5.60 -5.32
C ILE A 18 7.09 5.40 -6.69
N ALA A 19 5.77 5.24 -6.70
CA ALA A 19 5.03 4.99 -7.94
C ALA A 19 4.90 6.25 -8.76
N GLY A 20 4.71 7.36 -8.07
CA GLY A 20 4.53 8.64 -8.71
C GLY A 20 3.07 8.97 -8.88
N ILE A 21 2.24 8.10 -8.38
CA ILE A 21 0.80 8.24 -8.48
C ILE A 21 0.28 9.07 -7.32
N PRO A 22 -0.55 10.11 -7.63
CA PRO A 22 -1.22 10.96 -6.66
C PRO A 22 -1.65 10.27 -5.38
N VAL A 23 -1.33 10.94 -4.28
CA VAL A 23 -1.74 10.56 -2.92
C VAL A 23 -3.25 10.43 -2.90
N GLU A 24 -3.85 11.26 -3.70
CA GLU A 24 -5.28 11.35 -3.75
C GLU A 24 -5.93 10.37 -4.74
N ASP A 25 -5.13 9.69 -5.54
CA ASP A 25 -5.68 8.69 -6.48
C ASP A 25 -5.74 7.37 -5.76
N VAL A 26 -4.97 7.32 -4.71
CA VAL A 26 -4.86 6.18 -3.83
C VAL A 26 -6.03 6.22 -2.85
N LYS A 27 -7.13 5.75 -3.35
CA LYS A 27 -8.36 5.64 -2.61
C LYS A 27 -8.44 4.29 -1.95
N LEU A 28 -9.48 3.52 -2.21
CA LEU A 28 -9.55 2.22 -1.57
C LEU A 28 -9.96 1.13 -2.57
N ASP A 29 -10.61 1.51 -3.63
CA ASP A 29 -11.07 0.58 -4.66
C ASP A 29 -9.99 0.44 -5.73
N LYS A 30 -8.95 1.20 -5.56
CA LYS A 30 -7.90 1.34 -6.52
C LYS A 30 -6.89 0.22 -6.42
N SER A 31 -6.73 -0.51 -7.47
CA SER A 31 -5.76 -1.51 -7.50
C SER A 31 -4.44 -0.85 -7.90
N PHE A 32 -3.45 -0.95 -7.03
CA PHE A 32 -2.05 -0.48 -7.31
C PHE A 32 -1.61 -0.62 -8.77
N THR A 33 -1.03 -1.71 -9.12
CA THR A 33 -0.62 -1.95 -10.49
C THR A 33 -1.76 -2.46 -11.37
N ASP A 34 -2.82 -1.66 -11.51
CA ASP A 34 -3.97 -2.05 -12.33
C ASP A 34 -4.91 -0.85 -12.53
N ASP A 35 -5.25 -0.19 -11.44
CA ASP A 35 -6.06 1.05 -11.48
C ASP A 35 -5.14 2.26 -11.47
N LEU A 36 -4.25 2.27 -10.50
CA LEU A 36 -3.31 3.38 -10.30
C LEU A 36 -2.25 3.37 -11.40
N ASP A 37 -1.65 2.19 -11.57
CA ASP A 37 -0.55 1.90 -12.49
C ASP A 37 0.74 2.37 -11.90
N VAL A 38 1.42 1.45 -11.28
CA VAL A 38 2.61 1.75 -10.52
C VAL A 38 3.84 1.43 -11.35
N ASP A 39 4.31 0.23 -11.24
CA ASP A 39 5.51 -0.27 -11.90
C ASP A 39 5.73 -1.65 -11.36
N SER A 40 6.79 -2.25 -11.73
CA SER A 40 7.10 -3.60 -11.41
C SER A 40 7.98 -3.59 -10.17
N LEU A 41 8.97 -2.77 -10.24
CA LEU A 41 10.01 -2.69 -9.24
C LEU A 41 9.59 -1.74 -8.15
N SER A 42 8.86 -0.71 -8.54
CA SER A 42 8.37 0.27 -7.62
C SER A 42 7.34 -0.37 -6.71
N MET A 43 6.70 -1.42 -7.20
CA MET A 43 5.72 -2.17 -6.46
C MET A 43 6.35 -2.75 -5.18
N VAL A 44 7.51 -3.35 -5.34
CA VAL A 44 8.18 -3.98 -4.24
C VAL A 44 8.73 -2.93 -3.27
N GLU A 45 9.02 -1.74 -3.80
CA GLU A 45 9.50 -0.67 -2.97
C GLU A 45 8.38 -0.17 -2.10
N VAL A 46 7.17 -0.10 -2.67
CA VAL A 46 5.98 0.27 -1.91
C VAL A 46 5.84 -0.67 -0.73
N VAL A 47 5.91 -1.98 -0.99
CA VAL A 47 5.79 -3.01 0.05
C VAL A 47 6.88 -2.82 1.13
N VAL A 48 8.14 -2.98 0.73
CA VAL A 48 9.28 -2.84 1.65
C VAL A 48 9.25 -1.51 2.43
N ALA A 49 9.09 -0.39 1.74
CA ALA A 49 9.09 0.93 2.41
C ALA A 49 7.85 1.09 3.30
N ALA A 50 6.77 0.39 2.97
CA ALA A 50 5.56 0.45 3.76
C ALA A 50 5.84 -0.14 5.11
N GLU A 51 6.66 -1.15 5.12
CA GLU A 51 7.09 -1.74 6.32
C GLU A 51 7.80 -0.85 7.32
N GLU A 52 8.43 0.19 6.86
CA GLU A 52 9.05 1.12 7.78
C GLU A 52 7.98 2.12 8.28
N ARG A 53 6.91 2.21 7.54
CA ARG A 53 5.82 3.12 7.84
C ARG A 53 4.78 2.44 8.77
N PHE A 54 4.34 1.27 8.35
CA PHE A 54 3.26 0.52 9.00
C PHE A 54 3.75 -0.44 10.07
N ASP A 55 4.89 -1.10 9.80
CA ASP A 55 5.58 -2.01 10.79
C ASP A 55 4.81 -3.32 11.00
N VAL A 56 4.05 -3.73 10.01
CA VAL A 56 3.15 -4.86 10.19
C VAL A 56 3.62 -6.15 9.54
N LYS A 57 4.79 -6.08 8.98
CA LYS A 57 5.46 -7.15 8.24
C LYS A 57 4.65 -7.71 7.11
N ILE A 58 4.76 -7.07 5.98
CA ILE A 58 4.09 -7.45 4.79
C ILE A 58 5.17 -7.86 3.80
N PRO A 59 5.40 -9.14 3.60
CA PRO A 59 6.33 -9.59 2.59
C PRO A 59 5.65 -9.68 1.23
N ASP A 60 6.44 -9.60 0.15
CA ASP A 60 5.94 -9.74 -1.25
C ASP A 60 4.94 -10.88 -1.41
N ASP A 61 5.14 -12.00 -0.72
CA ASP A 61 4.22 -13.15 -0.81
C ASP A 61 2.81 -12.82 -0.32
N ASP A 62 2.72 -12.14 0.80
CA ASP A 62 1.41 -11.75 1.37
C ASP A 62 0.81 -10.65 0.55
N VAL A 63 1.68 -9.86 0.02
CA VAL A 63 1.34 -8.80 -0.89
C VAL A 63 0.66 -9.34 -2.16
N LYS A 64 0.94 -10.58 -2.48
CA LYS A 64 0.35 -11.26 -3.63
C LYS A 64 -1.10 -11.69 -3.36
N ASN A 65 -1.58 -11.40 -2.18
CA ASN A 65 -2.90 -11.76 -1.76
C ASN A 65 -3.64 -10.49 -1.52
N LEU A 66 -3.02 -9.43 -1.96
CA LEU A 66 -3.54 -8.14 -1.92
C LEU A 66 -3.56 -7.71 -3.36
N LYS A 67 -4.36 -6.76 -3.69
CA LYS A 67 -4.41 -6.22 -5.04
C LYS A 67 -4.89 -4.79 -5.12
N THR A 68 -5.62 -4.34 -4.13
CA THR A 68 -5.99 -2.95 -4.09
C THR A 68 -5.32 -2.26 -2.93
N VAL A 69 -5.54 -0.97 -2.87
CA VAL A 69 -5.17 -0.16 -1.74
C VAL A 69 -6.01 -0.53 -0.54
N GLY A 70 -7.21 -1.02 -0.82
CA GLY A 70 -8.09 -1.48 0.20
C GLY A 70 -7.58 -2.76 0.80
N ASP A 71 -7.11 -3.66 -0.06
CA ASP A 71 -6.55 -4.95 0.38
C ASP A 71 -5.36 -4.75 1.25
N ALA A 72 -4.45 -3.87 0.81
CA ALA A 72 -3.26 -3.56 1.59
C ALA A 72 -3.68 -3.12 2.98
N THR A 73 -4.46 -2.06 3.04
CA THR A 73 -5.07 -1.57 4.26
C THR A 73 -5.76 -2.67 5.07
N LYS A 74 -6.58 -3.49 4.44
CA LYS A 74 -7.31 -4.55 5.09
C LYS A 74 -6.36 -5.55 5.77
N TYR A 75 -5.23 -5.80 5.15
CA TYR A 75 -4.23 -6.70 5.68
C TYR A 75 -3.52 -6.00 6.81
N ILE A 76 -3.17 -4.77 6.58
CA ILE A 76 -2.48 -3.96 7.54
C ILE A 76 -3.32 -3.75 8.78
N LEU A 77 -4.60 -3.41 8.60
CA LEU A 77 -5.53 -3.20 9.72
C LEU A 77 -5.70 -4.49 10.52
N ASP A 78 -5.55 -5.59 9.86
CA ASP A 78 -5.73 -6.89 10.49
C ASP A 78 -4.48 -7.26 11.27
N HIS A 79 -3.36 -7.01 10.64
CA HIS A 79 -2.08 -7.29 11.21
C HIS A 79 -1.74 -6.31 12.35
N GLN A 80 -1.86 -5.01 12.06
CA GLN A 80 -1.61 -3.87 12.98
C GLN A 80 -0.57 -4.03 14.07
N ALA A 81 0.51 -3.29 13.92
CA ALA A 81 1.51 -3.28 14.91
C ALA A 81 1.45 -1.93 15.59
N ALA A 1 -5.97 -1.78 16.03
CA ALA A 1 -6.28 -1.38 14.69
C ALA A 1 -5.97 0.10 14.52
N ALA A 2 -5.96 0.58 13.30
CA ALA A 2 -5.71 1.97 13.00
C ALA A 2 -6.85 2.43 12.14
N THR A 3 -7.01 3.69 11.94
CA THR A 3 -8.09 4.15 11.11
C THR A 3 -7.71 3.86 9.66
N GLN A 4 -8.62 3.20 8.92
CA GLN A 4 -8.35 2.76 7.53
C GLN A 4 -7.82 3.90 6.66
N GLU A 5 -8.28 5.09 6.94
CA GLU A 5 -7.93 6.27 6.18
C GLU A 5 -6.48 6.63 6.42
N GLU A 6 -6.03 6.44 7.65
CA GLU A 6 -4.66 6.75 8.03
C GLU A 6 -3.73 5.74 7.41
N ILE A 7 -4.22 4.54 7.28
CA ILE A 7 -3.51 3.45 6.67
C ILE A 7 -3.34 3.79 5.18
N VAL A 8 -4.45 4.03 4.52
CA VAL A 8 -4.44 4.42 3.12
C VAL A 8 -3.58 5.67 2.87
N ALA A 9 -3.63 6.63 3.80
CA ALA A 9 -2.82 7.85 3.72
C ALA A 9 -1.33 7.52 3.76
N GLY A 10 -0.98 6.52 4.56
CA GLY A 10 0.38 6.07 4.65
C GLY A 10 0.80 5.43 3.37
N LEU A 11 -0.07 4.61 2.83
CA LEU A 11 0.14 3.94 1.56
C LEU A 11 0.34 4.98 0.49
N ALA A 12 -0.59 5.92 0.44
CA ALA A 12 -0.62 6.99 -0.52
C ALA A 12 0.66 7.78 -0.58
N GLU A 13 1.23 8.09 0.59
CA GLU A 13 2.48 8.85 0.61
C GLU A 13 3.65 8.04 0.05
N ILE A 14 3.72 6.79 0.43
CA ILE A 14 4.73 5.85 -0.07
C ILE A 14 4.58 5.71 -1.58
N VAL A 15 3.36 5.47 -2.01
CA VAL A 15 3.04 5.31 -3.41
C VAL A 15 3.41 6.58 -4.17
N ASN A 16 3.06 7.72 -3.66
CA ASN A 16 3.37 8.97 -4.35
C ASN A 16 4.88 9.21 -4.42
N GLU A 17 5.57 8.74 -3.43
CA GLU A 17 7.02 8.88 -3.36
C GLU A 17 7.71 7.95 -4.39
N ILE A 18 7.36 6.67 -4.37
CA ILE A 18 8.02 5.66 -5.21
C ILE A 18 7.35 5.55 -6.59
N ALA A 19 6.06 5.31 -6.58
CA ALA A 19 5.29 5.09 -7.77
C ALA A 19 5.04 6.43 -8.46
N GLY A 20 4.75 7.44 -7.67
CA GLY A 20 4.47 8.75 -8.19
C GLY A 20 3.01 8.93 -8.47
N ILE A 21 2.20 8.13 -7.83
CA ILE A 21 0.77 8.19 -8.05
C ILE A 21 0.13 9.07 -6.97
N PRO A 22 -0.73 10.03 -7.38
CA PRO A 22 -1.52 10.90 -6.51
C PRO A 22 -1.93 10.27 -5.20
N VAL A 23 -1.59 10.98 -4.14
CA VAL A 23 -1.89 10.60 -2.77
C VAL A 23 -3.39 10.50 -2.61
N GLU A 24 -4.10 11.33 -3.34
CA GLU A 24 -5.52 11.34 -3.23
C GLU A 24 -6.21 10.36 -4.18
N ASP A 25 -5.50 9.87 -5.17
CA ASP A 25 -6.12 8.95 -6.14
C ASP A 25 -6.03 7.55 -5.59
N VAL A 26 -5.12 7.39 -4.64
CA VAL A 26 -4.95 6.20 -3.86
C VAL A 26 -6.13 6.12 -2.87
N LYS A 27 -7.19 5.53 -3.36
CA LYS A 27 -8.42 5.33 -2.61
C LYS A 27 -8.42 3.93 -2.02
N LEU A 28 -9.42 3.12 -2.32
CA LEU A 28 -9.42 1.74 -1.83
C LEU A 28 -9.64 0.69 -2.92
N ASP A 29 -10.39 1.06 -3.93
CA ASP A 29 -10.76 0.14 -5.04
C ASP A 29 -9.62 0.10 -6.05
N LYS A 30 -8.68 0.96 -5.82
CA LYS A 30 -7.58 1.15 -6.70
C LYS A 30 -6.54 0.07 -6.59
N SER A 31 -6.50 -0.80 -7.55
CA SER A 31 -5.46 -1.72 -7.64
C SER A 31 -4.23 -0.98 -8.07
N PHE A 32 -3.23 -0.94 -7.22
CA PHE A 32 -1.91 -0.33 -7.49
C PHE A 32 -1.44 -0.47 -8.94
N THR A 33 -0.83 -1.58 -9.26
CA THR A 33 -0.33 -1.83 -10.59
C THR A 33 -1.40 -2.38 -11.56
N ASP A 34 -2.56 -1.77 -11.55
CA ASP A 34 -3.65 -2.15 -12.42
C ASP A 34 -4.57 -0.98 -12.68
N ASP A 35 -5.20 -0.50 -11.62
CA ASP A 35 -6.20 0.57 -11.74
C ASP A 35 -5.51 1.91 -11.65
N LEU A 36 -4.58 2.02 -10.70
CA LEU A 36 -3.74 3.22 -10.61
C LEU A 36 -2.79 3.17 -11.78
N ASP A 37 -2.08 2.02 -11.85
CA ASP A 37 -1.20 1.66 -12.96
C ASP A 37 0.07 2.47 -12.95
N VAL A 38 1.05 1.97 -12.19
CA VAL A 38 2.33 2.61 -12.15
C VAL A 38 3.46 1.76 -12.80
N ASP A 39 4.14 0.92 -12.02
CA ASP A 39 5.30 0.20 -12.51
C ASP A 39 5.54 -1.01 -11.62
N SER A 40 6.44 -1.81 -12.04
CA SER A 40 6.74 -3.08 -11.46
C SER A 40 7.68 -2.95 -10.29
N LEU A 41 8.81 -2.30 -10.52
CA LEU A 41 9.84 -2.24 -9.51
C LEU A 41 9.43 -1.30 -8.42
N SER A 42 8.61 -0.33 -8.80
CA SER A 42 8.11 0.64 -7.89
C SER A 42 7.16 -0.03 -6.92
N MET A 43 6.53 -1.08 -7.39
CA MET A 43 5.56 -1.79 -6.61
C MET A 43 6.23 -2.54 -5.48
N VAL A 44 7.36 -3.14 -5.78
CA VAL A 44 8.13 -3.90 -4.82
C VAL A 44 8.70 -2.94 -3.79
N GLU A 45 9.10 -1.75 -4.23
CA GLU A 45 9.61 -0.75 -3.34
C GLU A 45 8.52 -0.30 -2.37
N VAL A 46 7.27 -0.22 -2.87
CA VAL A 46 6.11 0.13 -2.04
C VAL A 46 5.95 -0.91 -0.94
N VAL A 47 6.00 -2.18 -1.33
CA VAL A 47 5.95 -3.31 -0.38
C VAL A 47 6.97 -3.09 0.73
N VAL A 48 8.24 -3.06 0.34
CA VAL A 48 9.37 -2.82 1.27
C VAL A 48 9.11 -1.59 2.17
N ALA A 49 8.80 -0.46 1.57
CA ALA A 49 8.57 0.79 2.31
C ALA A 49 7.37 0.71 3.24
N ALA A 50 6.33 0.00 2.83
CA ALA A 50 5.12 -0.15 3.65
C ALA A 50 5.44 -0.86 4.95
N GLU A 51 6.30 -1.86 4.87
CA GLU A 51 6.73 -2.62 6.02
C GLU A 51 7.44 -1.72 7.03
N GLU A 52 8.17 -0.78 6.49
CA GLU A 52 8.96 0.18 7.25
C GLU A 52 8.05 1.28 7.83
N ARG A 53 7.08 1.70 7.06
CA ARG A 53 6.23 2.83 7.40
C ARG A 53 5.13 2.45 8.37
N PHE A 54 4.57 1.28 8.21
CA PHE A 54 3.44 0.85 9.02
C PHE A 54 3.85 -0.05 10.16
N ASP A 55 5.14 -0.44 10.17
CA ASP A 55 5.73 -1.36 11.18
C ASP A 55 5.17 -2.77 11.07
N VAL A 56 4.54 -3.06 9.97
CA VAL A 56 3.98 -4.36 9.72
C VAL A 56 4.64 -4.97 8.50
N LYS A 57 5.25 -6.08 8.72
CA LYS A 57 5.93 -6.80 7.68
C LYS A 57 4.95 -7.46 6.75
N ILE A 58 4.69 -6.81 5.65
CA ILE A 58 3.86 -7.37 4.62
C ILE A 58 4.82 -7.93 3.59
N PRO A 59 5.09 -9.23 3.63
CA PRO A 59 6.09 -9.82 2.76
C PRO A 59 5.70 -9.79 1.30
N ASP A 60 6.70 -9.53 0.46
CA ASP A 60 6.63 -9.51 -1.00
C ASP A 60 5.78 -10.66 -1.58
N ASP A 61 5.82 -11.80 -0.94
CA ASP A 61 5.07 -12.95 -1.40
C ASP A 61 3.57 -12.81 -1.05
N ASP A 62 3.26 -12.35 0.16
CA ASP A 62 1.88 -12.30 0.63
C ASP A 62 1.24 -11.00 0.21
N VAL A 63 2.05 -10.01 -0.05
CA VAL A 63 1.61 -8.70 -0.46
C VAL A 63 0.89 -8.79 -1.82
N LYS A 64 1.21 -9.85 -2.57
CA LYS A 64 0.64 -10.07 -3.87
C LYS A 64 -0.83 -10.50 -3.78
N ASN A 65 -1.30 -10.71 -2.56
CA ASN A 65 -2.69 -11.04 -2.33
C ASN A 65 -3.49 -9.77 -2.17
N LEU A 66 -2.80 -8.68 -1.80
CA LEU A 66 -3.47 -7.42 -1.50
C LEU A 66 -4.05 -6.82 -2.75
N LYS A 67 -3.17 -6.39 -3.68
CA LYS A 67 -3.54 -5.83 -4.99
C LYS A 67 -4.07 -4.42 -4.92
N THR A 68 -4.92 -4.19 -4.00
CA THR A 68 -5.54 -2.95 -3.91
C THR A 68 -5.11 -2.21 -2.70
N VAL A 69 -5.26 -0.92 -2.79
CA VAL A 69 -5.01 -0.02 -1.71
C VAL A 69 -5.93 -0.30 -0.50
N GLY A 70 -7.11 -0.82 -0.78
CA GLY A 70 -8.02 -1.17 0.27
C GLY A 70 -7.64 -2.46 0.94
N ASP A 71 -7.18 -3.42 0.17
CA ASP A 71 -6.83 -4.73 0.74
C ASP A 71 -5.50 -4.63 1.45
N ALA A 72 -4.64 -3.73 0.96
CA ALA A 72 -3.38 -3.41 1.63
C ALA A 72 -3.70 -2.97 3.05
N THR A 73 -4.53 -1.95 3.14
CA THR A 73 -5.12 -1.51 4.37
C THR A 73 -5.72 -2.68 5.15
N LYS A 74 -6.60 -3.47 4.54
CA LYS A 74 -7.21 -4.66 5.18
C LYS A 74 -6.16 -5.57 5.86
N TYR A 75 -4.98 -5.67 5.27
CA TYR A 75 -3.91 -6.48 5.84
C TYR A 75 -3.38 -5.75 7.05
N ILE A 76 -2.97 -4.52 6.83
CA ILE A 76 -2.38 -3.67 7.84
C ILE A 76 -3.34 -3.44 9.00
N LEU A 77 -4.57 -3.06 8.67
CA LEU A 77 -5.67 -2.81 9.63
C LEU A 77 -5.79 -3.95 10.62
N ASP A 78 -5.57 -5.13 10.13
CA ASP A 78 -5.65 -6.34 10.94
C ASP A 78 -4.32 -6.64 11.62
N HIS A 79 -3.29 -6.68 10.81
CA HIS A 79 -1.94 -7.10 11.18
C HIS A 79 -1.12 -6.01 11.91
N GLN A 80 -1.77 -4.89 12.23
CA GLN A 80 -1.18 -3.72 12.94
C GLN A 80 -0.07 -4.04 13.93
N ALA A 81 1.14 -3.60 13.56
CA ALA A 81 2.37 -3.63 14.35
C ALA A 81 2.55 -4.88 15.19
#